data_2MD9
#
_entry.id   2MD9
#
_entity_poly.entity_id   1
_entity_poly.type   'polypeptide(L)'
_entity_poly.pdbx_seq_one_letter_code
;PVTEAQYVAPTNAVESKLAEIWERVLGVSGIGILDNFFQIGGHALKAMAVAAQVHREYQVELPLKVLFAQPTIKALAQYV
ATRSHHHHHH
;
_entity_poly.pdbx_strand_id   A
#
# COMPACT_ATOMS: atom_id res chain seq x y z
N PRO A 1 7.97 14.81 -6.90
CA PRO A 1 7.65 16.21 -6.54
C PRO A 1 6.14 16.43 -6.59
N VAL A 2 5.40 15.74 -5.72
CA VAL A 2 3.95 15.85 -5.62
C VAL A 2 3.39 15.40 -4.26
N THR A 3 4.22 14.76 -3.44
CA THR A 3 3.87 14.25 -2.13
C THR A 3 4.18 15.37 -1.13
N GLU A 4 3.37 16.41 -1.11
CA GLU A 4 3.55 17.58 -0.23
C GLU A 4 2.39 17.81 0.74
N ALA A 5 1.38 16.95 0.73
CA ALA A 5 0.23 17.10 1.62
C ALA A 5 0.57 16.63 3.04
N GLN A 6 -0.18 17.14 4.01
CA GLN A 6 -0.04 16.78 5.42
C GLN A 6 -0.63 15.39 5.63
N TYR A 7 -0.47 14.81 6.82
CA TYR A 7 -1.01 13.48 7.12
C TYR A 7 -2.53 13.49 6.95
N VAL A 8 -3.07 12.48 6.27
CA VAL A 8 -4.50 12.33 6.06
C VAL A 8 -4.74 10.84 6.23
N ALA A 9 -5.55 10.49 7.24
CA ALA A 9 -5.90 9.11 7.54
C ALA A 9 -6.70 8.53 6.37
N PRO A 10 -6.66 7.21 6.15
CA PRO A 10 -7.40 6.55 5.07
C PRO A 10 -8.89 6.71 5.29
N THR A 11 -9.67 6.87 4.21
CA THR A 11 -11.11 7.06 4.30
C THR A 11 -11.91 6.04 3.49
N ASN A 12 -11.26 5.27 2.62
CA ASN A 12 -11.96 4.24 1.86
C ASN A 12 -11.43 2.96 2.51
N ALA A 13 -12.31 2.02 2.84
CA ALA A 13 -11.98 0.77 3.53
C ALA A 13 -10.73 0.08 3.00
N VAL A 14 -10.48 0.07 1.69
CA VAL A 14 -9.30 -0.60 1.13
C VAL A 14 -8.04 0.04 1.71
N GLU A 15 -7.99 1.37 1.64
CA GLU A 15 -6.90 2.23 2.08
C GLU A 15 -6.68 1.99 3.58
N SER A 16 -7.79 1.86 4.30
CA SER A 16 -7.77 1.65 5.73
C SER A 16 -7.13 0.31 6.09
N LYS A 17 -7.32 -0.73 5.26
CA LYS A 17 -6.76 -2.04 5.56
C LYS A 17 -5.29 -2.09 5.27
N LEU A 18 -4.87 -1.39 4.22
CA LEU A 18 -3.47 -1.36 3.83
C LEU A 18 -2.69 -0.54 4.84
N ALA A 19 -3.28 0.54 5.34
CA ALA A 19 -2.63 1.38 6.34
C ALA A 19 -2.35 0.54 7.58
N GLU A 20 -3.26 -0.36 7.93
CA GLU A 20 -3.07 -1.20 9.12
C GLU A 20 -1.88 -2.13 8.88
N ILE A 21 -1.86 -2.77 7.71
CA ILE A 21 -0.81 -3.69 7.33
C ILE A 21 0.55 -2.99 7.39
N TRP A 22 0.63 -1.72 6.98
CA TRP A 22 1.88 -0.97 7.01
C TRP A 22 2.33 -0.79 8.46
N GLU A 23 1.43 -0.47 9.39
CA GLU A 23 1.74 -0.28 10.79
C GLU A 23 2.38 -1.57 11.34
N ARG A 24 1.86 -2.74 10.96
CA ARG A 24 2.38 -4.04 11.41
C ARG A 24 3.75 -4.40 10.83
N VAL A 25 4.14 -3.80 9.71
CA VAL A 25 5.44 -4.07 9.07
C VAL A 25 6.48 -3.04 9.51
N LEU A 26 6.10 -1.77 9.59
CA LEU A 26 6.98 -0.66 9.97
C LEU A 26 7.11 -0.51 11.48
N GLY A 27 6.15 -1.00 12.26
CA GLY A 27 6.16 -0.90 13.71
C GLY A 27 5.94 0.52 14.19
N VAL A 28 5.12 1.29 13.47
CA VAL A 28 4.77 2.67 13.80
C VAL A 28 3.26 2.83 13.60
N SER A 29 2.68 3.97 13.96
CA SER A 29 1.28 4.25 13.84
C SER A 29 1.10 5.60 13.15
N GLY A 30 0.01 5.74 12.40
CA GLY A 30 -0.34 6.96 11.68
C GLY A 30 0.08 6.95 10.22
N ILE A 31 -0.33 5.91 9.48
CA ILE A 31 -0.02 5.79 8.07
C ILE A 31 -1.16 6.44 7.30
N GLY A 32 -0.86 7.46 6.49
CA GLY A 32 -1.82 8.18 5.69
C GLY A 32 -1.82 7.74 4.24
N ILE A 33 -2.75 8.30 3.46
CA ILE A 33 -2.92 7.99 2.05
C ILE A 33 -1.76 8.52 1.19
N LEU A 34 -1.08 9.55 1.70
CA LEU A 34 0.05 10.25 1.11
C LEU A 34 1.37 9.95 1.79
N ASP A 35 1.39 9.11 2.83
CA ASP A 35 2.61 8.79 3.53
C ASP A 35 3.48 7.97 2.58
N ASN A 36 4.64 8.53 2.23
CA ASN A 36 5.57 7.89 1.32
C ASN A 36 6.28 6.82 2.15
N PHE A 37 6.04 5.54 1.90
CA PHE A 37 6.61 4.38 2.59
C PHE A 37 8.10 4.53 2.95
N PHE A 38 8.91 4.99 2.00
CA PHE A 38 10.35 5.19 2.20
C PHE A 38 10.63 6.33 3.18
N GLN A 39 9.80 7.38 3.22
CA GLN A 39 9.98 8.51 4.12
C GLN A 39 9.68 8.07 5.55
N ILE A 40 8.76 7.12 5.74
CA ILE A 40 8.38 6.64 7.07
C ILE A 40 9.53 5.82 7.67
N GLY A 41 10.46 5.32 6.85
CA GLY A 41 11.61 4.53 7.27
C GLY A 41 11.69 3.18 6.56
N GLY A 42 10.64 2.81 5.82
CA GLY A 42 10.59 1.55 5.09
C GLY A 42 11.67 1.55 4.00
N HIS A 43 12.01 0.36 3.51
CA HIS A 43 13.01 0.16 2.47
C HIS A 43 12.61 -1.05 1.65
N ALA A 44 13.38 -1.40 0.60
CA ALA A 44 13.11 -2.52 -0.28
C ALA A 44 12.75 -3.80 0.47
N LEU A 45 13.56 -4.25 1.45
CA LEU A 45 13.25 -5.49 2.20
C LEU A 45 11.85 -5.40 2.81
N LYS A 46 11.53 -4.28 3.48
CA LYS A 46 10.23 -4.12 4.09
C LYS A 46 9.13 -4.14 3.02
N ALA A 47 9.33 -3.47 1.88
CA ALA A 47 8.37 -3.38 0.79
C ALA A 47 8.00 -4.76 0.27
N MET A 48 9.00 -5.64 0.16
CA MET A 48 8.77 -7.00 -0.31
C MET A 48 7.98 -7.77 0.74
N ALA A 49 8.25 -7.52 2.03
CA ALA A 49 7.54 -8.16 3.12
C ALA A 49 6.08 -7.71 3.12
N VAL A 50 5.77 -6.47 2.67
CA VAL A 50 4.40 -5.99 2.64
C VAL A 50 3.62 -6.85 1.64
N ALA A 51 4.16 -6.96 0.41
CA ALA A 51 3.58 -7.72 -0.68
C ALA A 51 3.37 -9.19 -0.30
N ALA A 52 4.15 -9.75 0.62
CA ALA A 52 4.00 -11.14 1.03
C ALA A 52 2.67 -11.41 1.73
N GLN A 53 2.31 -10.58 2.72
CA GLN A 53 1.07 -10.76 3.48
C GLN A 53 -0.13 -10.26 2.69
N VAL A 54 0.08 -9.23 1.89
CA VAL A 54 -0.95 -8.64 1.08
C VAL A 54 -1.30 -9.59 -0.05
N HIS A 55 -0.32 -10.26 -0.67
CA HIS A 55 -0.66 -11.16 -1.77
C HIS A 55 -1.57 -12.24 -1.25
N ARG A 56 -1.34 -12.71 -0.02
CA ARG A 56 -2.18 -13.78 0.53
C ARG A 56 -3.54 -13.25 0.99
N GLU A 57 -3.59 -12.01 1.46
CA GLU A 57 -4.80 -11.40 1.99
C GLU A 57 -5.72 -10.90 0.88
N TYR A 58 -5.16 -10.17 -0.08
CA TYR A 58 -5.93 -9.61 -1.19
C TYR A 58 -5.90 -10.53 -2.42
N GLN A 59 -5.23 -11.69 -2.34
CA GLN A 59 -5.10 -12.66 -3.44
C GLN A 59 -4.51 -11.96 -4.68
N VAL A 60 -3.55 -11.02 -4.51
CA VAL A 60 -3.00 -10.27 -5.64
C VAL A 60 -1.49 -10.04 -5.55
N GLU A 61 -0.82 -10.22 -6.67
CA GLU A 61 0.61 -10.03 -6.83
C GLU A 61 0.95 -8.54 -6.81
N LEU A 62 1.98 -8.14 -6.04
CA LEU A 62 2.42 -6.74 -5.92
C LEU A 62 3.93 -6.68 -6.12
N PRO A 63 4.39 -6.58 -7.37
CA PRO A 63 5.82 -6.49 -7.65
C PRO A 63 6.38 -5.17 -7.12
N LEU A 64 7.68 -5.18 -6.82
CA LEU A 64 8.39 -4.02 -6.29
C LEU A 64 8.25 -2.84 -7.25
N LYS A 65 8.13 -3.10 -8.55
CA LYS A 65 7.96 -2.08 -9.58
C LYS A 65 6.82 -1.12 -9.26
N VAL A 66 5.77 -1.57 -8.58
CA VAL A 66 4.63 -0.76 -8.18
C VAL A 66 4.92 -0.12 -6.83
N LEU A 67 5.43 -0.92 -5.88
CA LEU A 67 5.72 -0.47 -4.52
C LEU A 67 6.69 0.70 -4.52
N PHE A 68 7.78 0.60 -5.28
CA PHE A 68 8.79 1.64 -5.38
C PHE A 68 8.32 2.80 -6.24
N ALA A 69 7.56 2.51 -7.31
CA ALA A 69 7.12 3.59 -8.17
C ALA A 69 6.04 4.44 -7.52
N GLN A 70 5.20 3.80 -6.72
CA GLN A 70 4.10 4.43 -6.01
C GLN A 70 4.07 3.91 -4.56
N PRO A 71 5.02 4.36 -3.72
CA PRO A 71 5.13 3.96 -2.32
C PRO A 71 4.08 4.68 -1.47
N THR A 72 2.80 4.59 -1.81
CA THR A 72 1.74 5.25 -1.07
C THR A 72 0.52 4.36 -0.95
N ILE A 73 -0.19 4.49 0.16
CA ILE A 73 -1.40 3.75 0.48
C ILE A 73 -2.42 3.99 -0.61
N LYS A 74 -2.58 5.25 -1.04
CA LYS A 74 -3.54 5.56 -2.11
C LYS A 74 -3.25 4.73 -3.36
N ALA A 75 -1.98 4.69 -3.78
CA ALA A 75 -1.56 3.96 -4.97
C ALA A 75 -1.86 2.47 -4.89
N LEU A 76 -1.42 1.84 -3.81
CA LEU A 76 -1.59 0.42 -3.55
C LEU A 76 -3.07 0.14 -3.47
N ALA A 77 -3.87 0.98 -2.82
CA ALA A 77 -5.30 0.78 -2.71
C ALA A 77 -5.95 0.70 -4.08
N GLN A 78 -5.59 1.60 -4.99
CA GLN A 78 -6.16 1.64 -6.34
C GLN A 78 -5.60 0.51 -7.20
N TYR A 79 -4.30 0.25 -7.09
CA TYR A 79 -3.63 -0.81 -7.84
C TYR A 79 -4.24 -2.13 -7.42
N VAL A 80 -4.45 -2.29 -6.12
CA VAL A 80 -5.02 -3.55 -5.62
C VAL A 80 -6.49 -3.63 -6.02
N ALA A 81 -7.25 -2.55 -5.81
CA ALA A 81 -8.67 -2.53 -6.11
C ALA A 81 -8.98 -2.94 -7.55
N THR A 82 -8.27 -2.34 -8.52
CA THR A 82 -8.51 -2.61 -9.92
C THR A 82 -8.17 -4.06 -10.27
N ARG A 83 -7.30 -4.70 -9.49
CA ARG A 83 -6.94 -6.09 -9.74
C ARG A 83 -7.91 -7.02 -9.05
N SER A 84 -8.37 -6.64 -7.86
CA SER A 84 -9.32 -7.46 -7.11
C SER A 84 -10.69 -7.52 -7.78
N HIS A 85 -11.00 -6.56 -8.67
CA HIS A 85 -12.27 -6.51 -9.38
C HIS A 85 -12.47 -7.76 -10.23
N HIS A 86 -13.72 -7.99 -10.63
CA HIS A 86 -14.15 -9.14 -11.41
C HIS A 86 -13.71 -9.04 -12.88
N HIS A 87 -12.58 -9.65 -13.20
CA HIS A 87 -12.05 -9.71 -14.55
C HIS A 87 -12.88 -10.76 -15.29
N HIS A 88 -12.69 -10.88 -16.60
CA HIS A 88 -13.40 -11.84 -17.44
C HIS A 88 -12.38 -12.43 -18.41
N HIS A 89 -11.42 -13.19 -17.85
CA HIS A 89 -10.35 -13.85 -18.59
C HIS A 89 -10.93 -14.77 -19.67
N HIS A 90 -12.08 -15.38 -19.37
CA HIS A 90 -12.86 -16.27 -20.23
C HIS A 90 -11.92 -17.24 -20.97
N PRO A 1 -5.66 16.98 -5.74
CA PRO A 1 -4.41 16.20 -5.72
C PRO A 1 -3.22 17.13 -5.84
N VAL A 2 -2.44 17.28 -4.77
CA VAL A 2 -1.28 18.15 -4.77
C VAL A 2 -0.13 17.45 -4.03
N THR A 3 1.10 17.77 -4.43
CA THR A 3 2.34 17.27 -3.87
C THR A 3 2.67 18.07 -2.60
N GLU A 4 3.75 17.69 -1.90
CA GLU A 4 4.21 18.34 -0.66
C GLU A 4 3.15 18.19 0.45
N ALA A 5 2.19 17.30 0.24
CA ALA A 5 1.10 17.01 1.16
C ALA A 5 1.66 16.44 2.47
N GLN A 6 0.91 16.64 3.54
CA GLN A 6 1.24 16.17 4.88
C GLN A 6 0.32 14.99 5.19
N TYR A 7 0.52 14.33 6.32
CA TYR A 7 -0.28 13.19 6.75
C TYR A 7 -1.79 13.43 6.63
N VAL A 8 -2.48 12.48 6.00
CA VAL A 8 -3.93 12.48 5.84
C VAL A 8 -4.32 11.01 5.97
N ALA A 9 -5.13 10.69 6.99
CA ALA A 9 -5.60 9.34 7.22
C ALA A 9 -6.50 8.91 6.04
N PRO A 10 -6.67 7.61 5.79
CA PRO A 10 -7.51 7.13 4.71
C PRO A 10 -8.99 7.47 4.91
N THR A 11 -9.76 7.35 3.83
CA THR A 11 -11.20 7.61 3.79
C THR A 11 -11.98 6.52 3.06
N ASN A 12 -11.27 5.63 2.35
CA ASN A 12 -11.93 4.54 1.65
C ASN A 12 -11.59 3.29 2.43
N ALA A 13 -12.54 2.37 2.49
CA ALA A 13 -12.42 1.11 3.19
C ALA A 13 -11.14 0.36 2.83
N VAL A 14 -10.73 0.41 1.57
CA VAL A 14 -9.56 -0.26 1.05
C VAL A 14 -8.30 0.39 1.61
N GLU A 15 -8.14 1.70 1.43
CA GLU A 15 -6.99 2.47 1.89
C GLU A 15 -6.76 2.20 3.38
N SER A 16 -7.85 2.06 4.14
CA SER A 16 -7.81 1.78 5.57
C SER A 16 -7.11 0.45 5.85
N LYS A 17 -7.44 -0.63 5.14
CA LYS A 17 -6.84 -1.94 5.35
C LYS A 17 -5.33 -1.89 5.14
N LEU A 18 -4.88 -1.32 4.02
CA LEU A 18 -3.47 -1.23 3.70
C LEU A 18 -2.72 -0.37 4.71
N ALA A 19 -3.28 0.77 5.13
CA ALA A 19 -2.64 1.64 6.10
C ALA A 19 -2.36 0.87 7.40
N GLU A 20 -3.25 -0.05 7.76
CA GLU A 20 -3.10 -0.86 8.96
C GLU A 20 -1.97 -1.86 8.76
N ILE A 21 -1.94 -2.56 7.62
CA ILE A 21 -0.90 -3.55 7.34
C ILE A 21 0.48 -2.89 7.36
N TRP A 22 0.60 -1.63 6.92
CA TRP A 22 1.85 -0.90 6.92
C TRP A 22 2.35 -0.76 8.36
N GLU A 23 1.44 -0.44 9.29
CA GLU A 23 1.77 -0.29 10.70
C GLU A 23 2.19 -1.64 11.27
N ARG A 24 1.62 -2.75 10.78
CA ARG A 24 1.96 -4.11 11.26
C ARG A 24 3.34 -4.54 10.82
N VAL A 25 3.86 -3.99 9.71
CA VAL A 25 5.19 -4.35 9.23
C VAL A 25 6.23 -3.38 9.80
N LEU A 26 6.02 -2.09 9.59
CA LEU A 26 6.93 -1.03 10.03
C LEU A 26 6.87 -0.77 11.53
N GLY A 27 5.81 -1.21 12.21
CA GLY A 27 5.62 -1.02 13.64
C GLY A 27 5.38 0.45 13.98
N VAL A 28 4.95 1.27 13.02
CA VAL A 28 4.71 2.69 13.20
C VAL A 28 3.23 2.94 13.50
N SER A 29 2.86 4.18 13.80
CA SER A 29 1.49 4.55 14.11
C SER A 29 1.28 5.95 13.52
N GLY A 30 0.49 6.03 12.46
CA GLY A 30 0.15 7.27 11.77
C GLY A 30 0.33 7.18 10.25
N ILE A 31 -0.03 6.06 9.61
CA ILE A 31 0.12 5.89 8.17
C ILE A 31 -1.00 6.64 7.43
N GLY A 32 -0.62 7.53 6.51
CA GLY A 32 -1.51 8.34 5.68
C GLY A 32 -1.54 7.81 4.25
N ILE A 33 -2.46 8.30 3.41
CA ILE A 33 -2.58 7.82 2.02
C ILE A 33 -1.41 8.25 1.14
N LEU A 34 -0.79 9.36 1.53
CA LEU A 34 0.33 9.98 0.85
C LEU A 34 1.66 9.66 1.51
N ASP A 35 1.67 8.85 2.56
CA ASP A 35 2.89 8.53 3.27
C ASP A 35 3.78 7.65 2.41
N ASN A 36 5.03 8.07 2.24
CA ASN A 36 6.03 7.39 1.43
C ASN A 36 6.61 6.19 2.17
N PHE A 37 6.39 4.97 1.69
CA PHE A 37 6.88 3.72 2.30
C PHE A 37 8.34 3.80 2.76
N PHE A 38 9.24 4.26 1.87
CA PHE A 38 10.65 4.34 2.20
C PHE A 38 10.96 5.52 3.12
N GLN A 39 10.19 6.61 3.08
CA GLN A 39 10.43 7.77 3.95
C GLN A 39 10.10 7.41 5.40
N ILE A 40 9.14 6.50 5.60
CA ILE A 40 8.73 6.05 6.92
C ILE A 40 9.85 5.18 7.53
N GLY A 41 10.83 4.75 6.73
CA GLY A 41 11.95 3.94 7.16
C GLY A 41 11.87 2.51 6.63
N GLY A 42 10.82 2.17 5.88
CA GLY A 42 10.67 0.84 5.31
C GLY A 42 11.79 0.67 4.29
N HIS A 43 12.49 -0.46 4.32
CA HIS A 43 13.58 -0.71 3.38
C HIS A 43 13.12 -1.80 2.41
N ALA A 44 13.93 -2.11 1.40
CA ALA A 44 13.63 -3.12 0.39
C ALA A 44 13.08 -4.41 1.00
N LEU A 45 13.77 -4.94 2.02
CA LEU A 45 13.34 -6.17 2.69
C LEU A 45 11.92 -6.01 3.25
N LYS A 46 11.62 -4.89 3.94
CA LYS A 46 10.32 -4.63 4.50
C LYS A 46 9.27 -4.47 3.41
N ALA A 47 9.63 -3.89 2.25
CA ALA A 47 8.70 -3.70 1.13
C ALA A 47 8.14 -5.05 0.70
N MET A 48 9.02 -6.04 0.65
CA MET A 48 8.66 -7.39 0.28
C MET A 48 7.79 -8.03 1.36
N ALA A 49 8.08 -7.75 2.63
CA ALA A 49 7.31 -8.28 3.74
C ALA A 49 5.86 -7.81 3.67
N VAL A 50 5.57 -6.57 3.24
CA VAL A 50 4.20 -6.10 3.14
C VAL A 50 3.52 -6.89 2.02
N ALA A 51 4.16 -6.96 0.85
CA ALA A 51 3.65 -7.68 -0.31
C ALA A 51 3.40 -9.16 0.01
N ALA A 52 4.16 -9.74 0.95
CA ALA A 52 4.02 -11.13 1.35
C ALA A 52 2.67 -11.35 2.04
N GLN A 53 2.26 -10.45 2.95
CA GLN A 53 0.99 -10.60 3.66
C GLN A 53 -0.17 -10.17 2.76
N VAL A 54 0.01 -9.13 1.96
CA VAL A 54 -0.98 -8.60 1.07
C VAL A 54 -1.33 -9.66 0.04
N HIS A 55 -0.33 -10.28 -0.56
CA HIS A 55 -0.61 -11.27 -1.58
C HIS A 55 -1.45 -12.40 -1.00
N ARG A 56 -1.16 -12.83 0.21
CA ARG A 56 -1.90 -13.93 0.82
C ARG A 56 -3.30 -13.56 1.33
N GLU A 57 -3.46 -12.31 1.79
CA GLU A 57 -4.71 -11.80 2.35
C GLU A 57 -5.67 -11.40 1.24
N TYR A 58 -5.15 -10.63 0.28
CA TYR A 58 -5.95 -10.15 -0.84
C TYR A 58 -5.87 -11.13 -2.02
N GLN A 59 -5.08 -12.20 -1.92
CA GLN A 59 -4.89 -13.22 -2.97
C GLN A 59 -4.51 -12.55 -4.29
N VAL A 60 -3.60 -11.58 -4.24
CA VAL A 60 -3.18 -10.82 -5.41
C VAL A 60 -1.71 -10.37 -5.32
N GLU A 61 -0.92 -10.63 -6.37
CA GLU A 61 0.49 -10.31 -6.44
C GLU A 61 0.78 -8.80 -6.49
N LEU A 62 1.77 -8.36 -5.69
CA LEU A 62 2.24 -6.99 -5.60
C LEU A 62 3.76 -7.04 -5.83
N PRO A 63 4.22 -7.05 -7.09
CA PRO A 63 5.65 -7.09 -7.38
C PRO A 63 6.30 -5.79 -6.94
N LEU A 64 7.59 -5.86 -6.62
CA LEU A 64 8.38 -4.73 -6.17
C LEU A 64 8.35 -3.61 -7.21
N LYS A 65 8.18 -3.91 -8.50
CA LYS A 65 8.13 -2.89 -9.53
C LYS A 65 7.00 -1.91 -9.30
N VAL A 66 5.91 -2.29 -8.63
CA VAL A 66 4.79 -1.41 -8.33
C VAL A 66 5.11 -0.71 -7.01
N LEU A 67 5.53 -1.49 -6.00
CA LEU A 67 5.87 -1.03 -4.67
C LEU A 67 6.86 0.13 -4.71
N PHE A 68 7.95 -0.03 -5.45
CA PHE A 68 8.97 1.00 -5.56
C PHE A 68 8.58 2.10 -6.55
N ALA A 69 7.79 1.77 -7.58
CA ALA A 69 7.41 2.78 -8.55
C ALA A 69 6.34 3.70 -7.97
N GLN A 70 5.54 3.22 -7.02
CA GLN A 70 4.48 3.95 -6.36
C GLN A 70 4.41 3.60 -4.87
N PRO A 71 5.40 3.99 -4.05
CA PRO A 71 5.46 3.69 -2.61
C PRO A 71 4.47 4.51 -1.77
N THR A 72 3.17 4.45 -2.05
CA THR A 72 2.16 5.17 -1.28
C THR A 72 0.93 4.31 -1.12
N ILE A 73 0.25 4.45 0.01
CA ILE A 73 -0.98 3.74 0.34
C ILE A 73 -1.97 3.97 -0.79
N LYS A 74 -2.15 5.22 -1.22
CA LYS A 74 -3.08 5.55 -2.30
C LYS A 74 -2.83 4.71 -3.56
N ALA A 75 -1.56 4.52 -3.93
CA ALA A 75 -1.19 3.76 -5.09
C ALA A 75 -1.42 2.25 -4.98
N LEU A 76 -1.09 1.68 -3.82
CA LEU A 76 -1.23 0.26 -3.56
C LEU A 76 -2.70 -0.03 -3.39
N ALA A 77 -3.46 0.84 -2.72
CA ALA A 77 -4.88 0.67 -2.50
C ALA A 77 -5.56 0.55 -3.84
N GLN A 78 -5.32 1.49 -4.77
CA GLN A 78 -5.96 1.47 -6.09
C GLN A 78 -5.46 0.32 -6.97
N TYR A 79 -4.15 -0.01 -6.90
CA TYR A 79 -3.55 -1.09 -7.67
C TYR A 79 -4.15 -2.41 -7.22
N VAL A 80 -4.14 -2.66 -5.91
CA VAL A 80 -4.70 -3.90 -5.37
C VAL A 80 -6.22 -3.89 -5.63
N ALA A 81 -6.89 -2.74 -5.48
CA ALA A 81 -8.33 -2.62 -5.67
C ALA A 81 -8.80 -3.02 -7.06
N THR A 82 -8.15 -2.51 -8.11
CA THR A 82 -8.54 -2.85 -9.47
C THR A 82 -8.32 -4.34 -9.74
N ARG A 83 -7.34 -4.97 -9.07
CA ARG A 83 -7.10 -6.39 -9.28
C ARG A 83 -8.11 -7.21 -8.46
N SER A 84 -8.54 -6.69 -7.30
CA SER A 84 -9.50 -7.25 -6.36
C SER A 84 -10.94 -7.16 -6.92
N HIS A 85 -11.10 -6.91 -8.22
CA HIS A 85 -12.34 -6.81 -8.95
C HIS A 85 -12.27 -7.92 -9.99
N HIS A 86 -12.61 -9.15 -9.59
CA HIS A 86 -12.57 -10.33 -10.43
C HIS A 86 -13.44 -10.19 -11.69
N HIS A 87 -12.83 -9.74 -12.80
CA HIS A 87 -13.48 -9.54 -14.09
C HIS A 87 -12.92 -10.55 -15.10
N HIS A 88 -13.78 -11.05 -15.98
CA HIS A 88 -13.42 -12.02 -17.02
C HIS A 88 -12.99 -11.34 -18.32
N HIS A 89 -13.13 -10.02 -18.43
CA HIS A 89 -12.78 -9.23 -19.59
C HIS A 89 -11.25 -9.15 -19.72
N HIS A 90 -10.67 -10.11 -20.43
CA HIS A 90 -9.24 -10.16 -20.69
C HIS A 90 -8.98 -9.54 -22.04
N PRO A 1 2.21 14.34 -7.50
CA PRO A 1 3.55 13.74 -7.73
C PRO A 1 4.30 13.56 -6.41
N VAL A 2 4.82 14.66 -5.85
CA VAL A 2 5.56 14.73 -4.60
C VAL A 2 4.60 14.62 -3.40
N THR A 3 5.09 14.89 -2.19
CA THR A 3 4.31 14.79 -0.96
C THR A 3 4.41 16.09 -0.17
N GLU A 4 3.79 17.14 -0.70
CA GLU A 4 3.75 18.46 -0.09
C GLU A 4 2.61 18.53 0.94
N ALA A 5 1.61 17.66 0.81
CA ALA A 5 0.45 17.57 1.69
C ALA A 5 0.85 16.89 3.01
N GLN A 6 0.06 17.11 4.06
CA GLN A 6 0.24 16.55 5.40
C GLN A 6 -0.54 15.25 5.52
N TYR A 7 -0.45 14.60 6.69
CA TYR A 7 -1.13 13.35 7.00
C TYR A 7 -2.64 13.45 6.78
N VAL A 8 -3.20 12.44 6.11
CA VAL A 8 -4.63 12.34 5.86
C VAL A 8 -4.89 10.85 6.05
N ALA A 9 -5.71 10.53 7.05
CA ALA A 9 -6.08 9.17 7.38
C ALA A 9 -6.87 8.56 6.22
N PRO A 10 -6.94 7.22 6.10
CA PRO A 10 -7.68 6.59 5.01
C PRO A 10 -9.17 6.93 5.11
N THR A 11 -9.79 7.19 3.96
CA THR A 11 -11.20 7.54 3.84
C THR A 11 -12.00 6.43 3.16
N ASN A 12 -11.35 5.40 2.58
CA ASN A 12 -12.06 4.29 1.94
C ASN A 12 -11.65 2.99 2.61
N ALA A 13 -12.53 2.01 2.59
CA ALA A 13 -12.30 0.70 3.19
C ALA A 13 -11.02 0.06 2.66
N VAL A 14 -10.72 0.25 1.36
CA VAL A 14 -9.54 -0.34 0.77
C VAL A 14 -8.30 0.30 1.39
N GLU A 15 -8.26 1.62 1.42
CA GLU A 15 -7.13 2.39 1.96
C GLU A 15 -6.93 2.05 3.43
N SER A 16 -8.02 1.82 4.16
CA SER A 16 -7.99 1.47 5.56
C SER A 16 -7.32 0.11 5.73
N LYS A 17 -7.74 -0.89 4.95
CA LYS A 17 -7.20 -2.25 5.01
C LYS A 17 -5.69 -2.22 4.83
N LEU A 18 -5.21 -1.64 3.73
CA LEU A 18 -3.79 -1.53 3.44
C LEU A 18 -3.01 -0.77 4.50
N ALA A 19 -3.56 0.34 5.01
CA ALA A 19 -2.89 1.13 6.03
C ALA A 19 -2.57 0.25 7.24
N GLU A 20 -3.44 -0.71 7.57
CA GLU A 20 -3.17 -1.55 8.72
C GLU A 20 -2.03 -2.53 8.42
N ILE A 21 -1.95 -3.07 7.19
CA ILE A 21 -0.87 -3.99 6.84
C ILE A 21 0.46 -3.24 7.04
N TRP A 22 0.51 -1.95 6.70
CA TRP A 22 1.71 -1.16 6.86
C TRP A 22 2.00 -0.96 8.34
N GLU A 23 0.99 -0.72 9.18
CA GLU A 23 1.16 -0.53 10.62
C GLU A 23 1.74 -1.81 11.23
N ARG A 24 1.36 -2.98 10.70
CA ARG A 24 1.82 -4.27 11.18
C ARG A 24 3.28 -4.50 10.80
N VAL A 25 3.70 -4.18 9.58
CA VAL A 25 5.07 -4.39 9.11
C VAL A 25 6.01 -3.32 9.65
N LEU A 26 5.68 -2.04 9.44
CA LEU A 26 6.50 -0.91 9.86
C LEU A 26 6.53 -0.78 11.38
N GLY A 27 5.50 -1.25 12.07
CA GLY A 27 5.43 -1.20 13.53
C GLY A 27 5.11 0.19 14.06
N VAL A 28 4.37 0.99 13.29
CA VAL A 28 3.94 2.34 13.65
C VAL A 28 2.41 2.40 13.54
N SER A 29 1.79 3.51 13.93
CA SER A 29 0.36 3.71 13.88
C SER A 29 0.11 5.08 13.26
N GLY A 30 -0.83 5.18 12.32
CA GLY A 30 -1.19 6.41 11.65
C GLY A 30 -0.56 6.55 10.27
N ILE A 31 -0.86 5.63 9.36
CA ILE A 31 -0.35 5.66 7.99
C ILE A 31 -1.33 6.45 7.14
N GLY A 32 -0.91 7.54 6.50
CA GLY A 32 -1.79 8.34 5.65
C GLY A 32 -1.80 7.84 4.22
N ILE A 33 -2.80 8.26 3.43
CA ILE A 33 -2.99 7.87 2.03
C ILE A 33 -1.83 8.39 1.17
N LEU A 34 -1.18 9.43 1.67
CA LEU A 34 -0.05 10.12 1.06
C LEU A 34 1.28 9.85 1.76
N ASP A 35 1.31 9.06 2.82
CA ASP A 35 2.55 8.81 3.54
C ASP A 35 3.46 7.90 2.73
N ASN A 36 4.70 8.33 2.54
CA ASN A 36 5.71 7.61 1.79
C ASN A 36 6.24 6.45 2.63
N PHE A 37 6.07 5.23 2.17
CA PHE A 37 6.53 4.01 2.82
C PHE A 37 7.99 4.12 3.26
N PHE A 38 8.85 4.72 2.42
CA PHE A 38 10.27 4.88 2.70
C PHE A 38 10.52 5.95 3.77
N GLN A 39 9.67 6.97 3.90
CA GLN A 39 9.82 8.03 4.91
C GLN A 39 9.57 7.42 6.29
N ILE A 40 8.68 6.44 6.37
CA ILE A 40 8.30 5.72 7.58
C ILE A 40 9.43 4.71 7.96
N GLY A 41 10.68 5.00 7.62
CA GLY A 41 11.83 4.13 7.90
C GLY A 41 11.81 2.85 7.04
N GLY A 42 10.94 2.77 6.04
CA GLY A 42 10.85 1.61 5.17
C GLY A 42 12.06 1.59 4.23
N HIS A 43 12.42 0.38 3.83
CA HIS A 43 13.53 0.10 2.91
C HIS A 43 13.10 -1.07 2.02
N ALA A 44 13.88 -1.40 1.00
CA ALA A 44 13.61 -2.47 0.05
C ALA A 44 13.12 -3.75 0.72
N LEU A 45 13.85 -4.29 1.70
CA LEU A 45 13.44 -5.52 2.39
C LEU A 45 12.05 -5.40 2.98
N LYS A 46 11.77 -4.29 3.68
CA LYS A 46 10.48 -4.06 4.29
C LYS A 46 9.41 -4.07 3.22
N ALA A 47 9.66 -3.42 2.07
CA ALA A 47 8.72 -3.35 0.96
C ALA A 47 8.39 -4.76 0.48
N MET A 48 9.41 -5.60 0.32
CA MET A 48 9.25 -6.98 -0.11
C MET A 48 8.39 -7.75 0.89
N ALA A 49 8.56 -7.49 2.20
CA ALA A 49 7.78 -8.13 3.25
C ALA A 49 6.30 -7.71 3.17
N VAL A 50 5.99 -6.51 2.68
CA VAL A 50 4.61 -6.05 2.55
C VAL A 50 3.98 -6.83 1.40
N ALA A 51 4.68 -6.89 0.26
CA ALA A 51 4.23 -7.58 -0.94
C ALA A 51 3.88 -9.05 -0.72
N ALA A 52 4.54 -9.72 0.23
CA ALA A 52 4.26 -11.12 0.50
C ALA A 52 2.84 -11.25 1.04
N GLN A 53 2.57 -10.50 2.09
CA GLN A 53 1.31 -10.45 2.81
C GLN A 53 0.22 -9.91 1.89
N VAL A 54 0.56 -8.92 1.08
CA VAL A 54 -0.37 -8.33 0.16
C VAL A 54 -0.77 -9.36 -0.89
N HIS A 55 0.20 -10.08 -1.46
CA HIS A 55 -0.13 -11.04 -2.49
C HIS A 55 -1.08 -12.11 -1.94
N ARG A 56 -0.86 -12.54 -0.71
CA ARG A 56 -1.73 -13.55 -0.10
C ARG A 56 -3.08 -13.03 0.36
N GLU A 57 -3.15 -11.76 0.80
CA GLU A 57 -4.39 -11.18 1.33
C GLU A 57 -5.26 -10.62 0.22
N TYR A 58 -4.66 -9.88 -0.70
CA TYR A 58 -5.37 -9.27 -1.81
C TYR A 58 -5.35 -10.19 -3.03
N GLN A 59 -4.69 -11.35 -2.94
CA GLN A 59 -4.59 -12.36 -4.01
C GLN A 59 -4.05 -11.71 -5.31
N VAL A 60 -3.10 -10.78 -5.17
CA VAL A 60 -2.54 -10.06 -6.31
C VAL A 60 -1.04 -9.85 -6.18
N GLU A 61 -0.31 -10.20 -7.22
CA GLU A 61 1.13 -10.02 -7.21
C GLU A 61 1.38 -8.51 -7.24
N LEU A 62 2.02 -7.98 -6.20
CA LEU A 62 2.35 -6.58 -6.10
C LEU A 62 3.87 -6.54 -6.20
N PRO A 63 4.44 -6.45 -7.41
CA PRO A 63 5.89 -6.42 -7.58
C PRO A 63 6.47 -5.13 -7.01
N LEU A 64 7.76 -5.17 -6.66
CA LEU A 64 8.48 -4.05 -6.10
C LEU A 64 8.50 -2.88 -7.07
N LYS A 65 8.40 -3.11 -8.39
CA LYS A 65 8.39 -2.06 -9.38
C LYS A 65 7.28 -1.04 -9.08
N VAL A 66 6.18 -1.46 -8.45
CA VAL A 66 5.07 -0.59 -8.11
C VAL A 66 5.32 0.05 -6.75
N LEU A 67 5.79 -0.73 -5.78
CA LEU A 67 6.04 -0.25 -4.42
C LEU A 67 7.05 0.89 -4.42
N PHE A 68 8.17 0.71 -5.12
CA PHE A 68 9.21 1.73 -5.18
C PHE A 68 8.80 2.92 -6.05
N ALA A 69 8.03 2.68 -7.11
CA ALA A 69 7.62 3.74 -8.01
C ALA A 69 6.52 4.59 -7.40
N GLN A 70 5.65 3.99 -6.58
CA GLN A 70 4.53 4.66 -5.95
C GLN A 70 4.38 4.14 -4.50
N PRO A 71 5.27 4.55 -3.58
CA PRO A 71 5.27 4.13 -2.19
C PRO A 71 4.16 4.79 -1.35
N THR A 72 2.89 4.72 -1.77
CA THR A 72 1.78 5.31 -1.02
C THR A 72 0.60 4.37 -0.95
N ILE A 73 -0.13 4.44 0.15
CA ILE A 73 -1.31 3.64 0.38
C ILE A 73 -2.28 3.92 -0.75
N LYS A 74 -2.44 5.18 -1.15
CA LYS A 74 -3.37 5.50 -2.23
C LYS A 74 -2.99 4.76 -3.52
N ALA A 75 -1.72 4.79 -3.89
CA ALA A 75 -1.24 4.14 -5.11
C ALA A 75 -1.43 2.64 -5.12
N LEU A 76 -1.19 1.96 -3.99
CA LEU A 76 -1.32 0.53 -3.84
C LEU A 76 -2.80 0.22 -3.81
N ALA A 77 -3.61 0.99 -3.10
CA ALA A 77 -5.04 0.80 -2.98
C ALA A 77 -5.69 0.86 -4.36
N GLN A 78 -5.34 1.84 -5.19
CA GLN A 78 -5.89 1.99 -6.53
C GLN A 78 -5.41 0.87 -7.43
N TYR A 79 -4.11 0.57 -7.36
CA TYR A 79 -3.52 -0.49 -8.17
C TYR A 79 -4.16 -1.82 -7.81
N VAL A 80 -4.36 -2.05 -6.51
CA VAL A 80 -4.94 -3.30 -6.04
C VAL A 80 -6.45 -3.35 -6.33
N ALA A 81 -7.16 -2.23 -6.20
CA ALA A 81 -8.60 -2.16 -6.43
C ALA A 81 -8.91 -2.50 -7.88
N THR A 82 -8.17 -1.93 -8.83
CA THR A 82 -8.41 -2.20 -10.24
C THR A 82 -8.14 -3.67 -10.56
N ARG A 83 -7.22 -4.33 -9.84
CA ARG A 83 -6.89 -5.75 -10.08
C ARG A 83 -7.81 -6.70 -9.35
N SER A 84 -8.35 -6.27 -8.20
CA SER A 84 -9.27 -7.03 -7.38
C SER A 84 -10.52 -7.35 -8.22
N HIS A 85 -10.88 -6.44 -9.13
CA HIS A 85 -12.01 -6.59 -10.02
C HIS A 85 -11.50 -7.37 -11.23
N HIS A 86 -12.31 -8.28 -11.75
CA HIS A 86 -11.99 -9.11 -12.92
C HIS A 86 -13.08 -8.89 -13.96
N HIS A 87 -12.97 -9.51 -15.14
CA HIS A 87 -13.98 -9.41 -16.20
C HIS A 87 -14.40 -10.80 -16.70
N HIS A 88 -13.86 -11.86 -16.09
CA HIS A 88 -14.16 -13.23 -16.42
C HIS A 88 -15.11 -13.75 -15.35
N HIS A 89 -15.98 -14.68 -15.72
CA HIS A 89 -16.94 -15.28 -14.81
C HIS A 89 -16.39 -16.65 -14.38
N HIS A 90 -15.29 -16.65 -13.63
CA HIS A 90 -14.70 -17.90 -13.15
C HIS A 90 -15.63 -18.47 -12.10
N PRO A 1 3.44 11.88 -8.37
CA PRO A 1 4.62 11.37 -7.66
C PRO A 1 4.85 12.02 -6.29
N VAL A 2 5.03 13.33 -6.23
CA VAL A 2 5.31 14.06 -4.99
C VAL A 2 4.20 15.09 -4.72
N THR A 3 4.07 15.51 -3.47
CA THR A 3 3.12 16.48 -2.96
C THR A 3 3.66 16.91 -1.58
N GLU A 4 2.99 17.87 -0.93
CA GLU A 4 3.32 18.40 0.39
C GLU A 4 2.11 18.28 1.32
N ALA A 5 1.04 17.60 0.90
CA ALA A 5 -0.20 17.40 1.63
C ALA A 5 0.01 16.80 3.03
N GLN A 6 -0.90 17.14 3.96
CA GLN A 6 -0.90 16.66 5.34
C GLN A 6 -1.43 15.23 5.42
N TYR A 7 -1.23 14.55 6.56
CA TYR A 7 -1.69 13.19 6.84
C TYR A 7 -3.22 13.13 6.70
N VAL A 8 -3.74 12.06 6.08
CA VAL A 8 -5.17 11.84 5.87
C VAL A 8 -5.42 10.35 5.93
N ALA A 9 -6.24 9.90 6.87
CA ALA A 9 -6.62 8.50 7.05
C ALA A 9 -7.40 8.03 5.80
N PRO A 10 -7.50 6.71 5.55
CA PRO A 10 -8.20 6.16 4.40
C PRO A 10 -9.69 6.56 4.33
N THR A 11 -10.21 6.61 3.10
CA THR A 11 -11.57 6.96 2.73
C THR A 11 -12.27 5.85 1.93
N ASN A 12 -11.54 4.91 1.34
CA ASN A 12 -12.14 3.77 0.63
C ASN A 12 -11.71 2.53 1.40
N ALA A 13 -12.56 1.49 1.41
CA ALA A 13 -12.29 0.23 2.09
C ALA A 13 -10.96 -0.36 1.62
N VAL A 14 -10.59 -0.18 0.35
CA VAL A 14 -9.34 -0.75 -0.14
C VAL A 14 -8.17 -0.05 0.54
N GLU A 15 -8.19 1.28 0.59
CA GLU A 15 -7.13 2.09 1.19
C GLU A 15 -7.01 1.77 2.68
N SER A 16 -8.13 1.41 3.31
CA SER A 16 -8.18 1.06 4.72
C SER A 16 -7.40 -0.22 4.97
N LYS A 17 -7.68 -1.29 4.21
CA LYS A 17 -7.02 -2.58 4.40
C LYS A 17 -5.51 -2.49 4.27
N LEU A 18 -5.01 -1.90 3.18
CA LEU A 18 -3.58 -1.75 2.97
C LEU A 18 -2.91 -0.98 4.11
N ALA A 19 -3.53 0.11 4.58
CA ALA A 19 -2.99 0.93 5.65
C ALA A 19 -2.71 0.11 6.90
N GLU A 20 -3.53 -0.92 7.17
CA GLU A 20 -3.35 -1.75 8.35
C GLU A 20 -2.07 -2.56 8.22
N ILE A 21 -1.87 -3.21 7.08
CA ILE A 21 -0.71 -4.03 6.79
C ILE A 21 0.57 -3.20 6.94
N TRP A 22 0.55 -1.90 6.58
CA TRP A 22 1.72 -1.05 6.70
C TRP A 22 2.09 -0.84 8.17
N GLU A 23 1.10 -0.58 9.03
CA GLU A 23 1.31 -0.36 10.46
C GLU A 23 2.04 -1.55 11.07
N ARG A 24 1.62 -2.76 10.70
CA ARG A 24 2.18 -4.02 11.18
C ARG A 24 3.67 -4.18 10.85
N VAL A 25 4.13 -3.62 9.75
CA VAL A 25 5.54 -3.72 9.32
C VAL A 25 6.35 -2.51 9.79
N LEU A 26 5.85 -1.29 9.55
CA LEU A 26 6.52 -0.04 9.90
C LEU A 26 6.57 0.17 11.41
N GLY A 27 5.66 -0.45 12.16
CA GLY A 27 5.61 -0.33 13.60
C GLY A 27 5.14 1.03 14.07
N VAL A 28 4.23 1.65 13.32
CA VAL A 28 3.65 2.95 13.64
C VAL A 28 2.13 2.81 13.56
N SER A 29 1.39 3.85 13.94
CA SER A 29 -0.05 3.87 13.90
C SER A 29 -0.44 5.25 13.38
N GLY A 30 -1.28 5.32 12.34
CA GLY A 30 -1.73 6.55 11.72
C GLY A 30 -1.37 6.59 10.25
N ILE A 31 -1.35 5.44 9.58
CA ILE A 31 -1.04 5.37 8.16
C ILE A 31 -2.18 6.03 7.38
N GLY A 32 -1.82 6.98 6.51
CA GLY A 32 -2.72 7.71 5.66
C GLY A 32 -2.63 7.21 4.23
N ILE A 33 -3.25 7.95 3.32
CA ILE A 33 -3.28 7.70 1.88
C ILE A 33 -2.06 8.26 1.13
N LEU A 34 -1.46 9.32 1.69
CA LEU A 34 -0.32 10.07 1.12
C LEU A 34 1.03 9.87 1.80
N ASP A 35 1.05 9.05 2.82
CA ASP A 35 2.21 8.72 3.62
C ASP A 35 3.31 8.08 2.75
N ASN A 36 4.47 8.72 2.77
CA ASN A 36 5.66 8.31 2.02
C ASN A 36 6.25 7.10 2.75
N PHE A 37 6.07 5.88 2.26
CA PHE A 37 6.58 4.63 2.84
C PHE A 37 8.01 4.75 3.39
N PHE A 38 8.90 5.31 2.59
CA PHE A 38 10.30 5.47 2.97
C PHE A 38 10.50 6.57 4.01
N GLN A 39 9.66 7.62 4.01
CA GLN A 39 9.82 8.70 4.99
C GLN A 39 9.48 8.18 6.38
N ILE A 40 8.55 7.22 6.48
CA ILE A 40 8.09 6.61 7.72
C ILE A 40 9.19 5.67 8.30
N GLY A 41 10.28 5.44 7.56
CA GLY A 41 11.39 4.60 7.96
C GLY A 41 11.36 3.26 7.22
N GLY A 42 10.42 3.06 6.29
CA GLY A 42 10.35 1.82 5.52
C GLY A 42 11.58 1.75 4.62
N HIS A 43 12.02 0.54 4.29
CA HIS A 43 13.19 0.30 3.44
C HIS A 43 12.88 -0.91 2.56
N ALA A 44 13.81 -1.25 1.65
CA ALA A 44 13.69 -2.37 0.72
C ALA A 44 13.15 -3.64 1.38
N LEU A 45 13.78 -4.08 2.48
CA LEU A 45 13.34 -5.28 3.19
C LEU A 45 11.88 -5.16 3.66
N LYS A 46 11.50 -4.02 4.25
CA LYS A 46 10.13 -3.83 4.71
C LYS A 46 9.18 -3.89 3.52
N ALA A 47 9.54 -3.27 2.39
CA ALA A 47 8.73 -3.25 1.17
C ALA A 47 8.36 -4.68 0.77
N MET A 48 9.35 -5.57 0.81
CA MET A 48 9.19 -6.98 0.48
C MET A 48 8.31 -7.66 1.54
N ALA A 49 8.48 -7.29 2.81
CA ALA A 49 7.72 -7.84 3.91
C ALA A 49 6.23 -7.49 3.78
N VAL A 50 5.86 -6.36 3.15
CA VAL A 50 4.45 -6.03 2.99
C VAL A 50 3.93 -6.93 1.86
N ALA A 51 4.65 -6.94 0.73
CA ALA A 51 4.34 -7.69 -0.47
C ALA A 51 4.07 -9.16 -0.20
N ALA A 52 4.77 -9.77 0.76
CA ALA A 52 4.60 -11.16 1.07
C ALA A 52 3.16 -11.44 1.56
N GLN A 53 2.72 -10.68 2.56
CA GLN A 53 1.40 -10.86 3.15
C GLN A 53 0.30 -10.37 2.20
N VAL A 54 0.61 -9.34 1.44
CA VAL A 54 -0.27 -8.74 0.46
C VAL A 54 -0.51 -9.74 -0.65
N HIS A 55 0.55 -10.37 -1.15
CA HIS A 55 0.43 -11.32 -2.23
C HIS A 55 -0.45 -12.46 -1.79
N ARG A 56 -0.28 -12.93 -0.57
CA ARG A 56 -1.10 -14.06 -0.13
C ARG A 56 -2.55 -13.67 0.19
N GLU A 57 -2.80 -12.43 0.63
CA GLU A 57 -4.14 -11.99 1.00
C GLU A 57 -4.92 -11.46 -0.19
N TYR A 58 -4.32 -10.56 -0.97
CA TYR A 58 -4.95 -9.94 -2.12
C TYR A 58 -4.67 -10.76 -3.39
N GLN A 59 -3.88 -11.85 -3.30
CA GLN A 59 -3.54 -12.69 -4.46
C GLN A 59 -2.96 -11.82 -5.58
N VAL A 60 -2.14 -10.83 -5.22
CA VAL A 60 -1.53 -9.88 -6.13
C VAL A 60 -0.01 -9.88 -6.01
N GLU A 61 0.68 -10.18 -7.09
CA GLU A 61 2.13 -10.15 -7.08
C GLU A 61 2.48 -8.67 -7.03
N LEU A 62 3.02 -8.17 -5.91
CA LEU A 62 3.37 -6.76 -5.75
C LEU A 62 4.89 -6.57 -5.73
N PRO A 63 5.56 -6.45 -6.89
CA PRO A 63 7.00 -6.25 -6.98
C PRO A 63 7.41 -4.87 -6.48
N LEU A 64 8.67 -4.77 -6.04
CA LEU A 64 9.29 -3.54 -5.51
C LEU A 64 9.26 -2.45 -6.57
N LYS A 65 9.23 -2.80 -7.87
CA LYS A 65 9.16 -1.84 -8.97
C LYS A 65 7.99 -0.89 -8.77
N VAL A 66 6.88 -1.32 -8.18
CA VAL A 66 5.71 -0.49 -7.93
C VAL A 66 5.88 0.21 -6.60
N LEU A 67 6.28 -0.51 -5.55
CA LEU A 67 6.46 0.05 -4.21
C LEU A 67 7.39 1.26 -4.22
N PHE A 68 8.50 1.19 -4.95
CA PHE A 68 9.46 2.28 -5.03
C PHE A 68 9.00 3.33 -6.03
N ALA A 69 8.25 2.94 -7.07
CA ALA A 69 7.78 3.89 -8.07
C ALA A 69 6.70 4.79 -7.46
N GLN A 70 5.85 4.21 -6.59
CA GLN A 70 4.76 4.91 -5.94
C GLN A 70 4.63 4.45 -4.47
N PRO A 71 5.51 4.92 -3.58
CA PRO A 71 5.49 4.53 -2.16
C PRO A 71 4.36 5.19 -1.35
N THR A 72 3.09 4.98 -1.70
CA THR A 72 1.94 5.53 -0.97
C THR A 72 0.81 4.52 -0.92
N ILE A 73 0.01 4.53 0.15
CA ILE A 73 -1.12 3.62 0.27
C ILE A 73 -2.08 3.90 -0.88
N LYS A 74 -2.30 5.17 -1.23
CA LYS A 74 -3.22 5.49 -2.30
C LYS A 74 -2.82 4.78 -3.60
N ALA A 75 -1.53 4.82 -3.91
CA ALA A 75 -0.96 4.21 -5.10
C ALA A 75 -1.09 2.68 -5.12
N LEU A 76 -0.84 2.02 -4.00
CA LEU A 76 -0.89 0.58 -3.86
C LEU A 76 -2.35 0.17 -3.89
N ALA A 77 -3.25 0.94 -3.26
CA ALA A 77 -4.65 0.63 -3.22
C ALA A 77 -5.22 0.61 -4.64
N GLN A 78 -4.98 1.65 -5.44
CA GLN A 78 -5.48 1.69 -6.82
C GLN A 78 -4.79 0.67 -7.71
N TYR A 79 -3.50 0.41 -7.44
CA TYR A 79 -2.71 -0.55 -8.20
C TYR A 79 -3.25 -1.95 -7.95
N VAL A 80 -3.40 -2.30 -6.67
CA VAL A 80 -3.90 -3.61 -6.32
C VAL A 80 -5.37 -3.70 -6.77
N ALA A 81 -6.13 -2.60 -6.69
CA ALA A 81 -7.53 -2.60 -7.10
C ALA A 81 -7.66 -2.90 -8.60
N THR A 82 -6.74 -2.38 -9.42
CA THR A 82 -6.76 -2.60 -10.86
C THR A 82 -6.39 -4.06 -11.22
N ARG A 83 -5.81 -4.84 -10.29
CA ARG A 83 -5.44 -6.25 -10.50
C ARG A 83 -6.42 -7.22 -9.83
N SER A 84 -6.97 -6.80 -8.69
CA SER A 84 -7.90 -7.52 -7.84
C SER A 84 -9.36 -7.32 -8.25
N HIS A 85 -9.65 -6.91 -9.49
CA HIS A 85 -11.04 -6.71 -9.93
C HIS A 85 -11.86 -7.99 -9.71
N HIS A 86 -13.07 -7.85 -9.20
CA HIS A 86 -13.98 -8.98 -9.00
C HIS A 86 -14.37 -9.50 -10.38
N HIS A 87 -14.62 -10.80 -10.54
CA HIS A 87 -15.00 -11.39 -11.81
C HIS A 87 -16.30 -10.71 -12.27
N HIS A 88 -16.29 -10.03 -13.41
CA HIS A 88 -17.40 -9.31 -14.01
C HIS A 88 -17.48 -9.67 -15.49
N HIS A 89 -17.49 -10.96 -15.80
CA HIS A 89 -17.54 -11.47 -17.17
C HIS A 89 -18.56 -12.60 -17.24
N HIS A 90 -18.89 -13.00 -18.47
CA HIS A 90 -19.83 -14.05 -18.80
C HIS A 90 -19.15 -14.79 -19.95
N PRO A 1 4.45 11.33 -6.52
CA PRO A 1 3.25 12.01 -7.05
C PRO A 1 2.59 12.96 -6.04
N VAL A 2 2.86 12.83 -4.74
CA VAL A 2 2.26 13.70 -3.73
C VAL A 2 2.67 15.16 -3.93
N THR A 3 1.93 16.06 -3.32
CA THR A 3 2.14 17.50 -3.42
C THR A 3 2.38 18.09 -2.03
N GLU A 4 3.41 17.60 -1.34
CA GLU A 4 3.85 17.99 0.02
C GLU A 4 2.77 17.86 1.11
N ALA A 5 1.64 17.27 0.76
CA ALA A 5 0.47 17.06 1.59
C ALA A 5 0.78 16.47 2.97
N GLN A 6 0.25 17.11 4.02
CA GLN A 6 0.39 16.69 5.41
C GLN A 6 -0.51 15.47 5.60
N TYR A 7 -0.25 14.65 6.64
CA TYR A 7 -0.97 13.43 6.99
C TYR A 7 -2.48 13.49 6.80
N VAL A 8 -3.04 12.47 6.15
CA VAL A 8 -4.47 12.35 5.91
C VAL A 8 -4.69 10.87 6.03
N ALA A 9 -5.48 10.46 7.02
CA ALA A 9 -5.76 9.06 7.25
C ALA A 9 -6.60 8.52 6.07
N PRO A 10 -6.68 7.21 5.86
CA PRO A 10 -7.47 6.63 4.77
C PRO A 10 -8.92 7.13 4.78
N THR A 11 -9.51 7.27 3.59
CA THR A 11 -10.88 7.74 3.37
C THR A 11 -11.75 6.71 2.63
N ASN A 12 -11.19 5.56 2.25
CA ASN A 12 -11.90 4.49 1.57
C ASN A 12 -11.54 3.24 2.33
N ALA A 13 -12.42 2.24 2.38
CA ALA A 13 -12.20 0.98 3.08
C ALA A 13 -10.94 0.30 2.59
N VAL A 14 -10.64 0.35 1.29
CA VAL A 14 -9.46 -0.29 0.71
C VAL A 14 -8.22 0.38 1.30
N GLU A 15 -8.19 1.71 1.29
CA GLU A 15 -7.06 2.48 1.81
C GLU A 15 -6.82 2.11 3.26
N SER A 16 -7.90 1.83 4.01
CA SER A 16 -7.81 1.43 5.40
C SER A 16 -7.16 0.05 5.53
N LYS A 17 -7.62 -0.93 4.76
CA LYS A 17 -7.09 -2.30 4.80
C LYS A 17 -5.57 -2.29 4.58
N LEU A 18 -5.11 -1.62 3.52
CA LEU A 18 -3.68 -1.52 3.24
C LEU A 18 -2.93 -0.83 4.36
N ALA A 19 -3.47 0.26 4.91
CA ALA A 19 -2.84 1.00 5.99
C ALA A 19 -2.57 0.09 7.18
N GLU A 20 -3.43 -0.90 7.43
CA GLU A 20 -3.22 -1.80 8.57
C GLU A 20 -2.02 -2.71 8.33
N ILE A 21 -1.84 -3.21 7.10
CA ILE A 21 -0.72 -4.08 6.78
C ILE A 21 0.57 -3.27 6.99
N TRP A 22 0.56 -1.99 6.63
CA TRP A 22 1.71 -1.12 6.78
C TRP A 22 2.09 -0.99 8.25
N GLU A 23 1.12 -0.91 9.17
CA GLU A 23 1.39 -0.79 10.60
C GLU A 23 2.18 -2.00 11.08
N ARG A 24 1.89 -3.22 10.60
CA ARG A 24 2.62 -4.41 11.04
C ARG A 24 4.07 -4.45 10.58
N VAL A 25 4.31 -4.13 9.31
CA VAL A 25 5.66 -4.16 8.74
C VAL A 25 6.51 -3.01 9.27
N LEU A 26 5.94 -1.81 9.35
CA LEU A 26 6.66 -0.63 9.82
C LEU A 26 6.68 -0.56 11.33
N GLY A 27 5.76 -1.24 11.99
CA GLY A 27 5.69 -1.29 13.43
C GLY A 27 5.34 0.07 14.02
N VAL A 28 4.50 0.85 13.34
CA VAL A 28 4.04 2.17 13.78
C VAL A 28 2.53 2.23 13.53
N SER A 29 1.88 3.32 13.94
CA SER A 29 0.47 3.55 13.72
C SER A 29 0.35 4.96 13.18
N GLY A 30 -0.68 5.18 12.37
CA GLY A 30 -0.98 6.48 11.77
C GLY A 30 -0.47 6.57 10.36
N ILE A 31 -0.83 5.59 9.53
CA ILE A 31 -0.46 5.57 8.12
C ILE A 31 -1.59 6.26 7.37
N GLY A 32 -1.24 7.22 6.50
CA GLY A 32 -2.12 7.99 5.67
C GLY A 32 -1.90 7.63 4.22
N ILE A 33 -2.61 8.35 3.37
CA ILE A 33 -2.59 8.17 1.92
C ILE A 33 -1.45 8.85 1.19
N LEU A 34 -0.86 9.89 1.77
CA LEU A 34 0.22 10.65 1.12
C LEU A 34 1.59 10.46 1.72
N ASP A 35 1.71 9.67 2.77
CA ASP A 35 2.96 9.45 3.45
C ASP A 35 3.77 8.35 2.78
N ASN A 36 4.94 8.75 2.32
CA ASN A 36 5.92 7.93 1.62
C ASN A 36 6.44 6.81 2.51
N PHE A 37 6.32 5.56 2.08
CA PHE A 37 6.79 4.35 2.77
C PHE A 37 8.24 4.54 3.26
N PHE A 38 9.10 5.04 2.39
CA PHE A 38 10.51 5.27 2.68
C PHE A 38 10.72 6.42 3.68
N GLN A 39 9.85 7.44 3.70
CA GLN A 39 9.94 8.58 4.62
C GLN A 39 9.57 8.09 6.02
N ILE A 40 8.64 7.14 6.10
CA ILE A 40 8.19 6.59 7.38
C ILE A 40 9.32 5.72 7.95
N GLY A 41 10.15 5.09 7.11
CA GLY A 41 11.27 4.27 7.54
C GLY A 41 11.41 2.95 6.79
N GLY A 42 10.39 2.57 6.01
CA GLY A 42 10.42 1.33 5.24
C GLY A 42 11.57 1.34 4.24
N HIS A 43 11.97 0.17 3.77
CA HIS A 43 13.04 -0.03 2.81
C HIS A 43 12.71 -1.26 1.95
N ALA A 44 13.57 -1.58 0.99
CA ALA A 44 13.41 -2.71 0.07
C ALA A 44 12.95 -3.99 0.76
N LEU A 45 13.64 -4.46 1.81
CA LEU A 45 13.25 -5.69 2.52
C LEU A 45 11.81 -5.59 3.01
N LYS A 46 11.47 -4.47 3.67
CA LYS A 46 10.14 -4.27 4.21
C LYS A 46 9.12 -4.30 3.09
N ALA A 47 9.38 -3.62 1.96
CA ALA A 47 8.48 -3.57 0.83
C ALA A 47 8.09 -4.98 0.38
N MET A 48 9.03 -5.92 0.41
CA MET A 48 8.78 -7.31 0.02
C MET A 48 7.81 -7.96 1.02
N ALA A 49 7.93 -7.64 2.32
CA ALA A 49 7.04 -8.18 3.34
C ALA A 49 5.63 -7.62 3.13
N VAL A 50 5.48 -6.34 2.78
CA VAL A 50 4.17 -5.72 2.52
C VAL A 50 3.54 -6.52 1.37
N ALA A 51 4.27 -6.65 0.27
CA ALA A 51 3.84 -7.37 -0.93
C ALA A 51 3.46 -8.82 -0.64
N ALA A 52 4.06 -9.45 0.38
CA ALA A 52 3.75 -10.83 0.72
C ALA A 52 2.38 -10.92 1.37
N GLN A 53 2.12 -10.08 2.38
CA GLN A 53 0.85 -10.07 3.10
C GLN A 53 -0.27 -9.65 2.17
N VAL A 54 0.01 -8.73 1.27
CA VAL A 54 -0.94 -8.24 0.32
C VAL A 54 -1.21 -9.35 -0.68
N HIS A 55 -0.19 -10.09 -1.14
CA HIS A 55 -0.42 -11.13 -2.11
C HIS A 55 -1.39 -12.14 -1.55
N ARG A 56 -1.24 -12.47 -0.28
CA ARG A 56 -2.12 -13.43 0.35
C ARG A 56 -3.49 -12.88 0.73
N GLU A 57 -3.58 -11.60 1.09
CA GLU A 57 -4.84 -10.97 1.50
C GLU A 57 -5.70 -10.57 0.33
N TYR A 58 -5.07 -10.05 -0.73
CA TYR A 58 -5.77 -9.61 -1.92
C TYR A 58 -5.65 -10.65 -3.03
N GLN A 59 -4.93 -11.76 -2.78
CA GLN A 59 -4.70 -12.83 -3.75
C GLN A 59 -4.07 -12.28 -5.03
N VAL A 60 -3.14 -11.32 -4.93
CA VAL A 60 -2.54 -10.70 -6.11
C VAL A 60 -1.08 -10.25 -5.87
N GLU A 61 -0.17 -10.57 -6.77
CA GLU A 61 1.25 -10.26 -6.71
C GLU A 61 1.54 -8.75 -6.77
N LEU A 62 2.53 -8.26 -6.01
CA LEU A 62 2.92 -6.85 -5.96
C LEU A 62 4.43 -6.72 -6.18
N PRO A 63 4.89 -6.45 -7.40
CA PRO A 63 6.30 -6.29 -7.69
C PRO A 63 6.83 -4.99 -7.06
N LEU A 64 8.13 -4.94 -6.76
CA LEU A 64 8.82 -3.80 -6.17
C LEU A 64 8.74 -2.59 -7.10
N LYS A 65 8.60 -2.83 -8.41
CA LYS A 65 8.50 -1.78 -9.42
C LYS A 65 7.39 -0.80 -9.04
N VAL A 66 6.36 -1.25 -8.31
CA VAL A 66 5.26 -0.43 -7.85
C VAL A 66 5.62 0.21 -6.52
N LEU A 67 6.12 -0.58 -5.55
CA LEU A 67 6.45 -0.08 -4.22
C LEU A 67 7.46 1.07 -4.26
N PHE A 68 8.52 0.91 -5.06
CA PHE A 68 9.58 1.91 -5.20
C PHE A 68 9.17 3.06 -6.13
N ALA A 69 8.22 2.85 -7.03
CA ALA A 69 7.79 3.89 -7.94
C ALA A 69 6.78 4.80 -7.29
N GLN A 70 5.89 4.21 -6.51
CA GLN A 70 4.83 4.90 -5.81
C GLN A 70 4.64 4.35 -4.38
N PRO A 71 5.53 4.72 -3.45
CA PRO A 71 5.51 4.29 -2.06
C PRO A 71 4.38 4.93 -1.24
N THR A 72 3.10 4.79 -1.60
CA THR A 72 1.98 5.38 -0.85
C THR A 72 0.78 4.45 -0.81
N ILE A 73 0.01 4.53 0.27
CA ILE A 73 -1.21 3.75 0.43
C ILE A 73 -2.12 4.10 -0.74
N LYS A 74 -2.20 5.37 -1.14
CA LYS A 74 -3.05 5.78 -2.27
C LYS A 74 -2.69 5.01 -3.54
N ALA A 75 -1.40 4.91 -3.84
CA ALA A 75 -0.92 4.23 -5.02
C ALA A 75 -1.14 2.72 -4.99
N LEU A 76 -0.94 2.09 -3.84
CA LEU A 76 -1.11 0.66 -3.67
C LEU A 76 -2.60 0.36 -3.69
N ALA A 77 -3.42 1.17 -3.02
CA ALA A 77 -4.86 0.99 -2.96
C ALA A 77 -5.44 1.00 -4.38
N GLN A 78 -5.11 2.01 -5.19
CA GLN A 78 -5.62 2.11 -6.56
C GLN A 78 -5.02 1.03 -7.47
N TYR A 79 -3.72 0.73 -7.31
CA TYR A 79 -3.03 -0.27 -8.11
C TYR A 79 -3.65 -1.63 -7.85
N VAL A 80 -3.83 -1.96 -6.57
CA VAL A 80 -4.43 -3.24 -6.24
C VAL A 80 -5.91 -3.23 -6.64
N ALA A 81 -6.65 -2.16 -6.39
CA ALA A 81 -8.07 -2.07 -6.73
C ALA A 81 -8.32 -2.27 -8.22
N THR A 82 -7.55 -1.60 -9.09
CA THR A 82 -7.74 -1.71 -10.54
C THR A 82 -7.46 -3.14 -11.03
N ARG A 83 -6.72 -3.94 -10.24
CA ARG A 83 -6.41 -5.34 -10.56
C ARG A 83 -7.45 -6.26 -9.95
N SER A 84 -7.92 -5.95 -8.74
CA SER A 84 -8.90 -6.76 -8.03
C SER A 84 -10.30 -6.58 -8.63
N HIS A 85 -10.56 -5.49 -9.35
CA HIS A 85 -11.84 -5.23 -9.99
C HIS A 85 -11.73 -5.77 -11.42
N HIS A 86 -12.43 -6.87 -11.67
CA HIS A 86 -12.51 -7.58 -12.94
C HIS A 86 -14.00 -7.78 -13.24
N HIS A 87 -14.37 -8.73 -14.10
CA HIS A 87 -15.76 -8.99 -14.43
C HIS A 87 -16.07 -10.44 -14.04
N HIS A 88 -15.59 -11.42 -14.80
CA HIS A 88 -15.80 -12.83 -14.52
C HIS A 88 -14.57 -13.54 -15.04
N HIS A 89 -14.00 -14.45 -14.25
CA HIS A 89 -12.83 -15.20 -14.67
C HIS A 89 -13.34 -16.31 -15.59
N HIS A 90 -13.26 -16.12 -16.90
CA HIS A 90 -13.70 -17.10 -17.87
C HIS A 90 -12.56 -17.38 -18.82
N PRO A 1 10.30 13.32 -5.41
CA PRO A 1 10.19 12.36 -4.29
C PRO A 1 9.29 12.87 -3.15
N VAL A 2 9.26 14.18 -2.93
CA VAL A 2 8.45 14.84 -1.89
C VAL A 2 6.96 14.54 -2.05
N THR A 3 6.22 14.69 -0.96
CA THR A 3 4.78 14.50 -0.86
C THR A 3 4.31 15.69 -0.03
N GLU A 4 3.83 16.73 -0.71
CA GLU A 4 3.34 17.95 -0.09
C GLU A 4 1.90 17.77 0.42
N ALA A 5 1.18 16.80 -0.13
CA ALA A 5 -0.20 16.49 0.23
C ALA A 5 -0.28 16.02 1.69
N GLN A 6 -1.05 16.75 2.49
CA GLN A 6 -1.29 16.49 3.90
C GLN A 6 -1.98 15.14 4.05
N TYR A 7 -1.78 14.45 5.18
CA TYR A 7 -2.37 13.15 5.50
C TYR A 7 -3.88 13.16 5.29
N VAL A 8 -4.37 12.08 4.69
CA VAL A 8 -5.78 11.84 4.41
C VAL A 8 -5.93 10.35 4.67
N ALA A 9 -6.77 10.00 5.64
CA ALA A 9 -7.03 8.63 6.03
C ALA A 9 -7.67 7.85 4.86
N PRO A 10 -7.66 6.50 4.87
CA PRO A 10 -8.30 5.71 3.82
C PRO A 10 -9.80 5.97 3.83
N THR A 11 -10.47 5.77 2.70
CA THR A 11 -11.91 6.01 2.58
C THR A 11 -12.68 4.86 1.95
N ASN A 12 -11.98 3.91 1.34
CA ASN A 12 -12.58 2.74 0.71
C ASN A 12 -12.02 1.49 1.38
N ALA A 13 -12.80 0.41 1.34
CA ALA A 13 -12.50 -0.88 1.94
C ALA A 13 -11.14 -1.49 1.55
N VAL A 14 -10.55 -1.13 0.42
CA VAL A 14 -9.24 -1.68 0.03
C VAL A 14 -8.14 -0.90 0.74
N GLU A 15 -8.24 0.43 0.65
CA GLU A 15 -7.30 1.41 1.21
C GLU A 15 -7.19 1.16 2.71
N SER A 16 -8.35 0.96 3.31
CA SER A 16 -8.57 0.69 4.72
C SER A 16 -7.77 -0.55 5.16
N LYS A 17 -7.68 -1.58 4.33
CA LYS A 17 -6.96 -2.79 4.68
C LYS A 17 -5.46 -2.65 4.57
N LEU A 18 -5.01 -2.06 3.47
CA LEU A 18 -3.60 -1.88 3.21
C LEU A 18 -2.93 -1.04 4.27
N ALA A 19 -3.62 0.02 4.69
CA ALA A 19 -3.10 0.90 5.71
C ALA A 19 -2.81 0.12 6.98
N GLU A 20 -3.63 -0.88 7.32
CA GLU A 20 -3.45 -1.68 8.52
C GLU A 20 -2.20 -2.56 8.40
N ILE A 21 -1.98 -3.19 7.25
CA ILE A 21 -0.82 -4.04 7.05
C ILE A 21 0.47 -3.21 7.11
N TRP A 22 0.48 -1.99 6.59
CA TRP A 22 1.66 -1.13 6.62
C TRP A 22 2.07 -0.82 8.05
N GLU A 23 1.11 -0.50 8.91
CA GLU A 23 1.33 -0.17 10.32
C GLU A 23 2.16 -1.27 11.01
N ARG A 24 1.77 -2.53 10.80
CA ARG A 24 2.43 -3.73 11.37
C ARG A 24 3.89 -3.87 10.99
N VAL A 25 4.37 -3.17 9.96
CA VAL A 25 5.76 -3.23 9.49
C VAL A 25 6.51 -1.92 9.76
N LEU A 26 5.87 -0.78 9.50
CA LEU A 26 6.47 0.54 9.71
C LEU A 26 6.55 0.87 11.19
N GLY A 27 5.67 0.31 12.02
CA GLY A 27 5.65 0.56 13.45
C GLY A 27 5.02 1.90 13.78
N VAL A 28 4.06 2.33 12.95
CA VAL A 28 3.33 3.58 13.11
C VAL A 28 1.84 3.23 13.06
N SER A 29 0.94 4.14 13.38
CA SER A 29 -0.49 3.94 13.38
C SER A 29 -1.14 5.18 12.77
N GLY A 30 -1.73 5.06 11.58
CA GLY A 30 -2.39 6.14 10.86
C GLY A 30 -1.66 6.45 9.55
N ILE A 31 -1.71 5.55 8.57
CA ILE A 31 -1.08 5.69 7.26
C ILE A 31 -2.03 6.40 6.30
N GLY A 32 -1.64 7.54 5.70
CA GLY A 32 -2.47 8.27 4.77
C GLY A 32 -2.41 7.64 3.38
N ILE A 33 -3.39 7.94 2.53
CA ILE A 33 -3.48 7.40 1.17
C ILE A 33 -2.38 7.94 0.25
N LEU A 34 -1.84 9.10 0.64
CA LEU A 34 -0.81 9.84 -0.03
C LEU A 34 0.54 9.78 0.68
N ASP A 35 0.60 9.15 1.86
CA ASP A 35 1.85 9.10 2.60
C ASP A 35 2.82 8.14 1.92
N ASN A 36 3.99 8.67 1.57
CA ASN A 36 5.04 7.97 0.89
C ASN A 36 5.70 6.96 1.82
N PHE A 37 5.57 5.66 1.52
CA PHE A 37 6.12 4.55 2.29
C PHE A 37 7.56 4.77 2.77
N PHE A 38 8.44 5.33 1.93
CA PHE A 38 9.84 5.56 2.29
C PHE A 38 9.99 6.76 3.23
N GLN A 39 9.09 7.74 3.18
CA GLN A 39 9.13 8.91 4.05
C GLN A 39 8.78 8.50 5.48
N ILE A 40 7.97 7.44 5.64
CA ILE A 40 7.52 6.87 6.91
C ILE A 40 8.64 5.95 7.47
N GLY A 41 9.90 6.23 7.18
CA GLY A 41 11.05 5.48 7.64
C GLY A 41 11.23 4.13 6.92
N GLY A 42 10.34 3.78 5.98
CA GLY A 42 10.44 2.53 5.25
C GLY A 42 11.67 2.51 4.36
N HIS A 43 12.12 1.31 4.02
CA HIS A 43 13.27 1.07 3.16
C HIS A 43 12.97 -0.16 2.30
N ALA A 44 13.84 -0.48 1.35
CA ALA A 44 13.69 -1.60 0.43
C ALA A 44 13.41 -2.94 1.13
N LEU A 45 13.91 -3.13 2.35
CA LEU A 45 13.68 -4.36 3.11
C LEU A 45 12.22 -4.40 3.55
N LYS A 46 11.75 -3.33 4.19
CA LYS A 46 10.38 -3.22 4.68
C LYS A 46 9.40 -3.47 3.53
N ALA A 47 9.69 -2.92 2.35
CA ALA A 47 8.87 -3.07 1.17
C ALA A 47 8.59 -4.54 0.86
N MET A 48 9.61 -5.39 1.04
CA MET A 48 9.52 -6.83 0.79
C MET A 48 8.74 -7.51 1.90
N ALA A 49 8.93 -7.05 3.15
CA ALA A 49 8.21 -7.61 4.30
C ALA A 49 6.70 -7.41 4.13
N VAL A 50 6.29 -6.30 3.53
CA VAL A 50 4.89 -5.99 3.29
C VAL A 50 4.44 -6.85 2.11
N ALA A 51 5.24 -6.90 1.03
CA ALA A 51 4.96 -7.68 -0.18
C ALA A 51 4.66 -9.13 0.12
N ALA A 52 5.31 -9.72 1.14
CA ALA A 52 5.08 -11.11 1.50
C ALA A 52 3.66 -11.29 2.02
N GLN A 53 3.23 -10.38 2.89
CA GLN A 53 1.91 -10.39 3.50
C GLN A 53 0.84 -10.11 2.45
N VAL A 54 1.09 -9.15 1.58
CA VAL A 54 0.20 -8.76 0.52
C VAL A 54 -0.01 -9.93 -0.42
N HIS A 55 1.07 -10.58 -0.84
CA HIS A 55 0.95 -11.67 -1.77
C HIS A 55 0.16 -12.82 -1.15
N ARG A 56 0.36 -13.09 0.13
CA ARG A 56 -0.36 -14.18 0.79
C ARG A 56 -1.81 -13.84 1.10
N GLU A 57 -2.12 -12.57 1.41
CA GLU A 57 -3.48 -12.20 1.76
C GLU A 57 -4.31 -11.92 0.52
N TYR A 58 -3.78 -11.11 -0.41
CA TYR A 58 -4.47 -10.73 -1.62
C TYR A 58 -4.20 -11.73 -2.75
N GLN A 59 -3.43 -12.80 -2.48
CA GLN A 59 -3.07 -13.85 -3.45
C GLN A 59 -2.48 -13.22 -4.72
N VAL A 60 -1.67 -12.17 -4.60
CA VAL A 60 -1.12 -11.49 -5.78
C VAL A 60 0.28 -10.94 -5.54
N GLU A 61 1.21 -11.27 -6.42
CA GLU A 61 2.58 -10.84 -6.32
C GLU A 61 2.65 -9.31 -6.45
N LEU A 62 3.20 -8.65 -5.43
CA LEU A 62 3.37 -7.20 -5.40
C LEU A 62 4.89 -6.99 -5.42
N PRO A 63 5.52 -6.91 -6.60
CA PRO A 63 6.94 -6.71 -6.68
C PRO A 63 7.34 -5.30 -6.22
N LEU A 64 8.62 -5.16 -5.85
CA LEU A 64 9.22 -3.92 -5.41
C LEU A 64 9.03 -2.85 -6.49
N LYS A 65 8.87 -3.25 -7.76
CA LYS A 65 8.65 -2.34 -8.89
C LYS A 65 7.51 -1.39 -8.63
N VAL A 66 6.41 -1.90 -8.10
CA VAL A 66 5.21 -1.13 -7.82
C VAL A 66 5.42 -0.33 -6.54
N LEU A 67 6.04 -0.96 -5.53
CA LEU A 67 6.29 -0.36 -4.24
C LEU A 67 7.19 0.87 -4.37
N PHE A 68 8.21 0.78 -5.21
CA PHE A 68 9.17 1.84 -5.47
C PHE A 68 8.61 2.83 -6.48
N ALA A 69 7.92 2.35 -7.53
CA ALA A 69 7.40 3.28 -8.53
C ALA A 69 6.28 4.16 -7.98
N GLN A 70 5.45 3.61 -7.09
CA GLN A 70 4.31 4.29 -6.49
C GLN A 70 4.12 3.88 -5.02
N PRO A 71 4.97 4.38 -4.10
CA PRO A 71 4.92 4.08 -2.67
C PRO A 71 3.73 4.73 -1.95
N THR A 72 2.48 4.43 -2.32
CA THR A 72 1.31 5.02 -1.67
C THR A 72 0.20 3.99 -1.55
N ILE A 73 -0.60 4.08 -0.49
CA ILE A 73 -1.72 3.17 -0.26
C ILE A 73 -2.68 3.30 -1.43
N LYS A 74 -2.99 4.52 -1.90
CA LYS A 74 -3.92 4.67 -3.03
C LYS A 74 -3.41 3.91 -4.26
N ALA A 75 -2.12 4.04 -4.56
CA ALA A 75 -1.51 3.36 -5.70
C ALA A 75 -1.64 1.85 -5.61
N LEU A 76 -1.38 1.27 -4.43
CA LEU A 76 -1.47 -0.15 -4.19
C LEU A 76 -2.93 -0.55 -4.25
N ALA A 77 -3.82 0.23 -3.63
CA ALA A 77 -5.24 -0.06 -3.61
C ALA A 77 -5.79 -0.21 -5.01
N GLN A 78 -5.54 0.73 -5.92
CA GLN A 78 -6.04 0.65 -7.28
C GLN A 78 -5.33 -0.42 -8.10
N TYR A 79 -4.03 -0.62 -7.87
CA TYR A 79 -3.22 -1.60 -8.57
C TYR A 79 -3.65 -3.02 -8.19
N VAL A 80 -3.70 -3.28 -6.89
CA VAL A 80 -4.06 -4.58 -6.35
C VAL A 80 -5.53 -4.85 -6.64
N ALA A 81 -6.43 -3.87 -6.44
CA ALA A 81 -7.86 -4.06 -6.66
C ALA A 81 -8.23 -4.50 -8.07
N THR A 82 -7.58 -3.96 -9.10
CA THR A 82 -7.94 -4.37 -10.45
C THR A 82 -7.36 -5.76 -10.76
N ARG A 83 -6.28 -6.15 -10.10
CA ARG A 83 -5.68 -7.46 -10.29
C ARG A 83 -6.59 -8.44 -9.58
N SER A 84 -6.90 -8.17 -8.31
CA SER A 84 -7.76 -8.98 -7.47
C SER A 84 -9.23 -8.62 -7.74
N HIS A 85 -9.59 -8.19 -8.95
CA HIS A 85 -10.97 -7.84 -9.24
C HIS A 85 -11.84 -9.08 -9.10
N HIS A 86 -13.13 -8.86 -8.91
CA HIS A 86 -14.13 -9.90 -8.76
C HIS A 86 -15.36 -9.42 -9.53
N HIS A 87 -15.80 -10.21 -10.52
CA HIS A 87 -16.96 -9.96 -11.37
C HIS A 87 -17.08 -8.50 -11.81
N HIS A 88 -16.20 -8.06 -12.71
CA HIS A 88 -16.21 -6.68 -13.20
C HIS A 88 -15.66 -6.64 -14.63
N HIS A 89 -16.56 -6.71 -15.62
CA HIS A 89 -16.25 -6.70 -17.05
C HIS A 89 -16.96 -5.52 -17.76
N HIS A 90 -17.23 -4.45 -17.03
CA HIS A 90 -17.88 -3.24 -17.53
C HIS A 90 -16.98 -2.52 -18.51
N PRO A 1 -4.09 15.19 -4.94
CA PRO A 1 -2.67 14.82 -4.77
C PRO A 1 -1.74 15.98 -5.14
N VAL A 2 -1.11 16.61 -4.17
CA VAL A 2 -0.17 17.72 -4.38
C VAL A 2 1.19 17.33 -3.78
N THR A 3 2.24 18.04 -4.20
CA THR A 3 3.60 17.83 -3.72
C THR A 3 3.62 18.28 -2.25
N GLU A 4 4.47 17.67 -1.42
CA GLU A 4 4.60 18.01 0.00
C GLU A 4 3.28 17.83 0.79
N ALA A 5 2.27 17.13 0.23
CA ALA A 5 0.97 16.92 0.85
C ALA A 5 1.03 16.38 2.28
N GLN A 6 0.29 17.08 3.15
CA GLN A 6 0.16 16.77 4.57
C GLN A 6 -0.61 15.46 4.74
N TYR A 7 -0.43 14.79 5.88
CA TYR A 7 -1.05 13.53 6.26
C TYR A 7 -2.57 13.60 6.14
N VAL A 8 -3.15 12.53 5.61
CA VAL A 8 -4.58 12.36 5.41
C VAL A 8 -4.82 10.87 5.66
N ALA A 9 -5.61 10.54 6.68
CA ALA A 9 -5.94 9.16 7.00
C ALA A 9 -6.72 8.54 5.83
N PRO A 10 -6.64 7.22 5.62
CA PRO A 10 -7.37 6.53 4.54
C PRO A 10 -8.88 6.76 4.69
N THR A 11 -9.63 6.76 3.59
CA THR A 11 -11.09 6.99 3.64
C THR A 11 -11.88 5.92 2.94
N ASN A 12 -11.23 5.14 2.07
CA ASN A 12 -11.91 4.05 1.39
C ASN A 12 -11.47 2.79 2.11
N ALA A 13 -12.40 1.85 2.27
CA ALA A 13 -12.20 0.58 2.95
C ALA A 13 -10.97 -0.21 2.52
N VAL A 14 -10.43 0.03 1.33
CA VAL A 14 -9.24 -0.69 0.85
C VAL A 14 -8.00 -0.07 1.48
N GLU A 15 -7.91 1.25 1.40
CA GLU A 15 -6.82 2.08 1.88
C GLU A 15 -6.55 1.81 3.35
N SER A 16 -7.64 1.75 4.12
CA SER A 16 -7.60 1.50 5.54
C SER A 16 -6.94 0.17 5.85
N LYS A 17 -7.20 -0.86 5.05
CA LYS A 17 -6.66 -2.19 5.33
C LYS A 17 -5.17 -2.25 5.09
N LEU A 18 -4.71 -1.57 4.05
CA LEU A 18 -3.29 -1.56 3.74
C LEU A 18 -2.54 -0.81 4.83
N ALA A 19 -3.12 0.29 5.32
CA ALA A 19 -2.53 1.08 6.38
C ALA A 19 -2.36 0.21 7.63
N GLU A 20 -3.28 -0.72 7.89
CA GLU A 20 -3.19 -1.59 9.05
C GLU A 20 -1.95 -2.47 8.94
N ILE A 21 -1.75 -3.13 7.81
CA ILE A 21 -0.59 -4.01 7.60
C ILE A 21 0.71 -3.20 7.68
N TRP A 22 0.71 -1.97 7.15
CA TRP A 22 1.89 -1.12 7.16
C TRP A 22 2.28 -0.78 8.58
N GLU A 23 1.30 -0.47 9.43
CA GLU A 23 1.51 -0.12 10.83
C GLU A 23 2.14 -1.30 11.57
N ARG A 24 1.82 -2.54 11.18
CA ARG A 24 2.36 -3.74 11.79
C ARG A 24 3.77 -4.03 11.30
N VAL A 25 4.02 -3.90 10.00
CA VAL A 25 5.35 -4.17 9.46
C VAL A 25 6.31 -3.12 9.97
N LEU A 26 5.99 -1.85 9.71
CA LEU A 26 6.83 -0.73 10.09
C LEU A 26 6.89 -0.54 11.60
N GLY A 27 5.83 -0.91 12.31
CA GLY A 27 5.76 -0.78 13.76
C GLY A 27 5.55 0.67 14.19
N VAL A 28 4.75 1.40 13.42
CA VAL A 28 4.39 2.80 13.65
C VAL A 28 2.86 2.91 13.59
N SER A 29 2.31 4.10 13.85
CA SER A 29 0.89 4.38 13.82
C SER A 29 0.70 5.75 13.16
N GLY A 30 -0.32 5.91 12.31
CA GLY A 30 -0.62 7.16 11.64
C GLY A 30 -0.24 7.15 10.16
N ILE A 31 -0.46 6.02 9.48
CA ILE A 31 -0.15 5.91 8.06
C ILE A 31 -1.31 6.52 7.27
N GLY A 32 -1.02 7.52 6.43
CA GLY A 32 -1.97 8.21 5.58
C GLY A 32 -1.89 7.68 4.14
N ILE A 33 -2.70 8.26 3.25
CA ILE A 33 -2.78 7.87 1.84
C ILE A 33 -1.57 8.30 1.02
N LEU A 34 -0.93 9.39 1.47
CA LEU A 34 0.22 10.02 0.84
C LEU A 34 1.54 9.77 1.57
N ASP A 35 1.52 9.06 2.70
CA ASP A 35 2.73 8.78 3.44
C ASP A 35 3.54 7.82 2.59
N ASN A 36 4.72 8.26 2.16
CA ASN A 36 5.57 7.44 1.32
C ASN A 36 6.19 6.34 2.16
N PHE A 37 6.07 5.06 1.76
CA PHE A 37 6.62 3.90 2.50
C PHE A 37 8.09 4.13 2.88
N PHE A 38 8.90 4.62 1.94
CA PHE A 38 10.31 4.93 2.17
C PHE A 38 10.46 6.04 3.21
N GLN A 39 9.59 7.04 3.16
CA GLN A 39 9.58 8.18 4.08
C GLN A 39 9.25 7.72 5.50
N ILE A 40 8.61 6.56 5.66
CA ILE A 40 8.27 6.01 6.97
C ILE A 40 9.45 5.14 7.46
N GLY A 41 10.60 5.14 6.74
CA GLY A 41 11.79 4.39 7.10
C GLY A 41 11.78 2.95 6.57
N GLY A 42 10.74 2.52 5.86
CA GLY A 42 10.66 1.18 5.31
C GLY A 42 11.68 1.07 4.17
N HIS A 43 12.38 -0.05 4.06
CA HIS A 43 13.39 -0.29 3.03
C HIS A 43 12.99 -1.55 2.24
N ALA A 44 13.72 -1.89 1.17
CA ALA A 44 13.43 -3.03 0.32
C ALA A 44 13.08 -4.30 1.11
N LEU A 45 13.89 -4.67 2.10
CA LEU A 45 13.62 -5.86 2.90
C LEU A 45 12.26 -5.79 3.58
N LYS A 46 11.93 -4.63 4.16
CA LYS A 46 10.65 -4.44 4.84
C LYS A 46 9.52 -4.54 3.80
N ALA A 47 9.70 -3.94 2.63
CA ALA A 47 8.72 -3.93 1.55
C ALA A 47 8.32 -5.35 1.15
N MET A 48 9.31 -6.22 1.00
CA MET A 48 9.11 -7.62 0.64
C MET A 48 8.15 -8.29 1.62
N ALA A 49 8.31 -8.02 2.92
CA ALA A 49 7.46 -8.59 3.95
C ALA A 49 6.02 -8.09 3.80
N VAL A 50 5.79 -6.82 3.44
CA VAL A 50 4.44 -6.31 3.27
C VAL A 50 3.80 -7.07 2.11
N ALA A 51 4.52 -7.18 0.98
CA ALA A 51 4.05 -7.88 -0.20
C ALA A 51 3.70 -9.33 0.11
N ALA A 52 4.32 -9.95 1.12
CA ALA A 52 4.06 -11.32 1.52
C ALA A 52 2.66 -11.41 2.15
N GLN A 53 2.36 -10.55 3.13
CA GLN A 53 1.07 -10.52 3.83
C GLN A 53 -0.03 -10.07 2.88
N VAL A 54 0.29 -9.13 2.01
CA VAL A 54 -0.64 -8.61 1.04
C VAL A 54 -0.98 -9.71 0.05
N HIS A 55 0.02 -10.45 -0.44
CA HIS A 55 -0.27 -11.49 -1.40
C HIS A 55 -1.21 -12.52 -0.82
N ARG A 56 -1.02 -12.87 0.44
CA ARG A 56 -1.88 -13.88 1.05
C ARG A 56 -3.28 -13.38 1.42
N GLU A 57 -3.41 -12.11 1.78
CA GLU A 57 -4.70 -11.53 2.18
C GLU A 57 -5.50 -11.10 0.96
N TYR A 58 -4.85 -10.36 0.07
CA TYR A 58 -5.48 -9.88 -1.14
C TYR A 58 -5.37 -10.93 -2.24
N GLN A 59 -4.71 -12.08 -1.98
CA GLN A 59 -4.54 -13.18 -2.93
C GLN A 59 -3.96 -12.67 -4.26
N VAL A 60 -3.02 -11.72 -4.20
CA VAL A 60 -2.42 -11.12 -5.38
C VAL A 60 -0.97 -10.66 -5.21
N GLU A 61 -0.15 -10.92 -6.22
CA GLU A 61 1.24 -10.52 -6.20
C GLU A 61 1.36 -9.03 -6.51
N LEU A 62 2.03 -8.32 -5.60
CA LEU A 62 2.34 -6.90 -5.67
C LEU A 62 3.86 -6.90 -5.80
N PRO A 63 4.40 -6.89 -7.03
CA PRO A 63 5.84 -6.91 -7.22
C PRO A 63 6.48 -5.61 -6.71
N LEU A 64 7.76 -5.70 -6.36
CA LEU A 64 8.56 -4.59 -5.85
C LEU A 64 8.49 -3.38 -6.78
N LYS A 65 8.28 -3.61 -8.06
CA LYS A 65 8.17 -2.57 -9.06
C LYS A 65 7.15 -1.52 -8.68
N VAL A 66 5.99 -1.96 -8.21
CA VAL A 66 4.91 -1.06 -7.85
C VAL A 66 5.17 -0.49 -6.47
N LEU A 67 5.71 -1.30 -5.57
CA LEU A 67 6.01 -0.87 -4.21
C LEU A 67 7.02 0.28 -4.22
N PHE A 68 8.06 0.18 -5.03
CA PHE A 68 9.11 1.17 -5.18
C PHE A 68 8.67 2.30 -6.09
N ALA A 69 7.97 2.00 -7.19
CA ALA A 69 7.55 3.06 -8.10
C ALA A 69 6.45 3.92 -7.50
N GLN A 70 5.54 3.33 -6.74
CA GLN A 70 4.42 4.02 -6.12
C GLN A 70 4.28 3.59 -4.65
N PRO A 71 5.23 4.01 -3.78
CA PRO A 71 5.25 3.68 -2.37
C PRO A 71 4.19 4.46 -1.58
N THR A 72 2.89 4.35 -1.88
CA THR A 72 1.83 5.05 -1.14
C THR A 72 0.62 4.14 -1.00
N ILE A 73 -0.10 4.29 0.10
CA ILE A 73 -1.32 3.52 0.35
C ILE A 73 -2.27 3.80 -0.80
N LYS A 74 -2.39 5.07 -1.22
CA LYS A 74 -3.27 5.46 -2.33
C LYS A 74 -2.99 4.60 -3.57
N ALA A 75 -1.71 4.48 -3.94
CA ALA A 75 -1.28 3.73 -5.10
C ALA A 75 -1.50 2.23 -5.03
N LEU A 76 -1.26 1.63 -3.86
CA LEU A 76 -1.41 0.20 -3.64
C LEU A 76 -2.89 -0.11 -3.60
N ALA A 77 -3.70 0.76 -3.00
CA ALA A 77 -5.14 0.56 -2.90
C ALA A 77 -5.73 0.38 -4.30
N GLN A 78 -5.43 1.30 -5.22
CA GLN A 78 -5.95 1.25 -6.57
C GLN A 78 -5.32 0.12 -7.38
N TYR A 79 -4.01 -0.11 -7.22
CA TYR A 79 -3.31 -1.17 -7.94
C TYR A 79 -3.86 -2.53 -7.55
N VAL A 80 -4.01 -2.75 -6.25
CA VAL A 80 -4.53 -4.01 -5.75
C VAL A 80 -6.01 -4.12 -6.15
N ALA A 81 -6.78 -3.01 -6.13
CA ALA A 81 -8.20 -3.03 -6.48
C ALA A 81 -8.43 -3.49 -7.92
N THR A 82 -7.66 -2.97 -8.88
CA THR A 82 -7.82 -3.37 -10.29
C THR A 82 -7.50 -4.87 -10.47
N ARG A 83 -6.81 -5.50 -9.51
CA ARG A 83 -6.48 -6.92 -9.57
C ARG A 83 -7.44 -7.76 -8.76
N SER A 84 -8.02 -7.23 -7.68
CA SER A 84 -8.98 -7.99 -6.88
C SER A 84 -10.35 -8.06 -7.58
N HIS A 85 -10.50 -7.37 -8.71
CA HIS A 85 -11.67 -7.28 -9.57
C HIS A 85 -11.33 -7.92 -10.92
N HIS A 86 -12.35 -8.05 -11.78
CA HIS A 86 -12.21 -8.63 -13.11
C HIS A 86 -12.31 -7.51 -14.15
N HIS A 87 -12.06 -7.84 -15.42
CA HIS A 87 -12.11 -6.87 -16.52
C HIS A 87 -12.58 -7.50 -17.84
N HIS A 88 -12.99 -8.77 -17.84
CA HIS A 88 -13.46 -9.49 -19.01
C HIS A 88 -14.47 -10.49 -18.48
N HIS A 89 -15.76 -10.21 -18.63
CA HIS A 89 -16.82 -11.08 -18.16
C HIS A 89 -18.04 -10.85 -19.03
N HIS A 90 -18.44 -11.90 -19.74
CA HIS A 90 -19.60 -11.87 -20.61
C HIS A 90 -20.83 -11.65 -19.75
N PRO A 1 -0.86 17.38 -8.36
CA PRO A 1 -0.52 16.05 -8.90
C PRO A 1 0.35 15.22 -7.94
N VAL A 2 1.52 15.75 -7.60
CA VAL A 2 2.56 15.22 -6.73
C VAL A 2 2.09 14.72 -5.37
N THR A 3 2.93 13.90 -4.73
CA THR A 3 2.70 13.37 -3.40
C THR A 3 3.38 14.40 -2.50
N GLU A 4 2.64 15.44 -2.08
CA GLU A 4 3.14 16.51 -1.23
C GLU A 4 2.16 16.89 -0.12
N ALA A 5 1.06 16.15 0.03
CA ALA A 5 0.04 16.38 1.03
C ALA A 5 0.49 15.93 2.43
N GLN A 6 -0.13 16.53 3.46
CA GLN A 6 0.12 16.22 4.86
C GLN A 6 -0.74 14.99 5.19
N TYR A 7 -0.58 14.36 6.36
CA TYR A 7 -1.32 13.15 6.74
C TYR A 7 -2.85 13.23 6.56
N VAL A 8 -3.43 12.17 6.00
CA VAL A 8 -4.85 12.00 5.76
C VAL A 8 -5.15 10.51 5.89
N ALA A 9 -5.98 10.12 6.85
CA ALA A 9 -6.38 8.74 7.09
C ALA A 9 -7.13 8.18 5.86
N PRO A 10 -7.27 6.85 5.69
CA PRO A 10 -7.95 6.27 4.54
C PRO A 10 -9.44 6.62 4.51
N THR A 11 -10.01 6.69 3.31
CA THR A 11 -11.41 7.01 3.09
C THR A 11 -12.09 6.03 2.12
N ASN A 12 -11.34 5.10 1.52
CA ASN A 12 -11.89 4.08 0.62
C ASN A 12 -11.56 2.78 1.34
N ALA A 13 -12.47 1.80 1.34
CA ALA A 13 -12.25 0.52 2.01
C ALA A 13 -10.94 -0.17 1.61
N VAL A 14 -10.49 -0.01 0.36
CA VAL A 14 -9.25 -0.67 -0.05
C VAL A 14 -8.06 0.03 0.58
N GLU A 15 -8.11 1.36 0.68
CA GLU A 15 -7.02 2.13 1.29
C GLU A 15 -6.94 1.71 2.76
N SER A 16 -8.11 1.50 3.37
CA SER A 16 -8.24 1.09 4.77
C SER A 16 -7.58 -0.29 4.95
N LYS A 17 -7.86 -1.25 4.06
CA LYS A 17 -7.31 -2.60 4.12
C LYS A 17 -5.79 -2.57 4.14
N LEU A 18 -5.18 -1.97 3.12
CA LEU A 18 -3.72 -1.90 3.03
C LEU A 18 -3.13 -1.07 4.17
N ALA A 19 -3.79 -0.01 4.60
CA ALA A 19 -3.34 0.84 5.69
C ALA A 19 -3.16 0.03 6.97
N GLU A 20 -3.90 -1.08 7.13
CA GLU A 20 -3.75 -1.90 8.32
C GLU A 20 -2.45 -2.71 8.19
N ILE A 21 -2.26 -3.35 7.03
CA ILE A 21 -1.11 -4.18 6.71
C ILE A 21 0.20 -3.43 6.94
N TRP A 22 0.26 -2.16 6.54
CA TRP A 22 1.44 -1.31 6.70
C TRP A 22 1.81 -1.14 8.17
N GLU A 23 0.82 -0.92 9.04
CA GLU A 23 1.04 -0.74 10.48
C GLU A 23 1.74 -1.98 11.03
N ARG A 24 1.26 -3.17 10.68
CA ARG A 24 1.83 -4.43 11.18
C ARG A 24 3.28 -4.61 10.77
N VAL A 25 3.75 -4.00 9.69
CA VAL A 25 5.15 -4.17 9.29
C VAL A 25 5.99 -3.06 9.91
N LEU A 26 5.64 -1.80 9.66
CA LEU A 26 6.39 -0.64 10.15
C LEU A 26 6.36 -0.49 11.66
N GLY A 27 5.35 -1.05 12.32
CA GLY A 27 5.21 -0.99 13.75
C GLY A 27 4.77 0.40 14.21
N VAL A 28 3.96 1.08 13.39
CA VAL A 28 3.45 2.42 13.69
C VAL A 28 1.93 2.38 13.60
N SER A 29 1.26 3.48 13.95
CA SER A 29 -0.18 3.63 13.91
C SER A 29 -0.48 4.99 13.28
N GLY A 30 -1.40 5.05 12.31
CA GLY A 30 -1.78 6.28 11.63
C GLY A 30 -1.31 6.36 10.19
N ILE A 31 -1.47 5.28 9.43
CA ILE A 31 -1.07 5.21 8.03
C ILE A 31 -2.09 5.99 7.19
N GLY A 32 -1.64 7.01 6.44
CA GLY A 32 -2.47 7.83 5.58
C GLY A 32 -2.44 7.31 4.14
N ILE A 33 -3.16 7.95 3.21
CA ILE A 33 -3.20 7.53 1.81
C ILE A 33 -1.99 8.06 1.01
N LEU A 34 -1.37 9.11 1.55
CA LEU A 34 -0.22 9.80 0.98
C LEU A 34 1.08 9.54 1.73
N ASP A 35 1.04 8.70 2.76
CA ASP A 35 2.18 8.39 3.57
C ASP A 35 3.29 7.72 2.75
N ASN A 36 4.47 8.34 2.77
CA ASN A 36 5.62 7.85 2.04
C ASN A 36 6.26 6.73 2.85
N PHE A 37 6.14 5.48 2.42
CA PHE A 37 6.69 4.29 3.06
C PHE A 37 8.15 4.45 3.52
N PHE A 38 9.00 5.03 2.67
CA PHE A 38 10.41 5.24 3.01
C PHE A 38 10.57 6.39 4.02
N GLN A 39 9.66 7.37 4.04
CA GLN A 39 9.71 8.49 4.98
C GLN A 39 9.46 7.96 6.39
N ILE A 40 8.68 6.88 6.52
CA ILE A 40 8.33 6.20 7.77
C ILE A 40 9.52 5.32 8.24
N GLY A 41 10.69 5.40 7.58
CA GLY A 41 11.86 4.63 7.93
C GLY A 41 11.87 3.27 7.23
N GLY A 42 10.90 3.00 6.36
CA GLY A 42 10.84 1.75 5.63
C GLY A 42 12.04 1.71 4.68
N HIS A 43 12.42 0.51 4.27
CA HIS A 43 13.54 0.29 3.36
C HIS A 43 13.22 -0.93 2.49
N ALA A 44 14.12 -1.27 1.57
CA ALA A 44 13.98 -2.39 0.64
C ALA A 44 13.47 -3.66 1.33
N LEU A 45 14.14 -4.11 2.39
CA LEU A 45 13.75 -5.31 3.11
C LEU A 45 12.30 -5.26 3.59
N LYS A 46 11.89 -4.13 4.18
CA LYS A 46 10.53 -3.98 4.68
C LYS A 46 9.55 -4.04 3.53
N ALA A 47 9.84 -3.34 2.42
CA ALA A 47 9.00 -3.29 1.24
C ALA A 47 8.67 -4.68 0.70
N MET A 48 9.65 -5.60 0.73
CA MET A 48 9.44 -6.97 0.26
C MET A 48 8.46 -7.72 1.16
N ALA A 49 8.48 -7.44 2.47
CA ALA A 49 7.61 -8.07 3.45
C ALA A 49 6.16 -7.65 3.27
N VAL A 50 5.91 -6.36 3.01
CA VAL A 50 4.53 -5.91 2.84
C VAL A 50 4.00 -6.58 1.59
N ALA A 51 4.81 -6.66 0.53
CA ALA A 51 4.45 -7.30 -0.73
C ALA A 51 4.14 -8.79 -0.53
N ALA A 52 4.78 -9.45 0.44
CA ALA A 52 4.53 -10.86 0.68
C ALA A 52 3.12 -11.01 1.26
N GLN A 53 2.83 -10.21 2.29
CA GLN A 53 1.53 -10.22 2.96
C GLN A 53 0.46 -9.85 1.96
N VAL A 54 0.76 -8.90 1.08
CA VAL A 54 -0.15 -8.46 0.07
C VAL A 54 -0.41 -9.59 -0.91
N HIS A 55 0.64 -10.28 -1.37
CA HIS A 55 0.44 -11.35 -2.32
C HIS A 55 -0.45 -12.42 -1.73
N ARG A 56 -0.27 -12.75 -0.46
CA ARG A 56 -1.08 -13.78 0.17
C ARG A 56 -2.51 -13.30 0.50
N GLU A 57 -2.68 -12.00 0.78
CA GLU A 57 -3.98 -11.46 1.15
C GLU A 57 -4.85 -11.06 -0.03
N TYR A 58 -4.26 -10.33 -0.96
CA TYR A 58 -4.93 -9.82 -2.14
C TYR A 58 -4.71 -10.74 -3.35
N GLN A 59 -4.00 -11.86 -3.18
CA GLN A 59 -3.72 -12.81 -4.25
C GLN A 59 -3.05 -12.13 -5.46
N VAL A 60 -2.23 -11.10 -5.23
CA VAL A 60 -1.58 -10.34 -6.29
C VAL A 60 -0.10 -10.10 -6.01
N GLU A 61 0.74 -10.43 -6.97
CA GLU A 61 2.15 -10.19 -6.80
C GLU A 61 2.35 -8.66 -6.84
N LEU A 62 2.97 -8.11 -5.80
CA LEU A 62 3.26 -6.70 -5.70
C LEU A 62 4.79 -6.59 -5.78
N PRO A 63 5.38 -6.50 -6.97
CA PRO A 63 6.82 -6.39 -7.08
C PRO A 63 7.31 -5.05 -6.54
N LEU A 64 8.58 -5.03 -6.14
CA LEU A 64 9.24 -3.86 -5.58
C LEU A 64 9.22 -2.71 -6.57
N LYS A 65 9.17 -2.99 -7.88
CA LYS A 65 9.12 -1.94 -8.89
C LYS A 65 7.93 -1.00 -8.66
N VAL A 66 6.83 -1.49 -8.08
CA VAL A 66 5.67 -0.65 -7.81
C VAL A 66 5.86 0.03 -6.47
N LEU A 67 6.34 -0.71 -5.48
CA LEU A 67 6.55 -0.19 -4.14
C LEU A 67 7.53 0.97 -4.15
N PHE A 68 8.68 0.81 -4.80
CA PHE A 68 9.69 1.85 -4.86
C PHE A 68 9.31 3.00 -5.80
N ALA A 69 8.51 2.73 -6.84
CA ALA A 69 8.12 3.77 -7.79
C ALA A 69 6.92 4.56 -7.31
N GLN A 70 6.05 3.92 -6.52
CA GLN A 70 4.83 4.52 -5.99
C GLN A 70 4.65 4.08 -4.53
N PRO A 71 5.51 4.55 -3.61
CA PRO A 71 5.46 4.19 -2.19
C PRO A 71 4.34 4.86 -1.39
N THR A 72 3.07 4.69 -1.78
CA THR A 72 1.94 5.26 -1.06
C THR A 72 0.77 4.30 -1.03
N ILE A 73 -0.03 4.34 0.03
CA ILE A 73 -1.22 3.50 0.18
C ILE A 73 -2.13 3.76 -1.01
N LYS A 74 -2.32 5.03 -1.41
CA LYS A 74 -3.17 5.33 -2.57
C LYS A 74 -2.77 4.51 -3.80
N ALA A 75 -1.48 4.53 -4.13
CA ALA A 75 -0.92 3.83 -5.27
C ALA A 75 -1.12 2.32 -5.24
N LEU A 76 -0.90 1.71 -4.08
CA LEU A 76 -1.01 0.29 -3.86
C LEU A 76 -2.46 -0.08 -3.86
N ALA A 77 -3.32 0.70 -3.22
CA ALA A 77 -4.74 0.43 -3.16
C ALA A 77 -5.30 0.39 -4.58
N GLN A 78 -4.91 1.34 -5.43
CA GLN A 78 -5.37 1.41 -6.81
C GLN A 78 -4.72 0.32 -7.67
N TYR A 79 -3.45 -0.01 -7.43
CA TYR A 79 -2.74 -1.07 -8.16
C TYR A 79 -3.40 -2.40 -7.80
N VAL A 80 -3.75 -2.56 -6.52
CA VAL A 80 -4.37 -3.80 -6.07
C VAL A 80 -5.82 -3.85 -6.58
N ALA A 81 -6.58 -2.76 -6.49
CA ALA A 81 -7.97 -2.72 -6.94
C ALA A 81 -8.09 -3.08 -8.42
N THR A 82 -7.23 -2.52 -9.26
CA THR A 82 -7.25 -2.75 -10.70
C THR A 82 -6.85 -4.20 -11.07
N ARG A 83 -6.23 -4.94 -10.14
CA ARG A 83 -5.86 -6.34 -10.36
C ARG A 83 -6.86 -7.27 -9.71
N SER A 84 -7.46 -6.85 -8.60
CA SER A 84 -8.47 -7.56 -7.80
C SER A 84 -9.80 -7.70 -8.56
N HIS A 85 -9.88 -7.28 -9.82
CA HIS A 85 -11.07 -7.40 -10.65
C HIS A 85 -10.60 -7.86 -12.03
N HIS A 86 -10.40 -9.16 -12.19
CA HIS A 86 -9.97 -9.76 -13.45
C HIS A 86 -11.20 -9.80 -14.38
N HIS A 87 -12.32 -10.28 -13.87
CA HIS A 87 -13.57 -10.38 -14.60
C HIS A 87 -14.23 -8.98 -14.68
N HIS A 88 -15.46 -8.92 -15.19
CA HIS A 88 -16.22 -7.68 -15.32
C HIS A 88 -17.45 -7.62 -14.41
N HIS A 89 -17.77 -8.72 -13.71
CA HIS A 89 -18.90 -8.83 -12.79
C HIS A 89 -18.35 -9.28 -11.42
N HIS A 90 -19.10 -8.98 -10.36
CA HIS A 90 -18.74 -9.34 -9.00
C HIS A 90 -18.99 -10.83 -8.83
N PRO A 1 1.02 11.44 -10.91
CA PRO A 1 1.72 10.19 -10.54
C PRO A 1 1.65 9.90 -9.04
N VAL A 2 2.04 10.86 -8.19
CA VAL A 2 2.05 10.73 -6.74
C VAL A 2 1.32 11.90 -6.09
N THR A 3 1.16 11.86 -4.77
CA THR A 3 0.51 12.87 -3.96
C THR A 3 1.59 13.48 -3.06
N GLU A 4 1.49 14.78 -2.82
CA GLU A 4 2.45 15.51 -1.99
C GLU A 4 1.75 16.24 -0.84
N ALA A 5 0.46 15.99 -0.62
CA ALA A 5 -0.34 16.59 0.44
C ALA A 5 0.12 16.10 1.83
N GLN A 6 -0.32 16.79 2.88
CA GLN A 6 0.00 16.41 4.25
C GLN A 6 -0.86 15.22 4.63
N TYR A 7 -0.56 14.62 5.79
CA TYR A 7 -1.22 13.44 6.35
C TYR A 7 -2.75 13.44 6.25
N VAL A 8 -3.31 12.39 5.64
CA VAL A 8 -4.75 12.20 5.49
C VAL A 8 -4.98 10.70 5.57
N ALA A 9 -5.72 10.26 6.58
CA ALA A 9 -6.08 8.87 6.84
C ALA A 9 -6.90 8.24 5.71
N PRO A 10 -6.97 6.90 5.63
CA PRO A 10 -7.73 6.19 4.59
C PRO A 10 -9.22 6.50 4.63
N THR A 11 -9.85 6.47 3.45
CA THR A 11 -11.26 6.76 3.24
C THR A 11 -12.06 5.55 2.75
N ASN A 12 -11.40 4.55 2.16
CA ASN A 12 -12.07 3.36 1.66
C ASN A 12 -11.73 2.16 2.53
N ALA A 13 -12.53 1.10 2.39
CA ALA A 13 -12.41 -0.15 3.13
C ALA A 13 -11.11 -0.86 2.75
N VAL A 14 -10.68 -0.74 1.50
CA VAL A 14 -9.46 -1.37 1.01
C VAL A 14 -8.24 -0.65 1.59
N GLU A 15 -8.25 0.68 1.43
CA GLU A 15 -7.21 1.61 1.86
C GLU A 15 -6.96 1.43 3.35
N SER A 16 -8.04 1.30 4.12
CA SER A 16 -7.94 1.16 5.57
C SER A 16 -7.27 -0.15 5.96
N LYS A 17 -7.44 -1.24 5.20
CA LYS A 17 -6.82 -2.49 5.58
C LYS A 17 -5.31 -2.37 5.42
N LEU A 18 -4.89 -1.86 4.26
CA LEU A 18 -3.49 -1.68 3.92
C LEU A 18 -2.78 -0.80 4.94
N ALA A 19 -3.45 0.28 5.37
CA ALA A 19 -2.93 1.24 6.34
C ALA A 19 -2.59 0.56 7.67
N GLU A 20 -3.29 -0.52 8.05
CA GLU A 20 -3.02 -1.22 9.30
C GLU A 20 -1.79 -2.09 9.14
N ILE A 21 -1.59 -2.72 7.97
CA ILE A 21 -0.45 -3.61 7.73
C ILE A 21 0.85 -2.82 7.88
N TRP A 22 0.88 -1.59 7.39
CA TRP A 22 2.05 -0.74 7.45
C TRP A 22 2.51 -0.49 8.89
N GLU A 23 1.58 -0.31 9.83
CA GLU A 23 1.89 -0.06 11.24
C GLU A 23 2.60 -1.29 11.86
N ARG A 24 2.27 -2.49 11.41
CA ARG A 24 2.87 -3.75 11.90
C ARG A 24 4.33 -3.87 11.52
N VAL A 25 4.68 -3.38 10.33
CA VAL A 25 6.04 -3.45 9.81
C VAL A 25 6.85 -2.23 10.26
N LEU A 26 6.37 -1.02 10.00
CA LEU A 26 7.06 0.21 10.33
C LEU A 26 7.01 0.56 11.82
N GLY A 27 6.02 0.10 12.57
CA GLY A 27 5.89 0.37 14.00
C GLY A 27 5.33 1.76 14.32
N VAL A 28 4.63 2.39 13.37
CA VAL A 28 4.06 3.73 13.51
C VAL A 28 2.54 3.65 13.72
N SER A 29 1.87 4.77 13.97
CA SER A 29 0.43 4.83 14.17
C SER A 29 -0.08 6.08 13.44
N GLY A 30 -0.85 5.91 12.37
CA GLY A 30 -1.41 7.02 11.61
C GLY A 30 -0.91 7.06 10.19
N ILE A 31 -1.21 6.03 9.42
CA ILE A 31 -0.81 5.93 8.02
C ILE A 31 -1.89 6.63 7.19
N GLY A 32 -1.49 7.42 6.20
CA GLY A 32 -2.37 8.14 5.31
C GLY A 32 -2.32 7.59 3.89
N ILE A 33 -3.14 8.15 3.01
CA ILE A 33 -3.22 7.72 1.61
C ILE A 33 -2.09 8.26 0.75
N LEU A 34 -1.47 9.37 1.18
CA LEU A 34 -0.38 10.07 0.50
C LEU A 34 1.00 9.92 1.14
N ASP A 35 1.13 9.18 2.24
CA ASP A 35 2.40 9.05 2.89
C ASP A 35 3.35 8.11 2.15
N ASN A 36 4.57 8.61 1.93
CA ASN A 36 5.63 7.92 1.23
C ASN A 36 6.20 6.84 2.15
N PHE A 37 6.00 5.56 1.84
CA PHE A 37 6.49 4.40 2.61
C PHE A 37 7.94 4.58 3.08
N PHE A 38 8.81 5.02 2.18
CA PHE A 38 10.22 5.24 2.47
C PHE A 38 10.46 6.39 3.45
N GLN A 39 9.66 7.46 3.37
CA GLN A 39 9.79 8.62 4.23
C GLN A 39 9.42 8.26 5.66
N ILE A 40 8.50 7.31 5.84
CA ILE A 40 8.04 6.83 7.14
C ILE A 40 9.16 5.99 7.79
N GLY A 41 10.26 5.72 7.08
CA GLY A 41 11.41 4.95 7.53
C GLY A 41 11.49 3.57 6.89
N GLY A 42 10.68 3.28 5.88
CA GLY A 42 10.69 2.00 5.19
C GLY A 42 11.87 1.93 4.23
N HIS A 43 12.28 0.72 3.86
CA HIS A 43 13.38 0.44 2.94
C HIS A 43 13.03 -0.83 2.16
N ALA A 44 13.88 -1.25 1.22
CA ALA A 44 13.70 -2.42 0.38
C ALA A 44 13.19 -3.63 1.16
N LEU A 45 13.90 -4.05 2.23
CA LEU A 45 13.53 -5.20 3.05
C LEU A 45 12.11 -5.04 3.55
N LYS A 46 11.80 -3.88 4.14
CA LYS A 46 10.48 -3.65 4.69
C LYS A 46 9.42 -3.71 3.60
N ALA A 47 9.68 -3.18 2.40
CA ALA A 47 8.73 -3.19 1.30
C ALA A 47 8.38 -4.62 0.95
N MET A 48 9.42 -5.46 0.86
CA MET A 48 9.27 -6.86 0.53
C MET A 48 8.53 -7.59 1.66
N ALA A 49 8.80 -7.21 2.90
CA ALA A 49 8.15 -7.79 4.06
C ALA A 49 6.65 -7.53 4.02
N VAL A 50 6.20 -6.35 3.59
CA VAL A 50 4.77 -6.04 3.54
C VAL A 50 4.17 -6.82 2.37
N ALA A 51 4.85 -6.80 1.21
CA ALA A 51 4.41 -7.49 0.00
C ALA A 51 4.17 -8.98 0.28
N ALA A 52 4.94 -9.58 1.19
CA ALA A 52 4.78 -11.00 1.52
C ALA A 52 3.44 -11.25 2.23
N GLN A 53 2.99 -10.32 3.07
CA GLN A 53 1.73 -10.42 3.80
C GLN A 53 0.59 -10.08 2.86
N VAL A 54 0.77 -9.03 2.07
CA VAL A 54 -0.21 -8.56 1.12
C VAL A 54 -0.52 -9.65 0.12
N HIS A 55 0.49 -10.31 -0.43
CA HIS A 55 0.24 -11.33 -1.41
C HIS A 55 -0.60 -12.43 -0.82
N ARG A 56 -0.32 -12.83 0.41
CA ARG A 56 -1.11 -13.92 1.01
C ARG A 56 -2.50 -13.52 1.46
N GLU A 57 -2.66 -12.27 1.89
CA GLU A 57 -3.92 -11.76 2.40
C GLU A 57 -4.85 -11.31 1.27
N TYR A 58 -4.31 -10.57 0.31
CA TYR A 58 -5.08 -10.07 -0.83
C TYR A 58 -5.00 -10.99 -2.06
N GLN A 59 -4.22 -12.08 -1.99
CA GLN A 59 -4.02 -13.03 -3.08
C GLN A 59 -3.56 -12.25 -4.33
N VAL A 60 -2.59 -11.35 -4.14
CA VAL A 60 -2.06 -10.52 -5.22
C VAL A 60 -0.54 -10.33 -5.17
N GLU A 61 0.13 -10.62 -6.27
CA GLU A 61 1.56 -10.45 -6.36
C GLU A 61 1.80 -8.95 -6.44
N LEU A 62 2.44 -8.39 -5.41
CA LEU A 62 2.77 -6.99 -5.34
C LEU A 62 4.30 -6.92 -5.38
N PRO A 63 4.91 -6.85 -6.58
CA PRO A 63 6.35 -6.77 -6.68
C PRO A 63 6.83 -5.40 -6.19
N LEU A 64 8.08 -5.34 -5.71
CA LEU A 64 8.77 -4.16 -5.21
C LEU A 64 8.69 -3.03 -6.22
N LYS A 65 8.55 -3.36 -7.50
CA LYS A 65 8.45 -2.41 -8.60
C LYS A 65 7.36 -1.40 -8.32
N VAL A 66 6.22 -1.85 -7.85
CA VAL A 66 5.08 -1.01 -7.55
C VAL A 66 5.32 -0.29 -6.23
N LEU A 67 5.78 -1.01 -5.20
CA LEU A 67 6.05 -0.47 -3.87
C LEU A 67 6.99 0.72 -3.97
N PHE A 68 8.03 0.62 -4.77
CA PHE A 68 9.01 1.67 -4.97
C PHE A 68 8.50 2.70 -5.97
N ALA A 69 7.79 2.28 -7.03
CA ALA A 69 7.31 3.25 -8.00
C ALA A 69 6.35 4.22 -7.35
N GLN A 70 5.46 3.69 -6.53
CA GLN A 70 4.43 4.44 -5.84
C GLN A 70 4.32 3.96 -4.39
N PRO A 71 5.18 4.46 -3.50
CA PRO A 71 5.19 4.06 -2.10
C PRO A 71 4.02 4.71 -1.34
N THR A 72 2.75 4.45 -1.69
CA THR A 72 1.61 5.05 -0.98
C THR A 72 0.46 4.07 -0.86
N ILE A 73 -0.32 4.18 0.21
CA ILE A 73 -1.47 3.33 0.46
C ILE A 73 -2.43 3.45 -0.72
N LYS A 74 -2.67 4.67 -1.22
CA LYS A 74 -3.58 4.85 -2.36
C LYS A 74 -3.15 4.00 -3.56
N ALA A 75 -1.87 4.11 -3.90
CA ALA A 75 -1.27 3.41 -5.02
C ALA A 75 -1.43 1.89 -4.89
N LEU A 76 -1.23 1.34 -3.70
CA LEU A 76 -1.36 -0.08 -3.44
C LEU A 76 -2.83 -0.43 -3.46
N ALA A 77 -3.70 0.40 -2.87
CA ALA A 77 -5.13 0.19 -2.81
C ALA A 77 -5.72 0.08 -4.21
N GLN A 78 -5.38 0.99 -5.13
CA GLN A 78 -5.91 0.91 -6.49
C GLN A 78 -5.21 -0.22 -7.26
N TYR A 79 -3.90 -0.43 -7.05
CA TYR A 79 -3.14 -1.46 -7.76
C TYR A 79 -3.66 -2.85 -7.42
N VAL A 80 -3.84 -3.09 -6.12
CA VAL A 80 -4.33 -4.37 -5.64
C VAL A 80 -5.79 -4.51 -6.04
N ALA A 81 -6.60 -3.46 -5.94
CA ALA A 81 -8.01 -3.57 -6.29
C ALA A 81 -8.22 -3.85 -7.77
N THR A 82 -7.41 -3.28 -8.65
CA THR A 82 -7.55 -3.49 -10.07
C THR A 82 -7.09 -4.90 -10.45
N ARG A 83 -6.38 -5.62 -9.57
CA ARG A 83 -5.93 -6.98 -9.83
C ARG A 83 -6.90 -7.97 -9.18
N SER A 84 -7.37 -7.65 -7.96
CA SER A 84 -8.30 -8.49 -7.22
C SER A 84 -9.67 -8.56 -7.89
N HIS A 85 -10.18 -7.44 -8.41
CA HIS A 85 -11.48 -7.36 -9.05
C HIS A 85 -11.33 -7.47 -10.57
N HIS A 86 -11.73 -8.59 -11.15
CA HIS A 86 -11.68 -8.82 -12.59
C HIS A 86 -12.88 -8.12 -13.24
N HIS A 87 -12.66 -6.97 -13.88
CA HIS A 87 -13.72 -6.19 -14.53
C HIS A 87 -13.78 -6.56 -16.00
N HIS A 88 -14.81 -7.30 -16.38
CA HIS A 88 -15.06 -7.74 -17.75
C HIS A 88 -15.60 -6.55 -18.54
N HIS A 89 -15.72 -6.72 -19.86
CA HIS A 89 -16.21 -5.70 -20.79
C HIS A 89 -17.26 -6.36 -21.69
N HIS A 90 -18.35 -6.82 -21.07
CA HIS A 90 -19.48 -7.45 -21.70
C HIS A 90 -20.67 -6.80 -21.02
N PRO A 1 1.02 21.67 -4.43
CA PRO A 1 1.91 20.60 -4.94
C PRO A 1 1.46 19.21 -4.46
N VAL A 2 1.81 18.16 -5.21
CA VAL A 2 1.46 16.78 -4.82
C VAL A 2 2.44 16.29 -3.74
N THR A 3 3.65 16.78 -3.89
CA THR A 3 4.85 16.60 -3.11
C THR A 3 4.62 17.25 -1.75
N GLU A 4 5.11 16.64 -0.67
CA GLU A 4 4.97 17.13 0.70
C GLU A 4 3.53 17.11 1.22
N ALA A 5 2.55 16.61 0.45
CA ALA A 5 1.16 16.56 0.85
C ALA A 5 1.00 15.93 2.24
N GLN A 6 0.31 16.66 3.13
CA GLN A 6 0.02 16.31 4.51
C GLN A 6 -0.76 15.00 4.58
N TYR A 7 -0.50 14.23 5.65
CA TYR A 7 -1.13 12.95 5.99
C TYR A 7 -2.65 13.04 5.88
N VAL A 8 -3.25 12.15 5.10
CA VAL A 8 -4.70 12.06 4.90
C VAL A 8 -5.03 10.59 5.00
N ALA A 9 -5.84 10.25 6.00
CA ALA A 9 -6.27 8.89 6.27
C ALA A 9 -7.07 8.31 5.08
N PRO A 10 -7.06 6.97 4.91
CA PRO A 10 -7.78 6.32 3.82
C PRO A 10 -9.29 6.48 3.99
N THR A 11 -10.05 6.47 2.90
CA THR A 11 -11.51 6.61 2.89
C THR A 11 -12.16 5.50 2.05
N ASN A 12 -11.39 4.77 1.25
CA ASN A 12 -11.89 3.66 0.45
C ASN A 12 -11.79 2.40 1.29
N ALA A 13 -12.66 1.41 1.05
CA ALA A 13 -12.63 0.15 1.77
C ALA A 13 -11.31 -0.58 1.51
N VAL A 14 -10.72 -0.36 0.33
CA VAL A 14 -9.48 -0.97 -0.12
C VAL A 14 -8.28 -0.27 0.52
N GLU A 15 -8.23 1.07 0.44
CA GLU A 15 -7.12 1.85 0.97
C GLU A 15 -6.92 1.54 2.45
N SER A 16 -8.03 1.34 3.17
CA SER A 16 -8.00 1.03 4.59
C SER A 16 -7.24 -0.27 4.81
N LYS A 17 -7.63 -1.33 4.08
CA LYS A 17 -7.04 -2.66 4.21
C LYS A 17 -5.53 -2.67 4.00
N LEU A 18 -5.06 -2.05 2.93
CA LEU A 18 -3.63 -2.01 2.68
C LEU A 18 -2.91 -1.20 3.76
N ALA A 19 -3.50 -0.09 4.24
CA ALA A 19 -2.90 0.72 5.29
C ALA A 19 -2.83 -0.08 6.60
N GLU A 20 -3.76 -1.01 6.83
CA GLU A 20 -3.77 -1.81 8.06
C GLU A 20 -2.50 -2.65 8.11
N ILE A 21 -2.14 -3.25 6.98
CA ILE A 21 -0.96 -4.10 6.83
C ILE A 21 0.29 -3.28 7.07
N TRP A 22 0.34 -2.03 6.59
CA TRP A 22 1.52 -1.18 6.79
C TRP A 22 1.84 -1.08 8.28
N GLU A 23 0.84 -0.89 9.14
CA GLU A 23 1.05 -0.80 10.59
C GLU A 23 1.64 -2.11 11.14
N ARG A 24 1.31 -3.27 10.55
CA ARG A 24 1.80 -4.59 10.97
C ARG A 24 3.25 -4.85 10.53
N VAL A 25 3.77 -4.07 9.58
CA VAL A 25 5.15 -4.23 9.08
C VAL A 25 6.04 -3.10 9.62
N LEU A 26 5.48 -1.90 9.76
CA LEU A 26 6.17 -0.71 10.24
C LEU A 26 6.10 -0.60 11.75
N GLY A 27 4.94 -0.88 12.35
CA GLY A 27 4.73 -0.79 13.79
C GLY A 27 4.33 0.63 14.20
N VAL A 28 3.48 1.30 13.42
CA VAL A 28 3.02 2.66 13.69
C VAL A 28 1.48 2.69 13.63
N SER A 29 0.84 3.82 13.90
CA SER A 29 -0.62 3.96 13.84
C SER A 29 -0.93 5.36 13.30
N GLY A 30 -1.43 5.43 12.07
CA GLY A 30 -1.81 6.65 11.38
C GLY A 30 -1.29 6.74 9.93
N ILE A 31 -1.34 5.66 9.14
CA ILE A 31 -0.89 5.75 7.74
C ILE A 31 -1.96 6.46 6.91
N GLY A 32 -1.54 7.24 5.92
CA GLY A 32 -2.38 7.99 4.99
C GLY A 32 -2.17 7.46 3.58
N ILE A 33 -2.94 7.99 2.62
CA ILE A 33 -2.85 7.52 1.24
C ILE A 33 -1.61 8.03 0.50
N LEU A 34 -1.16 9.22 0.88
CA LEU A 34 -0.01 9.90 0.27
C LEU A 34 1.26 9.78 1.10
N ASP A 35 1.21 9.12 2.26
CA ASP A 35 2.35 8.98 3.12
C ASP A 35 3.35 8.06 2.44
N ASN A 36 4.52 8.60 2.13
CA ASN A 36 5.59 7.86 1.47
C ASN A 36 6.09 6.81 2.45
N PHE A 37 5.97 5.53 2.10
CA PHE A 37 6.40 4.39 2.92
C PHE A 37 7.80 4.59 3.50
N PHE A 38 8.74 5.04 2.66
CA PHE A 38 10.12 5.27 3.06
C PHE A 38 10.27 6.49 4.00
N GLN A 39 9.41 7.49 3.88
CA GLN A 39 9.43 8.69 4.73
C GLN A 39 8.85 8.37 6.11
N ILE A 40 7.90 7.43 6.21
CA ILE A 40 7.27 7.08 7.48
C ILE A 40 8.25 6.33 8.38
N GLY A 41 9.17 5.58 7.79
CA GLY A 41 10.18 4.79 8.48
C GLY A 41 10.40 3.45 7.81
N GLY A 42 9.66 3.10 6.75
CA GLY A 42 9.85 1.85 6.05
C GLY A 42 11.18 1.89 5.30
N HIS A 43 11.73 0.74 4.99
CA HIS A 43 12.99 0.62 4.27
C HIS A 43 12.82 -0.48 3.23
N ALA A 44 13.81 -0.66 2.35
CA ALA A 44 13.77 -1.67 1.29
C ALA A 44 13.32 -3.04 1.80
N LEU A 45 13.85 -3.50 2.94
CA LEU A 45 13.48 -4.80 3.49
C LEU A 45 11.97 -4.84 3.79
N LYS A 46 11.44 -3.83 4.48
CA LYS A 46 10.03 -3.79 4.80
C LYS A 46 9.20 -3.78 3.52
N ALA A 47 9.62 -3.07 2.46
CA ALA A 47 8.87 -3.03 1.21
C ALA A 47 8.62 -4.46 0.68
N MET A 48 9.56 -5.37 0.89
CA MET A 48 9.44 -6.77 0.46
C MET A 48 8.46 -7.50 1.38
N ALA A 49 8.57 -7.22 2.68
CA ALA A 49 7.74 -7.81 3.73
C ALA A 49 6.26 -7.47 3.52
N VAL A 50 5.94 -6.28 3.01
CA VAL A 50 4.55 -5.88 2.76
C VAL A 50 4.02 -6.76 1.62
N ALA A 51 4.75 -6.78 0.50
CA ALA A 51 4.40 -7.55 -0.69
C ALA A 51 4.19 -9.02 -0.38
N ALA A 52 4.98 -9.58 0.54
CA ALA A 52 4.90 -10.98 0.93
C ALA A 52 3.51 -11.34 1.46
N GLN A 53 3.00 -10.57 2.43
CA GLN A 53 1.69 -10.84 3.03
C GLN A 53 0.55 -10.42 2.11
N VAL A 54 0.75 -9.37 1.34
CA VAL A 54 -0.21 -8.83 0.40
C VAL A 54 -0.43 -9.86 -0.70
N HIS A 55 0.63 -10.46 -1.23
CA HIS A 55 0.48 -11.41 -2.30
C HIS A 55 -0.39 -12.56 -1.87
N ARG A 56 -0.21 -13.01 -0.63
CA ARG A 56 -1.02 -14.13 -0.18
C ARG A 56 -2.45 -13.78 0.18
N GLU A 57 -2.65 -12.58 0.72
CA GLU A 57 -3.96 -12.12 1.15
C GLU A 57 -4.79 -11.64 -0.03
N TYR A 58 -4.22 -10.79 -0.88
CA TYR A 58 -4.93 -10.26 -2.03
C TYR A 58 -4.72 -11.14 -3.28
N GLN A 59 -4.02 -12.28 -3.13
CA GLN A 59 -3.71 -13.23 -4.22
C GLN A 59 -3.17 -12.49 -5.45
N VAL A 60 -2.35 -11.47 -5.19
CA VAL A 60 -1.77 -10.63 -6.23
C VAL A 60 -0.35 -10.23 -5.87
N GLU A 61 0.61 -10.65 -6.68
CA GLU A 61 2.01 -10.36 -6.42
C GLU A 61 2.23 -8.84 -6.49
N LEU A 62 3.05 -8.31 -5.59
CA LEU A 62 3.38 -6.89 -5.56
C LEU A 62 4.89 -6.82 -5.73
N PRO A 63 5.41 -6.84 -6.97
CA PRO A 63 6.83 -6.76 -7.18
C PRO A 63 7.34 -5.41 -6.66
N LEU A 64 8.56 -5.45 -6.11
CA LEU A 64 9.25 -4.30 -5.56
C LEU A 64 9.27 -3.15 -6.57
N LYS A 65 9.24 -3.46 -7.87
CA LYS A 65 9.25 -2.48 -8.95
C LYS A 65 8.14 -1.45 -8.77
N VAL A 66 6.98 -1.83 -8.24
CA VAL A 66 5.86 -0.93 -8.01
C VAL A 66 6.01 -0.29 -6.63
N LEU A 67 6.35 -1.09 -5.61
CA LEU A 67 6.51 -0.61 -4.23
C LEU A 67 7.49 0.57 -4.17
N PHE A 68 8.68 0.41 -4.76
CA PHE A 68 9.70 1.44 -4.77
C PHE A 68 9.31 2.59 -5.70
N ALA A 69 8.69 2.27 -6.84
CA ALA A 69 8.33 3.29 -7.81
C ALA A 69 7.25 4.22 -7.28
N GLN A 70 6.31 3.65 -6.52
CA GLN A 70 5.17 4.35 -5.96
C GLN A 70 4.95 3.84 -4.52
N PRO A 71 5.76 4.32 -3.56
CA PRO A 71 5.67 3.92 -2.17
C PRO A 71 4.51 4.62 -1.46
N THR A 72 3.28 4.50 -1.97
CA THR A 72 2.12 5.15 -1.37
C THR A 72 0.96 4.18 -1.33
N ILE A 73 0.13 4.32 -0.30
CA ILE A 73 -1.07 3.52 -0.13
C ILE A 73 -1.94 3.81 -1.34
N LYS A 74 -2.01 5.06 -1.80
CA LYS A 74 -2.80 5.45 -2.96
C LYS A 74 -2.48 4.57 -4.17
N ALA A 75 -1.20 4.47 -4.47
CA ALA A 75 -0.64 3.73 -5.58
C ALA A 75 -0.86 2.21 -5.49
N LEU A 76 -0.71 1.61 -4.32
CA LEU A 76 -0.88 0.20 -4.08
C LEU A 76 -2.36 -0.11 -4.11
N ALA A 77 -3.22 0.73 -3.56
CA ALA A 77 -4.66 0.50 -3.54
C ALA A 77 -5.17 0.42 -4.97
N GLN A 78 -4.85 1.41 -5.80
CA GLN A 78 -5.30 1.45 -7.19
C GLN A 78 -4.69 0.31 -8.00
N TYR A 79 -3.42 -0.02 -7.76
CA TYR A 79 -2.70 -1.08 -8.45
C TYR A 79 -3.30 -2.45 -8.10
N VAL A 80 -3.44 -2.73 -6.80
CA VAL A 80 -3.99 -4.00 -6.36
C VAL A 80 -5.46 -4.12 -6.76
N ALA A 81 -6.23 -3.04 -6.61
CA ALA A 81 -7.66 -3.02 -6.93
C ALA A 81 -7.96 -3.43 -8.37
N THR A 82 -7.26 -2.84 -9.34
CA THR A 82 -7.50 -3.15 -10.74
C THR A 82 -7.01 -4.57 -11.09
N ARG A 83 -6.05 -5.12 -10.33
CA ARG A 83 -5.58 -6.47 -10.59
C ARG A 83 -6.59 -7.46 -10.05
N SER A 84 -7.15 -7.17 -8.88
CA SER A 84 -8.15 -7.99 -8.21
C SER A 84 -9.56 -7.80 -8.83
N HIS A 85 -9.69 -7.00 -9.88
CA HIS A 85 -10.92 -6.69 -10.60
C HIS A 85 -11.73 -7.95 -10.95
N HIS A 86 -12.92 -8.08 -10.38
CA HIS A 86 -13.85 -9.19 -10.57
C HIS A 86 -14.53 -9.13 -11.96
N HIS A 87 -13.73 -9.29 -13.01
CA HIS A 87 -14.17 -9.28 -14.40
C HIS A 87 -14.79 -10.64 -14.70
N HIS A 88 -16.00 -10.86 -14.21
CA HIS A 88 -16.75 -12.10 -14.38
C HIS A 88 -18.23 -11.75 -14.28
N HIS A 89 -18.65 -11.39 -13.08
CA HIS A 89 -19.99 -11.02 -12.72
C HIS A 89 -20.34 -9.58 -13.15
N HIS A 90 -19.38 -8.83 -13.68
CA HIS A 90 -19.49 -7.45 -14.15
C HIS A 90 -18.76 -7.37 -15.46
N PRO A 1 0.68 24.75 -0.56
CA PRO A 1 1.37 24.67 -1.85
C PRO A 1 2.15 23.35 -1.97
N VAL A 2 1.44 22.22 -1.94
CA VAL A 2 2.04 20.90 -2.03
C VAL A 2 1.22 20.03 -2.97
N THR A 3 1.79 18.93 -3.47
CA THR A 3 1.08 18.02 -4.34
C THR A 3 0.32 17.04 -3.45
N GLU A 4 -0.61 17.59 -2.66
CA GLU A 4 -1.48 16.94 -1.71
C GLU A 4 -0.72 16.09 -0.66
N ALA A 5 0.61 16.22 -0.59
CA ALA A 5 1.55 15.53 0.30
C ALA A 5 1.29 15.56 1.81
N GLN A 6 0.35 16.37 2.27
CA GLN A 6 -0.01 16.48 3.67
C GLN A 6 -0.68 15.17 4.07
N TYR A 7 -0.47 14.70 5.30
CA TYR A 7 -1.04 13.45 5.80
C TYR A 7 -2.56 13.41 5.60
N VAL A 8 -3.06 12.38 4.90
CA VAL A 8 -4.47 12.18 4.66
C VAL A 8 -4.75 10.68 4.84
N ALA A 9 -5.58 10.35 5.83
CA ALA A 9 -6.00 8.99 6.14
C ALA A 9 -6.79 8.39 4.97
N PRO A 10 -6.91 7.05 4.87
CA PRO A 10 -7.63 6.37 3.78
C PRO A 10 -9.11 6.77 3.69
N THR A 11 -9.64 6.83 2.47
CA THR A 11 -11.03 7.20 2.18
C THR A 11 -11.82 6.06 1.52
N ASN A 12 -11.16 4.98 1.07
CA ASN A 12 -11.85 3.84 0.48
C ASN A 12 -11.41 2.61 1.26
N ALA A 13 -12.32 1.65 1.43
CA ALA A 13 -12.09 0.43 2.15
C ALA A 13 -10.82 -0.29 1.71
N VAL A 14 -10.41 -0.14 0.45
CA VAL A 14 -9.22 -0.81 -0.05
C VAL A 14 -7.98 -0.24 0.64
N GLU A 15 -7.85 1.08 0.56
CA GLU A 15 -6.77 1.88 1.10
C GLU A 15 -6.64 1.61 2.59
N SER A 16 -7.77 1.55 3.28
CA SER A 16 -7.78 1.29 4.72
C SER A 16 -7.27 -0.09 5.07
N LYS A 17 -7.46 -1.12 4.24
CA LYS A 17 -6.99 -2.45 4.60
C LYS A 17 -5.47 -2.50 4.50
N LEU A 18 -4.93 -1.87 3.45
CA LEU A 18 -3.50 -1.83 3.19
C LEU A 18 -2.75 -1.01 4.22
N ALA A 19 -3.34 0.11 4.64
CA ALA A 19 -2.74 1.01 5.62
C ALA A 19 -2.47 0.27 6.94
N GLU A 20 -3.32 -0.69 7.31
CA GLU A 20 -3.16 -1.42 8.55
C GLU A 20 -1.94 -2.34 8.50
N ILE A 21 -1.72 -3.01 7.36
CA ILE A 21 -0.58 -3.91 7.22
C ILE A 21 0.71 -3.10 7.36
N TRP A 22 0.74 -1.85 6.86
CA TRP A 22 1.92 -1.02 7.00
C TRP A 22 2.20 -0.76 8.49
N GLU A 23 1.17 -0.62 9.31
CA GLU A 23 1.33 -0.39 10.74
C GLU A 23 1.93 -1.64 11.40
N ARG A 24 1.50 -2.83 10.97
CA ARG A 24 1.99 -4.10 11.51
C ARG A 24 3.49 -4.34 11.20
N VAL A 25 3.95 -3.98 10.01
CA VAL A 25 5.33 -4.21 9.58
C VAL A 25 6.30 -3.16 10.09
N LEU A 26 5.93 -1.88 10.01
CA LEU A 26 6.78 -0.77 10.43
C LEU A 26 6.66 -0.48 11.92
N GLY A 27 5.54 -0.85 12.54
CA GLY A 27 5.28 -0.64 13.94
C GLY A 27 4.96 0.83 14.25
N VAL A 28 4.36 1.56 13.31
CA VAL A 28 3.98 2.98 13.50
C VAL A 28 2.48 3.06 13.20
N SER A 29 1.82 4.18 13.45
CA SER A 29 0.40 4.35 13.22
C SER A 29 0.07 5.76 12.71
N GLY A 30 -0.82 5.82 11.72
CA GLY A 30 -1.27 7.06 11.10
C GLY A 30 -0.78 7.12 9.66
N ILE A 31 -0.85 6.00 8.94
CA ILE A 31 -0.41 5.89 7.55
C ILE A 31 -1.44 6.56 6.63
N GLY A 32 -0.99 7.55 5.87
CA GLY A 32 -1.80 8.28 4.91
C GLY A 32 -1.72 7.62 3.53
N ILE A 33 -2.58 8.04 2.60
CA ILE A 33 -2.64 7.50 1.24
C ILE A 33 -1.42 7.94 0.41
N LEU A 34 -0.83 9.07 0.76
CA LEU A 34 0.33 9.70 0.13
C LEU A 34 1.63 9.50 0.93
N ASP A 35 1.57 8.79 2.05
CA ASP A 35 2.71 8.52 2.89
C ASP A 35 3.69 7.64 2.13
N ASN A 36 4.88 8.18 1.88
CA ASN A 36 5.92 7.47 1.16
C ASN A 36 6.50 6.42 2.10
N PHE A 37 6.30 5.13 1.83
CA PHE A 37 6.80 4.03 2.63
C PHE A 37 8.23 4.22 3.09
N PHE A 38 9.16 4.52 2.19
CA PHE A 38 10.57 4.72 2.52
C PHE A 38 10.74 5.90 3.50
N GLN A 39 9.92 6.93 3.41
CA GLN A 39 9.96 8.10 4.28
C GLN A 39 9.55 7.71 5.71
N ILE A 40 8.79 6.64 5.89
CA ILE A 40 8.32 6.13 7.18
C ILE A 40 9.44 5.24 7.81
N GLY A 41 10.67 5.28 7.29
CA GLY A 41 11.78 4.49 7.82
C GLY A 41 11.89 3.10 7.19
N GLY A 42 11.13 2.82 6.13
CA GLY A 42 11.16 1.53 5.46
C GLY A 42 12.40 1.38 4.60
N HIS A 43 12.59 0.15 4.11
CA HIS A 43 13.69 -0.24 3.26
C HIS A 43 13.24 -1.45 2.45
N ALA A 44 14.08 -1.93 1.54
CA ALA A 44 13.78 -3.07 0.66
C ALA A 44 13.27 -4.29 1.45
N LEU A 45 13.91 -4.66 2.56
CA LEU A 45 13.49 -5.81 3.36
C LEU A 45 12.03 -5.65 3.77
N LYS A 46 11.70 -4.46 4.29
CA LYS A 46 10.32 -4.15 4.70
C LYS A 46 9.40 -4.28 3.50
N ALA A 47 9.76 -3.71 2.34
CA ALA A 47 8.93 -3.75 1.13
C ALA A 47 8.51 -5.17 0.74
N MET A 48 9.43 -6.12 0.95
CA MET A 48 9.22 -7.53 0.65
C MET A 48 8.32 -8.16 1.71
N ALA A 49 8.51 -7.79 2.97
CA ALA A 49 7.75 -8.28 4.11
C ALA A 49 6.27 -7.90 4.02
N VAL A 50 5.98 -6.69 3.53
CA VAL A 50 4.60 -6.25 3.39
C VAL A 50 3.99 -7.11 2.31
N ALA A 51 4.63 -7.14 1.13
CA ALA A 51 4.20 -7.88 -0.04
C ALA A 51 4.04 -9.38 0.20
N ALA A 52 4.76 -9.97 1.16
CA ALA A 52 4.63 -11.38 1.45
C ALA A 52 3.24 -11.64 2.04
N GLN A 53 2.85 -10.87 3.06
CA GLN A 53 1.55 -11.06 3.70
C GLN A 53 0.42 -10.48 2.83
N VAL A 54 0.72 -9.42 2.10
CA VAL A 54 -0.21 -8.76 1.22
C VAL A 54 -0.52 -9.76 0.10
N HIS A 55 0.47 -10.47 -0.43
CA HIS A 55 0.18 -11.41 -1.50
C HIS A 55 -0.78 -12.47 -1.01
N ARG A 56 -0.56 -12.96 0.20
CA ARG A 56 -1.41 -14.01 0.75
C ARG A 56 -2.78 -13.47 1.17
N GLU A 57 -2.87 -12.21 1.59
CA GLU A 57 -4.12 -11.62 2.04
C GLU A 57 -4.95 -11.18 0.85
N TYR A 58 -4.36 -10.45 -0.08
CA TYR A 58 -5.08 -9.97 -1.26
C TYR A 58 -5.07 -10.99 -2.40
N GLN A 59 -4.42 -12.13 -2.21
CA GLN A 59 -4.29 -13.20 -3.19
C GLN A 59 -3.68 -12.64 -4.49
N VAL A 60 -2.69 -11.76 -4.39
CA VAL A 60 -2.05 -11.13 -5.55
C VAL A 60 -0.59 -10.77 -5.33
N GLU A 61 0.28 -11.17 -6.24
CA GLU A 61 1.70 -10.90 -6.18
C GLU A 61 1.93 -9.37 -6.28
N LEU A 62 2.69 -8.80 -5.34
CA LEU A 62 3.04 -7.38 -5.30
C LEU A 62 4.56 -7.32 -5.50
N PRO A 63 5.04 -7.30 -6.75
CA PRO A 63 6.45 -7.25 -7.02
C PRO A 63 7.02 -5.89 -6.59
N LEU A 64 8.23 -5.91 -6.03
CA LEU A 64 8.97 -4.75 -5.54
C LEU A 64 9.05 -3.67 -6.62
N LYS A 65 9.02 -4.04 -7.90
CA LYS A 65 9.06 -3.08 -9.02
C LYS A 65 7.98 -2.01 -8.88
N VAL A 66 6.82 -2.34 -8.31
CA VAL A 66 5.70 -1.43 -8.12
C VAL A 66 5.91 -0.69 -6.81
N LEU A 67 6.25 -1.44 -5.77
CA LEU A 67 6.47 -0.93 -4.42
C LEU A 67 7.51 0.19 -4.42
N PHE A 68 8.64 -0.02 -5.08
CA PHE A 68 9.71 0.96 -5.16
C PHE A 68 9.34 2.09 -6.12
N ALA A 69 8.65 1.77 -7.21
CA ALA A 69 8.31 2.79 -8.19
C ALA A 69 7.23 3.74 -7.68
N GLN A 70 6.30 3.22 -6.87
CA GLN A 70 5.18 3.96 -6.30
C GLN A 70 4.96 3.49 -4.85
N PRO A 71 5.82 3.90 -3.90
CA PRO A 71 5.75 3.53 -2.48
C PRO A 71 4.63 4.23 -1.71
N THR A 72 3.36 4.11 -2.13
CA THR A 72 2.24 4.75 -1.44
C THR A 72 1.03 3.82 -1.37
N ILE A 73 0.25 3.96 -0.30
CA ILE A 73 -0.97 3.20 -0.09
C ILE A 73 -1.87 3.43 -1.29
N LYS A 74 -2.00 4.68 -1.76
CA LYS A 74 -2.84 4.99 -2.91
C LYS A 74 -2.45 4.13 -4.11
N ALA A 75 -1.16 4.09 -4.44
CA ALA A 75 -0.63 3.35 -5.57
C ALA A 75 -0.88 1.85 -5.47
N LEU A 76 -0.70 1.26 -4.28
CA LEU A 76 -0.89 -0.15 -4.03
C LEU A 76 -2.36 -0.45 -4.08
N ALA A 77 -3.20 0.42 -3.53
CA ALA A 77 -4.65 0.24 -3.53
C ALA A 77 -5.16 0.10 -4.94
N GLN A 78 -4.75 0.98 -5.85
CA GLN A 78 -5.20 0.96 -7.24
C GLN A 78 -4.56 -0.18 -8.01
N TYR A 79 -3.28 -0.44 -7.77
CA TYR A 79 -2.58 -1.52 -8.45
C TYR A 79 -3.22 -2.84 -8.05
N VAL A 80 -3.52 -2.98 -6.76
CA VAL A 80 -4.12 -4.23 -6.27
C VAL A 80 -5.58 -4.28 -6.68
N ALA A 81 -6.29 -3.16 -6.71
CA ALA A 81 -7.71 -3.12 -7.08
C ALA A 81 -7.98 -3.67 -8.47
N THR A 82 -7.07 -3.45 -9.43
CA THR A 82 -7.26 -3.96 -10.78
C THR A 82 -6.85 -5.42 -10.92
N ARG A 83 -6.04 -5.98 -10.00
CA ARG A 83 -5.61 -7.38 -10.05
C ARG A 83 -6.56 -8.23 -9.23
N SER A 84 -6.84 -7.77 -8.02
CA SER A 84 -7.73 -8.36 -7.04
C SER A 84 -9.15 -7.90 -7.38
N HIS A 85 -9.46 -7.76 -8.67
CA HIS A 85 -10.73 -7.33 -9.21
C HIS A 85 -11.82 -8.36 -8.88
N HIS A 86 -13.07 -8.01 -9.18
CA HIS A 86 -14.20 -8.89 -8.91
C HIS A 86 -15.36 -8.71 -9.89
N HIS A 87 -15.59 -7.49 -10.37
CA HIS A 87 -16.65 -7.14 -11.28
C HIS A 87 -16.36 -7.62 -12.71
N HIS A 88 -16.38 -8.93 -12.95
CA HIS A 88 -16.13 -9.46 -14.28
C HIS A 88 -17.35 -9.08 -15.11
N HIS A 89 -17.20 -8.17 -16.07
CA HIS A 89 -18.28 -7.71 -16.94
C HIS A 89 -17.81 -7.81 -18.38
N HIS A 90 -18.06 -8.96 -18.99
CA HIS A 90 -17.68 -9.25 -20.35
C HIS A 90 -18.40 -8.25 -21.26
N PRO A 1 6.03 13.00 -5.29
CA PRO A 1 7.42 13.05 -4.79
C PRO A 1 7.49 13.78 -3.46
N VAL A 2 7.34 15.11 -3.47
CA VAL A 2 7.39 15.96 -2.28
C VAL A 2 6.27 15.55 -1.31
N THR A 3 6.45 15.76 0.00
CA THR A 3 5.49 15.41 1.04
C THR A 3 4.77 16.66 1.58
N GLU A 4 4.44 17.59 0.69
CA GLU A 4 3.76 18.86 1.00
C GLU A 4 2.32 18.69 1.53
N ALA A 5 1.83 17.46 1.68
CA ALA A 5 0.49 17.15 2.16
C ALA A 5 0.58 16.43 3.49
N GLN A 6 -0.07 16.98 4.51
CA GLN A 6 -0.11 16.39 5.86
C GLN A 6 -0.93 15.09 5.82
N TYR A 7 -0.81 14.29 6.88
CA TYR A 7 -1.48 13.01 7.09
C TYR A 7 -3.00 13.09 6.87
N VAL A 8 -3.57 12.14 6.14
CA VAL A 8 -5.02 12.02 5.87
C VAL A 8 -5.32 10.54 5.81
N ALA A 9 -6.18 10.06 6.71
CA ALA A 9 -6.60 8.66 6.78
C ALA A 9 -7.39 8.24 5.53
N PRO A 10 -7.46 6.94 5.20
CA PRO A 10 -8.19 6.42 4.05
C PRO A 10 -9.71 6.60 4.18
N THR A 11 -10.38 6.65 3.02
CA THR A 11 -11.82 6.79 2.92
C THR A 11 -12.44 5.76 1.98
N ASN A 12 -11.69 5.14 1.05
CA ASN A 12 -12.29 4.11 0.19
C ASN A 12 -11.92 2.79 0.83
N ALA A 13 -12.82 1.81 0.79
CA ALA A 13 -12.63 0.49 1.38
C ALA A 13 -11.33 -0.18 0.95
N VAL A 14 -10.77 0.12 -0.24
CA VAL A 14 -9.53 -0.52 -0.65
C VAL A 14 -8.36 0.11 0.11
N GLU A 15 -8.31 1.45 0.15
CA GLU A 15 -7.26 2.24 0.79
C GLU A 15 -7.12 1.86 2.25
N SER A 16 -8.25 1.52 2.90
CA SER A 16 -8.28 1.12 4.30
C SER A 16 -7.49 -0.18 4.49
N LYS A 17 -7.75 -1.20 3.66
CA LYS A 17 -7.07 -2.50 3.80
C LYS A 17 -5.56 -2.37 3.72
N LEU A 18 -5.05 -1.66 2.72
CA LEU A 18 -3.63 -1.48 2.59
C LEU A 18 -3.03 -0.78 3.80
N ALA A 19 -3.70 0.24 4.33
CA ALA A 19 -3.21 0.96 5.50
C ALA A 19 -3.08 0.00 6.68
N GLU A 20 -3.98 -0.99 6.79
CA GLU A 20 -3.93 -1.96 7.88
C GLU A 20 -2.67 -2.82 7.75
N ILE A 21 -2.44 -3.38 6.57
CA ILE A 21 -1.31 -4.24 6.27
C ILE A 21 0.01 -3.48 6.47
N TRP A 22 0.06 -2.19 6.11
CA TRP A 22 1.26 -1.38 6.25
C TRP A 22 1.66 -1.25 7.73
N GLU A 23 0.69 -0.99 8.59
CA GLU A 23 0.92 -0.82 10.03
C GLU A 23 1.55 -2.08 10.64
N ARG A 24 1.22 -3.27 10.14
CA ARG A 24 1.76 -4.53 10.64
C ARG A 24 3.26 -4.66 10.37
N VAL A 25 3.68 -4.30 9.16
CA VAL A 25 5.07 -4.40 8.72
C VAL A 25 5.93 -3.28 9.29
N LEU A 26 5.49 -2.04 9.11
CA LEU A 26 6.24 -0.88 9.58
C LEU A 26 6.21 -0.78 11.10
N GLY A 27 5.18 -1.33 11.75
CA GLY A 27 5.03 -1.30 13.20
C GLY A 27 4.64 0.09 13.69
N VAL A 28 3.86 0.82 12.90
CA VAL A 28 3.39 2.18 13.21
C VAL A 28 1.85 2.20 13.26
N SER A 29 1.25 3.33 13.64
CA SER A 29 -0.20 3.50 13.70
C SER A 29 -0.52 4.94 13.28
N GLY A 30 -1.19 5.11 12.15
CA GLY A 30 -1.58 6.40 11.59
C GLY A 30 -1.30 6.50 10.10
N ILE A 31 -1.30 5.38 9.38
CA ILE A 31 -1.03 5.37 7.95
C ILE A 31 -2.14 6.11 7.18
N GLY A 32 -1.74 7.10 6.38
CA GLY A 32 -2.61 7.92 5.55
C GLY A 32 -2.50 7.54 4.07
N ILE A 33 -3.32 8.16 3.23
CA ILE A 33 -3.37 7.92 1.78
C ILE A 33 -2.13 8.43 1.07
N LEU A 34 -1.51 9.47 1.63
CA LEU A 34 -0.32 10.14 1.13
C LEU A 34 0.93 9.79 1.93
N ASP A 35 0.81 8.91 2.92
CA ASP A 35 1.92 8.49 3.77
C ASP A 35 2.92 7.76 2.89
N ASN A 36 4.16 8.26 2.89
CA ASN A 36 5.22 7.69 2.07
C ASN A 36 5.88 6.54 2.81
N PHE A 37 5.83 5.34 2.22
CA PHE A 37 6.40 4.10 2.74
C PHE A 37 7.85 4.28 3.24
N PHE A 38 8.69 4.95 2.45
CA PHE A 38 10.08 5.17 2.79
C PHE A 38 10.27 6.23 3.87
N GLN A 39 9.38 7.24 3.94
CA GLN A 39 9.48 8.28 4.95
C GLN A 39 9.29 7.63 6.32
N ILE A 40 8.41 6.63 6.41
CA ILE A 40 8.10 5.87 7.61
C ILE A 40 9.27 4.92 7.96
N GLY A 41 10.41 5.01 7.25
CA GLY A 41 11.56 4.16 7.50
C GLY A 41 11.47 2.87 6.71
N GLY A 42 10.45 2.66 5.86
CA GLY A 42 10.33 1.45 5.06
C GLY A 42 11.53 1.34 4.13
N HIS A 43 11.99 0.13 3.86
CA HIS A 43 13.14 -0.15 2.99
C HIS A 43 12.83 -1.37 2.13
N ALA A 44 13.77 -1.78 1.28
CA ALA A 44 13.63 -2.92 0.37
C ALA A 44 13.07 -4.16 1.06
N LEU A 45 13.68 -4.58 2.19
CA LEU A 45 13.24 -5.74 2.95
C LEU A 45 11.77 -5.61 3.33
N LYS A 46 11.36 -4.47 3.89
CA LYS A 46 9.98 -4.26 4.29
C LYS A 46 9.07 -4.33 3.06
N ALA A 47 9.45 -3.69 1.96
CA ALA A 47 8.69 -3.65 0.72
C ALA A 47 8.43 -5.07 0.21
N MET A 48 9.47 -5.90 0.23
CA MET A 48 9.39 -7.30 -0.21
C MET A 48 8.37 -8.04 0.66
N ALA A 49 8.37 -7.77 1.96
CA ALA A 49 7.46 -8.37 2.91
C ALA A 49 6.02 -7.92 2.67
N VAL A 50 5.76 -6.69 2.22
CA VAL A 50 4.40 -6.24 1.97
C VAL A 50 3.88 -6.99 0.75
N ALA A 51 4.66 -6.98 -0.34
CA ALA A 51 4.32 -7.64 -1.60
C ALA A 51 4.01 -9.13 -1.43
N ALA A 52 4.68 -9.79 -0.48
CA ALA A 52 4.49 -11.21 -0.21
C ALA A 52 3.06 -11.47 0.27
N GLN A 53 2.59 -10.69 1.25
CA GLN A 53 1.25 -10.85 1.82
C GLN A 53 0.18 -10.28 0.89
N VAL A 54 0.51 -9.21 0.18
CA VAL A 54 -0.39 -8.58 -0.76
C VAL A 54 -0.67 -9.55 -1.90
N HIS A 55 0.36 -10.21 -2.44
CA HIS A 55 0.14 -11.11 -3.54
C HIS A 55 -0.81 -12.22 -3.12
N ARG A 56 -0.69 -12.71 -1.89
CA ARG A 56 -1.57 -13.78 -1.44
C ARG A 56 -2.98 -13.34 -1.08
N GLU A 57 -3.15 -12.11 -0.58
CA GLU A 57 -4.46 -11.61 -0.16
C GLU A 57 -5.22 -10.97 -1.32
N TYR A 58 -4.56 -10.11 -2.09
CA TYR A 58 -5.17 -9.45 -3.24
C TYR A 58 -4.99 -10.29 -4.51
N GLN A 59 -4.35 -11.46 -4.42
CA GLN A 59 -4.10 -12.37 -5.55
C GLN A 59 -3.43 -11.64 -6.72
N VAL A 60 -2.53 -10.67 -6.43
CA VAL A 60 -1.87 -9.88 -7.45
C VAL A 60 -0.36 -9.73 -7.18
N GLU A 61 0.49 -10.13 -8.13
CA GLU A 61 1.93 -10.04 -7.99
C GLU A 61 2.32 -8.56 -7.95
N LEU A 62 2.77 -8.05 -6.81
CA LEU A 62 3.16 -6.66 -6.61
C LEU A 62 4.69 -6.50 -6.68
N PRO A 63 5.30 -6.18 -7.84
CA PRO A 63 6.73 -6.01 -8.02
C PRO A 63 7.19 -4.67 -7.44
N LEU A 64 8.40 -4.63 -6.88
CA LEU A 64 9.05 -3.46 -6.26
C LEU A 64 9.02 -2.25 -7.17
N LYS A 65 9.00 -2.47 -8.49
CA LYS A 65 8.97 -1.38 -9.47
C LYS A 65 7.82 -0.43 -9.17
N VAL A 66 6.74 -0.89 -8.54
CA VAL A 66 5.59 -0.11 -8.15
C VAL A 66 5.83 0.50 -6.77
N LEU A 67 6.25 -0.29 -5.79
CA LEU A 67 6.50 0.17 -4.41
C LEU A 67 7.39 1.39 -4.41
N PHE A 68 8.48 1.35 -5.17
CA PHE A 68 9.42 2.46 -5.23
C PHE A 68 8.94 3.56 -6.15
N ALA A 69 8.18 3.24 -7.20
CA ALA A 69 7.74 4.28 -8.12
C ALA A 69 6.60 5.10 -7.54
N GLN A 70 5.77 4.48 -6.71
CA GLN A 70 4.62 5.10 -6.08
C GLN A 70 4.38 4.57 -4.67
N PRO A 71 5.29 4.89 -3.72
CA PRO A 71 5.21 4.45 -2.32
C PRO A 71 4.10 5.16 -1.53
N THR A 72 2.84 5.04 -1.93
CA THR A 72 1.74 5.66 -1.21
C THR A 72 0.54 4.71 -1.22
N ILE A 73 -0.24 4.75 -0.15
CA ILE A 73 -1.42 3.92 0.03
C ILE A 73 -2.36 4.16 -1.14
N LYS A 74 -2.60 5.43 -1.47
CA LYS A 74 -3.50 5.74 -2.58
C LYS A 74 -3.01 5.08 -3.87
N ALA A 75 -1.72 5.20 -4.18
CA ALA A 75 -1.14 4.65 -5.38
C ALA A 75 -1.28 3.13 -5.47
N LEU A 76 -0.94 2.42 -4.40
CA LEU A 76 -0.97 0.99 -4.29
C LEU A 76 -2.41 0.54 -4.33
N ALA A 77 -3.32 1.24 -3.65
CA ALA A 77 -4.73 0.92 -3.61
C ALA A 77 -5.32 1.03 -5.00
N GLN A 78 -4.95 2.04 -5.78
CA GLN A 78 -5.43 2.24 -7.15
C GLN A 78 -4.83 1.20 -8.07
N TYR A 79 -3.52 1.01 -7.96
CA TYR A 79 -2.77 0.06 -8.77
C TYR A 79 -3.36 -1.33 -8.52
N VAL A 80 -3.66 -1.62 -7.25
CA VAL A 80 -4.22 -2.94 -6.95
C VAL A 80 -5.67 -2.98 -7.42
N ALA A 81 -6.47 -1.92 -7.23
CA ALA A 81 -7.86 -1.90 -7.64
C ALA A 81 -8.04 -2.14 -9.14
N THR A 82 -7.17 -1.58 -9.98
CA THR A 82 -7.27 -1.77 -11.42
C THR A 82 -6.87 -3.20 -11.80
N ARG A 83 -5.99 -3.86 -11.04
CA ARG A 83 -5.56 -5.23 -11.35
C ARG A 83 -6.50 -6.27 -10.77
N SER A 84 -7.04 -6.01 -9.59
CA SER A 84 -7.97 -6.89 -8.89
C SER A 84 -9.39 -6.79 -9.49
N HIS A 85 -9.62 -5.92 -10.46
CA HIS A 85 -10.93 -5.77 -11.07
C HIS A 85 -11.33 -7.00 -11.89
N HIS A 86 -12.63 -7.22 -12.02
CA HIS A 86 -13.30 -8.30 -12.75
C HIS A 86 -12.84 -9.71 -12.42
N HIS A 87 -13.15 -10.16 -11.20
CA HIS A 87 -12.86 -11.50 -10.69
C HIS A 87 -14.13 -12.00 -9.99
N HIS A 88 -14.26 -13.30 -9.75
CA HIS A 88 -15.43 -13.87 -9.10
C HIS A 88 -14.99 -14.90 -8.08
N HIS A 89 -14.67 -14.44 -6.87
CA HIS A 89 -14.23 -15.28 -5.78
C HIS A 89 -15.40 -16.04 -5.12
N HIS A 90 -16.43 -16.42 -5.89
CA HIS A 90 -17.61 -17.15 -5.42
C HIS A 90 -17.82 -18.31 -6.37
N PRO A 1 6.83 19.35 -6.87
CA PRO A 1 6.46 18.39 -7.93
C PRO A 1 6.06 17.01 -7.36
N VAL A 2 6.85 16.46 -6.43
CA VAL A 2 6.63 15.17 -5.78
C VAL A 2 5.47 15.23 -4.78
N THR A 3 5.02 14.08 -4.29
CA THR A 3 3.96 13.91 -3.30
C THR A 3 4.37 14.70 -2.08
N GLU A 4 3.63 15.75 -1.76
CA GLU A 4 3.93 16.60 -0.64
C GLU A 4 2.67 17.18 -0.04
N ALA A 5 1.83 16.29 0.49
CA ALA A 5 0.56 16.65 1.13
C ALA A 5 0.49 16.12 2.57
N GLN A 6 -0.35 16.77 3.37
CA GLN A 6 -0.58 16.46 4.78
C GLN A 6 -1.36 15.14 4.94
N TYR A 7 -1.25 14.55 6.13
CA TYR A 7 -1.87 13.28 6.52
C TYR A 7 -3.39 13.26 6.35
N VAL A 8 -3.89 12.22 5.67
CA VAL A 8 -5.31 11.98 5.44
C VAL A 8 -5.49 10.47 5.62
N ALA A 9 -6.29 10.06 6.60
CA ALA A 9 -6.59 8.67 6.93
C ALA A 9 -7.33 7.99 5.76
N PRO A 10 -7.40 6.64 5.71
CA PRO A 10 -8.09 5.93 4.63
C PRO A 10 -9.59 6.18 4.67
N THR A 11 -10.26 6.19 3.50
CA THR A 11 -11.71 6.42 3.43
C THR A 11 -12.45 5.37 2.59
N ASN A 12 -11.72 4.55 1.85
CA ASN A 12 -12.27 3.47 1.03
C ASN A 12 -11.82 2.20 1.74
N ALA A 13 -12.70 1.19 1.73
CA ALA A 13 -12.48 -0.10 2.37
C ALA A 13 -11.14 -0.76 2.02
N VAL A 14 -10.56 -0.48 0.84
CA VAL A 14 -9.30 -1.12 0.49
C VAL A 14 -8.14 -0.36 1.12
N GLU A 15 -8.20 0.98 1.12
CA GLU A 15 -7.16 1.82 1.70
C GLU A 15 -6.93 1.45 3.16
N SER A 16 -8.02 1.16 3.87
CA SER A 16 -7.93 0.78 5.26
C SER A 16 -7.14 -0.51 5.40
N LYS A 17 -7.46 -1.55 4.63
CA LYS A 17 -6.77 -2.83 4.70
C LYS A 17 -5.27 -2.63 4.52
N LEU A 18 -4.84 -1.95 3.46
CA LEU A 18 -3.43 -1.72 3.22
C LEU A 18 -2.78 -0.87 4.29
N ALA A 19 -3.45 0.19 4.74
CA ALA A 19 -2.91 1.06 5.77
C ALA A 19 -2.64 0.25 7.03
N GLU A 20 -3.50 -0.72 7.30
CA GLU A 20 -3.40 -1.58 8.46
C GLU A 20 -2.16 -2.47 8.30
N ILE A 21 -1.96 -3.08 7.13
CA ILE A 21 -0.79 -3.91 6.89
C ILE A 21 0.46 -3.05 7.07
N TRP A 22 0.48 -1.82 6.57
CA TRP A 22 1.64 -0.94 6.73
C TRP A 22 1.91 -0.70 8.21
N GLU A 23 0.87 -0.47 9.01
CA GLU A 23 1.01 -0.22 10.45
C GLU A 23 1.66 -1.41 11.14
N ARG A 24 1.24 -2.65 10.86
CA ARG A 24 1.84 -3.80 11.54
C ARG A 24 3.26 -4.07 11.09
N VAL A 25 3.51 -3.93 9.80
CA VAL A 25 4.82 -4.16 9.22
C VAL A 25 5.79 -3.11 9.79
N LEU A 26 5.46 -1.83 9.64
CA LEU A 26 6.32 -0.75 10.07
C LEU A 26 6.34 -0.51 11.58
N GLY A 27 5.25 -0.84 12.26
CA GLY A 27 5.07 -0.70 13.70
C GLY A 27 4.61 0.71 14.11
N VAL A 28 4.05 1.50 13.20
CA VAL A 28 3.57 2.86 13.43
C VAL A 28 2.06 2.87 13.28
N SER A 29 1.39 4.00 13.56
CA SER A 29 -0.05 4.07 13.45
C SER A 29 -0.53 5.44 12.98
N GLY A 30 -1.41 5.43 11.98
CA GLY A 30 -1.99 6.62 11.37
C GLY A 30 -1.36 6.83 10.00
N ILE A 31 -1.34 5.79 9.15
CA ILE A 31 -0.78 5.84 7.81
C ILE A 31 -1.79 6.53 6.90
N GLY A 32 -1.35 7.55 6.15
CA GLY A 32 -2.19 8.28 5.23
C GLY A 32 -2.17 7.69 3.82
N ILE A 33 -3.19 8.05 3.04
CA ILE A 33 -3.38 7.61 1.66
C ILE A 33 -2.32 8.18 0.73
N LEU A 34 -1.71 9.29 1.17
CA LEU A 34 -0.68 10.05 0.49
C LEU A 34 0.72 9.90 1.11
N ASP A 35 0.87 9.19 2.23
CA ASP A 35 2.18 9.10 2.84
C ASP A 35 3.07 8.15 2.08
N ASN A 36 4.28 8.61 1.80
CA ASN A 36 5.24 7.80 1.07
C ASN A 36 5.91 6.82 2.01
N PHE A 37 5.76 5.52 1.73
CA PHE A 37 6.29 4.38 2.49
C PHE A 37 7.72 4.58 3.01
N PHE A 38 8.62 5.06 2.14
CA PHE A 38 10.02 5.28 2.49
C PHE A 38 10.19 6.41 3.50
N GLN A 39 9.33 7.43 3.48
CA GLN A 39 9.42 8.56 4.40
C GLN A 39 9.00 8.12 5.81
N ILE A 40 8.08 7.16 5.90
CA ILE A 40 7.56 6.62 7.16
C ILE A 40 8.64 5.76 7.86
N GLY A 41 9.75 5.47 7.19
CA GLY A 41 10.84 4.68 7.70
C GLY A 41 10.99 3.36 6.96
N GLY A 42 10.16 3.12 5.93
CA GLY A 42 10.23 1.91 5.15
C GLY A 42 11.52 1.93 4.32
N HIS A 43 12.04 0.76 4.00
CA HIS A 43 13.23 0.55 3.20
C HIS A 43 12.98 -0.69 2.34
N ALA A 44 13.93 -1.11 1.50
CA ALA A 44 13.77 -2.27 0.61
C ALA A 44 13.24 -3.49 1.37
N LEU A 45 13.84 -3.82 2.51
CA LEU A 45 13.41 -4.97 3.32
C LEU A 45 11.96 -4.84 3.75
N LYS A 46 11.58 -3.68 4.29
CA LYS A 46 10.22 -3.44 4.73
C LYS A 46 9.27 -3.60 3.55
N ALA A 47 9.61 -3.06 2.37
CA ALA A 47 8.78 -3.15 1.18
C ALA A 47 8.47 -4.61 0.86
N MET A 48 9.50 -5.46 0.92
CA MET A 48 9.36 -6.89 0.66
C MET A 48 8.44 -7.51 1.72
N ALA A 49 8.56 -7.09 2.98
CA ALA A 49 7.72 -7.59 4.05
C ALA A 49 6.25 -7.28 3.80
N VAL A 50 5.92 -6.12 3.21
CA VAL A 50 4.52 -5.78 2.93
C VAL A 50 4.02 -6.75 1.85
N ALA A 51 4.77 -6.87 0.76
CA ALA A 51 4.45 -7.74 -0.37
C ALA A 51 4.27 -9.19 0.06
N ALA A 52 5.00 -9.65 1.08
CA ALA A 52 4.91 -11.01 1.59
C ALA A 52 3.51 -11.28 2.14
N GLN A 53 2.94 -10.31 2.87
CA GLN A 53 1.61 -10.42 3.45
C GLN A 53 0.53 -10.17 2.40
N VAL A 54 0.75 -9.18 1.53
CA VAL A 54 -0.21 -8.83 0.52
C VAL A 54 -0.39 -9.97 -0.46
N HIS A 55 0.70 -10.58 -0.94
CA HIS A 55 0.56 -11.64 -1.89
C HIS A 55 -0.21 -12.80 -1.27
N ARG A 56 0.00 -13.08 0.01
CA ARG A 56 -0.71 -14.20 0.63
C ARG A 56 -2.16 -13.88 0.96
N GLU A 57 -2.48 -12.62 1.25
CA GLU A 57 -3.82 -12.21 1.63
C GLU A 57 -4.69 -11.83 0.45
N TYR A 58 -4.18 -10.98 -0.45
CA TYR A 58 -4.91 -10.54 -1.62
C TYR A 58 -4.71 -11.55 -2.76
N GLN A 59 -3.88 -12.58 -2.55
CA GLN A 59 -3.55 -13.65 -3.50
C GLN A 59 -3.13 -13.06 -4.84
N VAL A 60 -2.27 -12.04 -4.77
CA VAL A 60 -1.77 -11.33 -5.94
C VAL A 60 -0.32 -10.90 -5.73
N GLU A 61 0.57 -11.22 -6.67
CA GLU A 61 1.98 -10.85 -6.56
C GLU A 61 2.05 -9.32 -6.59
N LEU A 62 2.68 -8.71 -5.57
CA LEU A 62 2.86 -7.27 -5.42
C LEU A 62 4.36 -7.00 -5.49
N PRO A 63 4.95 -6.96 -6.69
CA PRO A 63 6.37 -6.73 -6.84
C PRO A 63 6.81 -5.33 -6.41
N LEU A 64 8.05 -5.27 -5.95
CA LEU A 64 8.72 -4.05 -5.48
C LEU A 64 8.76 -3.02 -6.61
N LYS A 65 8.74 -3.47 -7.87
CA LYS A 65 8.80 -2.60 -9.03
C LYS A 65 7.73 -1.52 -9.00
N VAL A 66 6.49 -1.83 -8.60
CA VAL A 66 5.45 -0.83 -8.53
C VAL A 66 5.49 -0.18 -7.15
N LEU A 67 5.76 -0.97 -6.10
CA LEU A 67 5.84 -0.50 -4.72
C LEU A 67 6.75 0.71 -4.64
N PHE A 68 7.96 0.61 -5.20
CA PHE A 68 8.94 1.67 -5.22
C PHE A 68 8.54 2.79 -6.18
N ALA A 69 7.93 2.44 -7.31
CA ALA A 69 7.53 3.42 -8.30
C ALA A 69 6.43 4.34 -7.76
N GLN A 70 5.51 3.81 -6.96
CA GLN A 70 4.39 4.53 -6.35
C GLN A 70 4.24 4.03 -4.89
N PRO A 71 5.13 4.46 -3.98
CA PRO A 71 5.10 4.02 -2.59
C PRO A 71 4.00 4.72 -1.79
N THR A 72 2.73 4.50 -2.11
CA THR A 72 1.61 5.13 -1.38
C THR A 72 0.47 4.15 -1.24
N ILE A 73 -0.27 4.24 -0.14
CA ILE A 73 -1.44 3.40 0.14
C ILE A 73 -2.41 3.51 -1.00
N LYS A 74 -2.74 4.74 -1.40
CA LYS A 74 -3.67 5.00 -2.49
C LYS A 74 -3.26 4.25 -3.76
N ALA A 75 -1.99 4.35 -4.12
CA ALA A 75 -1.41 3.71 -5.29
C ALA A 75 -1.55 2.20 -5.28
N LEU A 76 -1.15 1.54 -4.19
CA LEU A 76 -1.18 0.11 -4.00
C LEU A 76 -2.62 -0.34 -3.93
N ALA A 77 -3.47 0.37 -3.20
CA ALA A 77 -4.88 0.05 -3.05
C ALA A 77 -5.50 -0.04 -4.45
N GLN A 78 -5.26 0.98 -5.27
CA GLN A 78 -5.78 1.08 -6.63
C GLN A 78 -5.15 0.05 -7.55
N TYR A 79 -3.84 -0.16 -7.45
CA TYR A 79 -3.11 -1.12 -8.27
C TYR A 79 -3.59 -2.52 -7.97
N VAL A 80 -3.77 -2.80 -6.68
CA VAL A 80 -4.22 -4.14 -6.29
C VAL A 80 -5.70 -4.31 -6.62
N ALA A 81 -6.48 -3.25 -6.46
CA ALA A 81 -7.92 -3.28 -6.74
C ALA A 81 -8.17 -3.52 -8.22
N THR A 82 -7.50 -2.77 -9.10
CA THR A 82 -7.65 -2.89 -10.53
C THR A 82 -7.16 -4.25 -11.02
N ARG A 83 -6.20 -4.89 -10.34
CA ARG A 83 -5.64 -6.16 -10.77
C ARG A 83 -6.25 -7.38 -10.08
N SER A 84 -7.10 -7.16 -9.07
CA SER A 84 -7.80 -8.18 -8.30
C SER A 84 -9.29 -7.86 -8.33
N HIS A 85 -9.81 -7.39 -9.48
CA HIS A 85 -11.20 -7.05 -9.69
C HIS A 85 -12.11 -8.21 -9.27
N HIS A 86 -12.95 -8.01 -8.25
CA HIS A 86 -13.88 -8.99 -7.73
C HIS A 86 -15.19 -8.98 -8.53
N HIS A 87 -15.36 -8.05 -9.47
CA HIS A 87 -16.53 -7.95 -10.32
C HIS A 87 -16.31 -8.87 -11.52
N HIS A 88 -17.41 -9.36 -12.09
CA HIS A 88 -17.38 -10.23 -13.24
C HIS A 88 -16.84 -9.42 -14.43
N HIS A 89 -15.73 -9.88 -14.99
CA HIS A 89 -15.04 -9.30 -16.14
C HIS A 89 -14.80 -10.48 -17.09
N HIS A 90 -14.87 -10.22 -18.39
CA HIS A 90 -14.67 -11.24 -19.41
C HIS A 90 -13.22 -11.75 -19.44
N PRO A 1 6.55 16.16 -6.97
CA PRO A 1 7.95 15.88 -6.59
C PRO A 1 8.07 15.40 -5.14
N VAL A 2 7.32 16.00 -4.20
CA VAL A 2 7.34 15.65 -2.78
C VAL A 2 5.91 15.61 -2.24
N THR A 3 5.74 15.14 -1.01
CA THR A 3 4.47 15.03 -0.31
C THR A 3 4.10 16.41 0.23
N GLU A 4 3.66 17.32 -0.65
CA GLU A 4 3.27 18.68 -0.26
C GLU A 4 1.94 18.66 0.52
N ALA A 5 1.28 17.50 0.60
CA ALA A 5 0.04 17.26 1.30
C ALA A 5 0.34 16.89 2.76
N GLN A 6 -0.70 16.67 3.57
CA GLN A 6 -0.60 16.28 4.97
C GLN A 6 -1.32 14.95 5.15
N TYR A 7 -0.96 14.16 6.16
CA TYR A 7 -1.55 12.86 6.49
C TYR A 7 -3.07 12.93 6.44
N VAL A 8 -3.67 12.11 5.59
CA VAL A 8 -5.11 11.98 5.39
C VAL A 8 -5.41 10.48 5.46
N ALA A 9 -6.24 10.10 6.41
CA ALA A 9 -6.67 8.72 6.66
C ALA A 9 -7.30 8.10 5.40
N PRO A 10 -7.38 6.76 5.30
CA PRO A 10 -7.97 6.08 4.15
C PRO A 10 -9.46 6.44 4.01
N THR A 11 -9.98 6.38 2.79
CA THR A 11 -11.39 6.71 2.51
C THR A 11 -12.12 5.61 1.74
N ASN A 12 -11.38 4.66 1.16
CA ASN A 12 -11.94 3.53 0.42
C ASN A 12 -11.49 2.31 1.19
N ALA A 13 -12.32 1.27 1.25
CA ALA A 13 -12.01 0.05 1.97
C ALA A 13 -10.68 -0.56 1.51
N VAL A 14 -10.29 -0.35 0.26
CA VAL A 14 -9.06 -0.89 -0.28
C VAL A 14 -7.88 -0.18 0.36
N GLU A 15 -7.95 1.14 0.46
CA GLU A 15 -6.89 1.95 1.04
C GLU A 15 -6.70 1.51 2.50
N SER A 16 -7.83 1.30 3.17
CA SER A 16 -7.85 0.87 4.55
C SER A 16 -7.18 -0.49 4.71
N LYS A 17 -7.56 -1.47 3.89
CA LYS A 17 -7.02 -2.82 3.94
C LYS A 17 -5.51 -2.82 3.80
N LEU A 18 -5.00 -2.21 2.73
CA LEU A 18 -3.57 -2.13 2.52
C LEU A 18 -2.86 -1.35 3.62
N ALA A 19 -3.47 -0.27 4.13
CA ALA A 19 -2.88 0.53 5.20
C ALA A 19 -2.67 -0.34 6.44
N GLU A 20 -3.54 -1.32 6.69
CA GLU A 20 -3.38 -2.19 7.86
C GLU A 20 -2.08 -2.97 7.72
N ILE A 21 -1.85 -3.57 6.54
CA ILE A 21 -0.66 -4.37 6.26
C ILE A 21 0.59 -3.51 6.54
N TRP A 22 0.54 -2.22 6.19
CA TRP A 22 1.65 -1.31 6.43
C TRP A 22 1.82 -1.11 7.93
N GLU A 23 0.73 -0.89 8.67
CA GLU A 23 0.76 -0.67 10.11
C GLU A 23 1.48 -1.83 10.81
N ARG A 24 1.23 -3.08 10.42
CA ARG A 24 1.88 -4.22 11.04
C ARG A 24 3.36 -4.33 10.69
N VAL A 25 3.72 -4.11 9.43
CA VAL A 25 5.11 -4.21 8.95
C VAL A 25 5.96 -3.06 9.48
N LEU A 26 5.43 -1.84 9.42
CA LEU A 26 6.11 -0.64 9.87
C LEU A 26 6.12 -0.56 11.39
N GLY A 27 5.07 -1.07 12.03
CA GLY A 27 4.92 -1.06 13.48
C GLY A 27 4.48 0.32 13.96
N VAL A 28 3.59 0.96 13.20
CA VAL A 28 3.03 2.28 13.49
C VAL A 28 1.51 2.20 13.26
N SER A 29 0.77 3.25 13.63
CA SER A 29 -0.67 3.33 13.44
C SER A 29 -0.96 4.78 13.10
N GLY A 30 -1.68 5.01 12.00
CA GLY A 30 -2.08 6.31 11.47
C GLY A 30 -1.53 6.51 10.05
N ILE A 31 -1.54 5.47 9.22
CA ILE A 31 -1.05 5.52 7.85
C ILE A 31 -2.08 6.22 6.96
N GLY A 32 -1.67 7.25 6.23
CA GLY A 32 -2.54 7.97 5.32
C GLY A 32 -2.45 7.44 3.91
N ILE A 33 -3.20 8.06 3.00
CA ILE A 33 -3.24 7.67 1.60
C ILE A 33 -2.03 8.18 0.83
N LEU A 34 -1.45 9.29 1.28
CA LEU A 34 -0.30 9.96 0.69
C LEU A 34 0.99 9.79 1.49
N ASP A 35 0.92 9.15 2.66
CA ASP A 35 2.06 8.93 3.54
C ASP A 35 3.06 8.08 2.77
N ASN A 36 4.30 8.58 2.63
CA ASN A 36 5.35 7.89 1.89
C ASN A 36 5.96 6.78 2.74
N PHE A 37 5.81 5.53 2.31
CA PHE A 37 6.33 4.35 3.01
C PHE A 37 7.78 4.53 3.51
N PHE A 38 8.68 5.04 2.66
CA PHE A 38 10.08 5.26 2.99
C PHE A 38 10.28 6.35 4.05
N GLN A 39 9.39 7.34 4.09
CA GLN A 39 9.44 8.44 5.04
C GLN A 39 8.87 8.03 6.39
N ILE A 40 7.89 7.11 6.41
CA ILE A 40 7.27 6.66 7.65
C ILE A 40 8.26 5.79 8.45
N GLY A 41 9.28 5.21 7.79
CA GLY A 41 10.30 4.37 8.40
C GLY A 41 10.53 3.06 7.65
N GLY A 42 9.74 2.77 6.62
CA GLY A 42 9.91 1.55 5.84
C GLY A 42 11.15 1.64 4.98
N HIS A 43 11.69 0.50 4.57
CA HIS A 43 12.88 0.40 3.74
C HIS A 43 12.73 -0.80 2.81
N ALA A 44 13.69 -1.03 1.92
CA ALA A 44 13.72 -2.12 0.93
C ALA A 44 13.31 -3.46 1.54
N LEU A 45 13.95 -3.86 2.64
CA LEU A 45 13.64 -5.12 3.31
C LEU A 45 12.19 -5.19 3.78
N LYS A 46 11.59 -4.09 4.26
CA LYS A 46 10.20 -4.12 4.69
C LYS A 46 9.25 -4.13 3.50
N ALA A 47 9.58 -3.40 2.43
CA ALA A 47 8.78 -3.26 1.22
C ALA A 47 8.46 -4.59 0.58
N MET A 48 9.42 -5.50 0.55
CA MET A 48 9.21 -6.82 -0.04
C MET A 48 8.13 -7.57 0.74
N ALA A 49 8.23 -7.50 2.07
CA ALA A 49 7.33 -8.15 3.01
C ALA A 49 5.90 -7.64 2.82
N VAL A 50 5.70 -6.38 2.44
CA VAL A 50 4.35 -5.86 2.22
C VAL A 50 3.76 -6.65 1.04
N ALA A 51 4.48 -6.68 -0.09
CA ALA A 51 4.06 -7.38 -1.29
C ALA A 51 3.83 -8.87 -0.99
N ALA A 52 4.61 -9.49 -0.10
CA ALA A 52 4.48 -10.88 0.25
C ALA A 52 3.09 -11.20 0.81
N GLN A 53 2.64 -10.43 1.80
CA GLN A 53 1.33 -10.64 2.44
C GLN A 53 0.18 -10.23 1.52
N VAL A 54 0.43 -9.23 0.68
CA VAL A 54 -0.52 -8.73 -0.28
C VAL A 54 -0.72 -9.80 -1.35
N HIS A 55 0.35 -10.43 -1.81
CA HIS A 55 0.26 -11.43 -2.85
C HIS A 55 -0.63 -12.56 -2.40
N ARG A 56 -0.53 -12.96 -1.15
CA ARG A 56 -1.35 -14.05 -0.66
C ARG A 56 -2.80 -13.67 -0.38
N GLU A 57 -3.05 -12.43 0.07
CA GLU A 57 -4.41 -12.00 0.42
C GLU A 57 -5.19 -11.42 -0.74
N TYR A 58 -4.54 -10.65 -1.59
CA TYR A 58 -5.17 -10.03 -2.74
C TYR A 58 -4.88 -10.90 -3.98
N GLN A 59 -4.16 -12.02 -3.82
CA GLN A 59 -3.82 -12.95 -4.89
C GLN A 59 -3.20 -12.19 -6.07
N VAL A 60 -2.38 -11.16 -5.80
CA VAL A 60 -1.75 -10.33 -6.81
C VAL A 60 -0.29 -10.00 -6.50
N GLU A 61 0.59 -10.23 -7.47
CA GLU A 61 1.99 -9.95 -7.33
C GLU A 61 2.21 -8.45 -7.59
N LEU A 62 2.67 -7.74 -6.56
CA LEU A 62 2.96 -6.32 -6.55
C LEU A 62 4.49 -6.22 -6.56
N PRO A 63 5.11 -6.10 -7.75
CA PRO A 63 6.56 -6.00 -7.85
C PRO A 63 7.04 -4.71 -7.21
N LEU A 64 8.29 -4.75 -6.73
CA LEU A 64 8.99 -3.65 -6.08
C LEU A 64 8.95 -2.41 -6.96
N LYS A 65 8.88 -2.59 -8.28
CA LYS A 65 8.84 -1.51 -9.26
C LYS A 65 7.75 -0.51 -8.96
N VAL A 66 6.60 -0.97 -8.52
CA VAL A 66 5.47 -0.09 -8.20
C VAL A 66 5.60 0.39 -6.76
N LEU A 67 6.04 -0.48 -5.85
CA LEU A 67 6.21 -0.16 -4.45
C LEU A 67 7.18 1.01 -4.27
N PHE A 68 8.36 0.93 -4.89
CA PHE A 68 9.40 1.93 -4.85
C PHE A 68 9.02 3.12 -5.72
N ALA A 69 8.45 2.89 -6.91
CA ALA A 69 8.10 4.02 -7.75
C ALA A 69 6.97 4.88 -7.20
N GLN A 70 6.02 4.27 -6.47
CA GLN A 70 4.88 4.93 -5.89
C GLN A 70 4.65 4.36 -4.48
N PRO A 71 5.48 4.73 -3.50
CA PRO A 71 5.39 4.26 -2.12
C PRO A 71 4.25 4.96 -1.40
N THR A 72 3.01 4.80 -1.86
CA THR A 72 1.87 5.45 -1.24
C THR A 72 0.69 4.48 -1.24
N ILE A 73 -0.16 4.57 -0.22
CA ILE A 73 -1.33 3.72 -0.09
C ILE A 73 -2.24 3.99 -1.27
N LYS A 74 -2.44 5.24 -1.66
CA LYS A 74 -3.30 5.55 -2.81
C LYS A 74 -2.85 4.76 -4.06
N ALA A 75 -1.55 4.71 -4.29
CA ALA A 75 -0.93 4.03 -5.43
C ALA A 75 -1.11 2.52 -5.43
N LEU A 76 -0.91 1.87 -4.29
CA LEU A 76 -1.02 0.44 -4.12
C LEU A 76 -2.50 0.07 -4.16
N ALA A 77 -3.37 0.88 -3.58
CA ALA A 77 -4.80 0.64 -3.55
C ALA A 77 -5.34 0.58 -4.97
N GLN A 78 -5.03 1.59 -5.80
CA GLN A 78 -5.50 1.63 -7.18
C GLN A 78 -4.82 0.54 -8.02
N TYR A 79 -3.53 0.30 -7.80
CA TYR A 79 -2.76 -0.70 -8.53
C TYR A 79 -3.38 -2.07 -8.28
N VAL A 80 -3.62 -2.37 -7.01
CA VAL A 80 -4.21 -3.65 -6.67
C VAL A 80 -5.68 -3.69 -7.09
N ALA A 81 -6.45 -2.62 -6.90
CA ALA A 81 -7.87 -2.59 -7.24
C ALA A 81 -8.17 -2.93 -8.70
N THR A 82 -7.34 -2.43 -9.62
CA THR A 82 -7.53 -2.66 -11.04
C THR A 82 -7.17 -4.10 -11.42
N ARG A 83 -6.31 -4.77 -10.65
CA ARG A 83 -5.88 -6.14 -10.92
C ARG A 83 -6.85 -7.11 -10.25
N SER A 84 -7.21 -6.84 -9.01
CA SER A 84 -8.12 -7.58 -8.18
C SER A 84 -9.57 -7.17 -8.51
N HIS A 85 -9.87 -6.94 -9.80
CA HIS A 85 -11.18 -6.52 -10.24
C HIS A 85 -12.27 -7.54 -9.92
N HIS A 86 -13.47 -7.02 -9.64
CA HIS A 86 -14.70 -7.74 -9.32
C HIS A 86 -15.33 -8.36 -10.58
N HIS A 87 -14.58 -8.34 -11.69
CA HIS A 87 -14.92 -8.84 -13.00
C HIS A 87 -15.31 -10.31 -12.88
N HIS A 88 -16.59 -10.59 -13.09
CA HIS A 88 -17.20 -11.91 -13.01
C HIS A 88 -16.68 -12.69 -11.80
N HIS A 89 -17.01 -12.17 -10.62
CA HIS A 89 -16.64 -12.74 -9.33
C HIS A 89 -17.75 -12.44 -8.33
N HIS A 90 -17.72 -13.13 -7.19
CA HIS A 90 -18.67 -13.00 -6.10
C HIS A 90 -18.50 -11.62 -5.48
N PRO A 1 1.49 12.68 -10.15
CA PRO A 1 0.49 12.81 -9.07
C PRO A 1 1.11 12.72 -7.67
N VAL A 2 2.45 12.71 -7.53
CA VAL A 2 3.10 12.66 -6.23
C VAL A 2 2.85 13.95 -5.44
N THR A 3 3.16 13.90 -4.15
CA THR A 3 3.00 15.02 -3.27
C THR A 3 3.89 14.81 -2.05
N GLU A 4 4.05 15.89 -1.31
CA GLU A 4 4.80 16.01 -0.06
C GLU A 4 3.85 16.66 0.95
N ALA A 5 2.55 16.39 0.81
CA ALA A 5 1.48 16.88 1.64
C ALA A 5 1.56 16.26 3.04
N GLN A 6 0.90 16.95 3.97
CA GLN A 6 0.79 16.62 5.37
C GLN A 6 0.14 15.25 5.59
N TYR A 7 0.44 14.60 6.71
CA TYR A 7 -0.11 13.29 7.10
C TYR A 7 -1.63 13.39 7.14
N VAL A 8 -2.34 12.45 6.51
CA VAL A 8 -3.80 12.39 6.49
C VAL A 8 -4.18 10.93 6.49
N ALA A 9 -4.87 10.49 7.54
CA ALA A 9 -5.34 9.12 7.72
C ALA A 9 -6.30 8.71 6.59
N PRO A 10 -6.51 7.40 6.37
CA PRO A 10 -7.42 6.88 5.35
C PRO A 10 -8.85 7.40 5.47
N THR A 11 -9.54 7.26 4.34
CA THR A 11 -10.91 7.67 4.15
C THR A 11 -11.78 6.56 3.58
N ASN A 12 -11.23 5.75 2.67
CA ASN A 12 -11.99 4.67 2.04
C ASN A 12 -11.85 3.40 2.86
N ALA A 13 -12.72 2.44 2.62
CA ALA A 13 -12.71 1.17 3.33
C ALA A 13 -11.44 0.39 3.03
N VAL A 14 -10.85 0.54 1.84
CA VAL A 14 -9.65 -0.18 1.45
C VAL A 14 -8.43 0.44 2.11
N GLU A 15 -8.31 1.77 2.00
CA GLU A 15 -7.20 2.52 2.56
C GLU A 15 -7.08 2.21 4.04
N SER A 16 -8.23 2.14 4.71
CA SER A 16 -8.37 1.84 6.12
C SER A 16 -7.67 0.53 6.47
N LYS A 17 -7.71 -0.50 5.62
CA LYS A 17 -7.04 -1.77 5.89
C LYS A 17 -5.54 -1.67 5.67
N LEU A 18 -5.12 -1.28 4.47
CA LEU A 18 -3.71 -1.17 4.08
C LEU A 18 -2.91 -0.31 5.05
N ALA A 19 -3.45 0.83 5.49
CA ALA A 19 -2.76 1.71 6.42
C ALA A 19 -2.39 0.96 7.70
N GLU A 20 -3.23 0.01 8.13
CA GLU A 20 -2.98 -0.77 9.34
C GLU A 20 -1.94 -1.86 9.06
N ILE A 21 -1.95 -2.42 7.86
CA ILE A 21 -1.01 -3.46 7.44
C ILE A 21 0.40 -2.87 7.45
N TRP A 22 0.55 -1.59 7.08
CA TRP A 22 1.81 -0.87 7.06
C TRP A 22 2.42 -0.76 8.46
N GLU A 23 1.57 -0.65 9.49
CA GLU A 23 2.04 -0.57 10.87
C GLU A 23 2.75 -1.86 11.26
N ARG A 24 2.24 -3.01 10.78
CA ARG A 24 2.79 -4.35 11.06
C ARG A 24 4.15 -4.62 10.43
N VAL A 25 4.59 -3.83 9.46
CA VAL A 25 5.88 -4.02 8.80
C VAL A 25 6.88 -2.98 9.29
N LEU A 26 6.53 -1.70 9.20
CA LEU A 26 7.37 -0.58 9.63
C LEU A 26 7.50 -0.52 11.15
N GLY A 27 6.51 -1.01 11.89
CA GLY A 27 6.52 -0.97 13.35
C GLY A 27 6.26 0.44 13.83
N VAL A 28 5.37 1.18 13.18
CA VAL A 28 4.99 2.55 13.51
C VAL A 28 3.46 2.63 13.58
N SER A 29 2.91 3.77 13.99
CA SER A 29 1.49 4.01 14.11
C SER A 29 1.16 5.37 13.51
N GLY A 30 0.05 5.43 12.76
CA GLY A 30 -0.43 6.65 12.13
C GLY A 30 0.03 6.75 10.69
N ILE A 31 -0.44 5.81 9.87
CA ILE A 31 -0.15 5.77 8.45
C ILE A 31 -1.26 6.57 7.77
N GLY A 32 -0.93 7.33 6.75
CA GLY A 32 -1.83 8.14 5.97
C GLY A 32 -1.94 7.63 4.55
N ILE A 33 -2.65 8.39 3.71
CA ILE A 33 -2.81 8.06 2.30
C ILE A 33 -1.68 8.54 1.40
N LEU A 34 -1.03 9.63 1.79
CA LEU A 34 0.03 10.30 1.04
C LEU A 34 1.44 10.14 1.57
N ASP A 35 1.65 9.39 2.64
CA ASP A 35 2.95 9.24 3.24
C ASP A 35 3.76 8.19 2.49
N ASN A 36 4.94 8.60 2.02
CA ASN A 36 5.85 7.76 1.27
C ASN A 36 6.46 6.69 2.16
N PHE A 37 6.26 5.42 1.79
CA PHE A 37 6.75 4.23 2.50
C PHE A 37 8.23 4.35 2.86
N PHE A 38 9.05 4.77 1.89
CA PHE A 38 10.48 4.92 2.08
C PHE A 38 10.82 6.10 2.99
N GLN A 39 10.02 7.17 3.01
CA GLN A 39 10.28 8.32 3.86
C GLN A 39 10.07 7.92 5.32
N ILE A 40 9.13 7.00 5.56
CA ILE A 40 8.82 6.49 6.90
C ILE A 40 9.98 5.56 7.36
N GLY A 41 10.89 5.18 6.46
CA GLY A 41 12.06 4.33 6.72
C GLY A 41 11.99 2.96 6.05
N GLY A 42 10.97 2.67 5.25
CA GLY A 42 10.83 1.39 4.57
C GLY A 42 11.96 1.16 3.57
N HIS A 43 12.28 -0.12 3.32
CA HIS A 43 13.30 -0.57 2.39
C HIS A 43 12.76 -1.77 1.61
N ALA A 44 13.50 -2.29 0.64
CA ALA A 44 13.09 -3.42 -0.19
C ALA A 44 12.54 -4.59 0.62
N LEU A 45 13.24 -5.05 1.67
CA LEU A 45 12.76 -6.15 2.50
C LEU A 45 11.36 -5.83 3.03
N LYS A 46 11.19 -4.65 3.63
CA LYS A 46 9.90 -4.26 4.16
C LYS A 46 8.85 -4.26 3.05
N ALA A 47 9.15 -3.64 1.90
CA ALA A 47 8.27 -3.52 0.73
C ALA A 47 7.78 -4.91 0.30
N MET A 48 8.71 -5.85 0.22
CA MET A 48 8.44 -7.23 -0.17
C MET A 48 7.58 -7.89 0.89
N ALA A 49 7.83 -7.63 2.18
CA ALA A 49 7.06 -8.20 3.27
C ALA A 49 5.61 -7.72 3.22
N VAL A 50 5.33 -6.47 2.83
CA VAL A 50 3.96 -5.98 2.77
C VAL A 50 3.27 -6.76 1.65
N ALA A 51 3.91 -6.77 0.48
CA ALA A 51 3.43 -7.42 -0.71
C ALA A 51 3.15 -8.90 -0.51
N ALA A 52 3.90 -9.57 0.37
CA ALA A 52 3.69 -10.98 0.65
C ALA A 52 2.36 -11.16 1.38
N GLN A 53 2.11 -10.38 2.44
CA GLN A 53 0.89 -10.46 3.23
C GLN A 53 -0.30 -9.98 2.43
N VAL A 54 -0.13 -8.91 1.67
CA VAL A 54 -1.15 -8.33 0.86
C VAL A 54 -1.56 -9.34 -0.20
N HIS A 55 -0.59 -9.94 -0.90
CA HIS A 55 -0.95 -10.89 -1.93
C HIS A 55 -1.71 -12.05 -1.37
N ARG A 56 -1.29 -12.52 -0.21
CA ARG A 56 -1.96 -13.67 0.38
C ARG A 56 -3.32 -13.34 1.00
N GLU A 57 -3.51 -12.13 1.52
CA GLU A 57 -4.76 -11.72 2.15
C GLU A 57 -5.76 -11.25 1.11
N TYR A 58 -5.33 -10.37 0.19
CA TYR A 58 -6.19 -9.86 -0.87
C TYR A 58 -6.16 -10.79 -2.09
N GLN A 59 -5.35 -11.86 -2.09
CA GLN A 59 -5.25 -12.80 -3.22
C GLN A 59 -4.81 -12.09 -4.51
N VAL A 60 -3.90 -11.12 -4.43
CA VAL A 60 -3.43 -10.34 -5.59
C VAL A 60 -1.98 -9.83 -5.42
N GLU A 61 -1.10 -10.11 -6.39
CA GLU A 61 0.33 -9.73 -6.33
C GLU A 61 0.59 -8.22 -6.33
N LEU A 62 1.59 -7.78 -5.55
CA LEU A 62 2.02 -6.39 -5.44
C LEU A 62 3.54 -6.37 -5.64
N PRO A 63 4.04 -6.46 -6.88
CA PRO A 63 5.48 -6.46 -7.13
C PRO A 63 6.10 -5.10 -6.77
N LEU A 64 7.39 -5.13 -6.43
CA LEU A 64 8.16 -3.94 -6.05
C LEU A 64 8.09 -2.87 -7.13
N LYS A 65 7.90 -3.26 -8.39
CA LYS A 65 7.80 -2.37 -9.54
C LYS A 65 6.71 -1.31 -9.32
N VAL A 66 5.62 -1.65 -8.62
CA VAL A 66 4.52 -0.77 -8.30
C VAL A 66 4.85 -0.05 -7.00
N LEU A 67 5.21 -0.82 -5.96
CA LEU A 67 5.54 -0.37 -4.61
C LEU A 67 6.53 0.79 -4.66
N PHE A 68 7.62 0.66 -5.42
CA PHE A 68 8.63 1.71 -5.53
C PHE A 68 8.21 2.81 -6.49
N ALA A 69 7.37 2.48 -7.48
CA ALA A 69 6.93 3.50 -8.41
C ALA A 69 6.02 4.49 -7.69
N GLN A 70 5.14 3.97 -6.84
CA GLN A 70 4.17 4.75 -6.09
C GLN A 70 4.10 4.18 -4.66
N PRO A 71 5.07 4.54 -3.80
CA PRO A 71 5.16 4.08 -2.42
C PRO A 71 4.16 4.77 -1.50
N THR A 72 2.86 4.73 -1.79
CA THR A 72 1.85 5.38 -0.96
C THR A 72 0.60 4.53 -0.87
N ILE A 73 -0.09 4.60 0.28
CA ILE A 73 -1.33 3.87 0.54
C ILE A 73 -2.33 4.20 -0.56
N LYS A 74 -2.47 5.48 -0.94
CA LYS A 74 -3.41 5.89 -2.00
C LYS A 74 -3.17 5.12 -3.30
N ALA A 75 -1.92 4.87 -3.64
CA ALA A 75 -1.55 4.14 -4.85
C ALA A 75 -1.89 2.65 -4.75
N LEU A 76 -1.46 1.99 -3.67
CA LEU A 76 -1.65 0.57 -3.41
C LEU A 76 -3.12 0.28 -3.22
N ALA A 77 -3.87 1.14 -2.54
CA ALA A 77 -5.29 0.96 -2.30
C ALA A 77 -6.02 0.80 -3.63
N GLN A 78 -5.78 1.73 -4.55
CA GLN A 78 -6.40 1.76 -5.87
C GLN A 78 -5.82 0.69 -6.79
N TYR A 79 -4.52 0.42 -6.70
CA TYR A 79 -3.88 -0.61 -7.51
C TYR A 79 -4.47 -1.95 -7.08
N VAL A 80 -4.65 -2.14 -5.78
CA VAL A 80 -5.21 -3.42 -5.32
C VAL A 80 -6.69 -3.48 -5.73
N ALA A 81 -7.45 -2.38 -5.56
CA ALA A 81 -8.86 -2.32 -5.92
C ALA A 81 -9.12 -2.63 -7.40
N THR A 82 -8.36 -2.03 -8.31
CA THR A 82 -8.55 -2.26 -9.74
C THR A 82 -8.27 -3.72 -10.11
N ARG A 83 -7.55 -4.47 -9.27
CA ARG A 83 -7.22 -5.86 -9.53
C ARG A 83 -8.12 -6.83 -8.76
N SER A 84 -8.68 -6.42 -7.64
CA SER A 84 -9.57 -7.29 -6.87
C SER A 84 -10.79 -7.70 -7.71
N HIS A 85 -11.26 -6.78 -8.55
CA HIS A 85 -12.38 -6.97 -9.45
C HIS A 85 -12.01 -8.07 -10.46
N HIS A 86 -12.79 -9.14 -10.52
CA HIS A 86 -12.50 -10.22 -11.47
C HIS A 86 -12.78 -9.67 -12.87
N HIS A 87 -11.94 -10.00 -13.86
CA HIS A 87 -12.10 -9.55 -15.24
C HIS A 87 -11.67 -10.67 -16.19
N HIS A 88 -12.56 -11.00 -17.12
CA HIS A 88 -12.33 -12.03 -18.12
C HIS A 88 -11.34 -11.50 -19.15
N HIS A 89 -10.09 -11.91 -19.00
CA HIS A 89 -8.92 -11.63 -19.81
C HIS A 89 -8.26 -13.00 -19.80
N HIS A 90 -8.51 -13.75 -20.88
CA HIS A 90 -7.99 -15.10 -21.07
C HIS A 90 -6.51 -14.98 -21.38
N PRO A 1 3.13 12.74 -8.70
CA PRO A 1 2.61 11.94 -7.56
C PRO A 1 2.94 12.56 -6.21
N VAL A 2 3.87 13.51 -6.14
CA VAL A 2 4.27 14.17 -4.90
C VAL A 2 3.03 14.82 -4.27
N THR A 3 3.05 14.99 -2.96
CA THR A 3 2.01 15.60 -2.16
C THR A 3 2.70 16.49 -1.12
N GLU A 4 2.00 17.48 -0.59
CA GLU A 4 2.55 18.39 0.41
C GLU A 4 1.53 18.66 1.51
N ALA A 5 0.88 17.58 1.95
CA ALA A 5 -0.14 17.57 2.99
C ALA A 5 0.39 16.93 4.27
N GLN A 6 -0.32 17.17 5.37
CA GLN A 6 -0.01 16.60 6.67
C GLN A 6 -0.67 15.23 6.75
N TYR A 7 -0.50 14.53 7.87
CA TYR A 7 -1.08 13.21 8.09
C TYR A 7 -2.60 13.23 7.87
N VAL A 8 -3.07 12.37 6.96
CA VAL A 8 -4.47 12.21 6.63
C VAL A 8 -4.71 10.72 6.50
N ALA A 9 -5.55 10.20 7.38
CA ALA A 9 -5.95 8.80 7.46
C ALA A 9 -6.69 8.38 6.17
N PRO A 10 -6.82 7.08 5.90
CA PRO A 10 -7.53 6.59 4.71
C PRO A 10 -8.99 7.07 4.71
N THR A 11 -9.48 7.51 3.55
CA THR A 11 -10.85 8.00 3.42
C THR A 11 -11.74 6.99 2.70
N ASN A 12 -11.15 6.09 1.88
CA ASN A 12 -11.92 5.09 1.17
C ASN A 12 -11.64 3.75 1.84
N ALA A 13 -12.65 2.87 1.86
CA ALA A 13 -12.54 1.55 2.49
C ALA A 13 -11.36 0.73 1.98
N VAL A 14 -10.97 0.87 0.71
CA VAL A 14 -9.86 0.10 0.16
C VAL A 14 -8.56 0.58 0.82
N GLU A 15 -8.40 1.91 0.92
CA GLU A 15 -7.21 2.52 1.50
C GLU A 15 -7.08 2.09 2.96
N SER A 16 -8.22 1.96 3.63
CA SER A 16 -8.29 1.56 5.03
C SER A 16 -7.61 0.20 5.21
N LYS A 17 -7.98 -0.79 4.40
CA LYS A 17 -7.40 -2.13 4.47
C LYS A 17 -5.89 -2.08 4.31
N LEU A 18 -5.41 -1.48 3.22
CA LEU A 18 -3.99 -1.37 2.93
C LEU A 18 -3.22 -0.65 4.03
N ALA A 19 -3.70 0.50 4.50
CA ALA A 19 -3.03 1.26 5.55
C ALA A 19 -2.79 0.40 6.77
N GLU A 20 -3.68 -0.54 7.07
CA GLU A 20 -3.50 -1.39 8.23
C GLU A 20 -2.38 -2.39 8.02
N ILE A 21 -2.23 -2.97 6.83
CA ILE A 21 -1.18 -3.96 6.57
C ILE A 21 0.20 -3.31 6.74
N TRP A 22 0.33 -2.03 6.38
CA TRP A 22 1.59 -1.32 6.53
C TRP A 22 1.98 -1.26 8.00
N GLU A 23 1.01 -0.97 8.86
CA GLU A 23 1.21 -0.85 10.30
C GLU A 23 1.74 -2.15 10.90
N ARG A 24 1.35 -3.28 10.33
CA ARG A 24 1.78 -4.59 10.76
C ARG A 24 3.21 -4.86 10.32
N VAL A 25 3.61 -4.47 9.11
CA VAL A 25 4.96 -4.70 8.62
C VAL A 25 5.92 -3.70 9.27
N LEU A 26 5.65 -2.42 9.14
CA LEU A 26 6.48 -1.35 9.68
C LEU A 26 6.48 -1.36 11.19
N GLY A 27 5.36 -1.71 11.81
CA GLY A 27 5.23 -1.75 13.26
C GLY A 27 4.92 -0.38 13.83
N VAL A 28 4.50 0.59 13.01
CA VAL A 28 4.16 1.95 13.45
C VAL A 28 2.64 2.07 13.29
N SER A 29 2.01 3.11 13.81
CA SER A 29 0.58 3.28 13.72
C SER A 29 0.28 4.73 13.34
N GLY A 30 -0.79 4.90 12.58
CA GLY A 30 -1.29 6.17 12.09
C GLY A 30 -0.87 6.42 10.65
N ILE A 31 -0.85 5.38 9.81
CA ILE A 31 -0.46 5.53 8.41
C ILE A 31 -1.57 6.26 7.66
N GLY A 32 -1.18 7.31 6.94
CA GLY A 32 -2.06 8.13 6.13
C GLY A 32 -1.90 7.81 4.65
N ILE A 33 -2.70 8.43 3.78
CA ILE A 33 -2.71 8.24 2.33
C ILE A 33 -1.47 8.84 1.65
N LEU A 34 -0.86 9.83 2.30
CA LEU A 34 0.34 10.54 1.86
C LEU A 34 1.60 10.19 2.65
N ASP A 35 1.51 9.31 3.64
CA ASP A 35 2.67 8.96 4.45
C ASP A 35 3.57 8.07 3.59
N ASN A 36 4.78 8.54 3.27
CA ASN A 36 5.69 7.80 2.41
C ASN A 36 6.32 6.62 3.11
N PHE A 37 6.15 5.41 2.56
CA PHE A 37 6.67 4.16 3.12
C PHE A 37 8.13 4.25 3.57
N PHE A 38 8.99 4.86 2.75
CA PHE A 38 10.41 5.00 3.07
C PHE A 38 10.66 6.06 4.14
N GLN A 39 9.85 7.13 4.18
CA GLN A 39 9.99 8.22 5.14
C GLN A 39 9.58 7.79 6.55
N ILE A 40 8.63 6.86 6.66
CA ILE A 40 8.14 6.37 7.94
C ILE A 40 9.23 5.52 8.61
N GLY A 41 10.18 4.98 7.84
CA GLY A 41 11.26 4.16 8.35
C GLY A 41 11.38 2.86 7.55
N GLY A 42 10.48 2.59 6.60
CA GLY A 42 10.52 1.40 5.79
C GLY A 42 11.72 1.45 4.86
N HIS A 43 12.10 0.30 4.31
CA HIS A 43 13.22 0.17 3.39
C HIS A 43 12.94 -1.02 2.47
N ALA A 44 13.80 -1.26 1.48
CA ALA A 44 13.69 -2.34 0.49
C ALA A 44 13.34 -3.68 1.15
N LEU A 45 14.09 -4.08 2.18
CA LEU A 45 13.84 -5.33 2.88
C LEU A 45 12.41 -5.40 3.40
N LYS A 46 11.92 -4.32 4.04
CA LYS A 46 10.55 -4.28 4.56
C LYS A 46 9.55 -4.29 3.43
N ALA A 47 9.81 -3.59 2.32
CA ALA A 47 8.93 -3.52 1.16
C ALA A 47 8.60 -4.93 0.66
N MET A 48 9.58 -5.83 0.64
CA MET A 48 9.39 -7.21 0.21
C MET A 48 8.32 -7.89 1.06
N ALA A 49 8.37 -7.66 2.38
CA ALA A 49 7.44 -8.21 3.34
C ALA A 49 6.03 -7.63 3.15
N VAL A 50 5.86 -6.40 2.66
CA VAL A 50 4.55 -5.82 2.43
C VAL A 50 3.94 -6.53 1.22
N ALA A 51 4.68 -6.60 0.11
CA ALA A 51 4.22 -7.25 -1.11
C ALA A 51 3.80 -8.70 -0.86
N ALA A 52 4.47 -9.40 0.06
CA ALA A 52 4.18 -10.78 0.39
C ALA A 52 2.78 -10.92 1.00
N GLN A 53 2.39 -9.92 1.80
CA GLN A 53 1.10 -9.88 2.47
C GLN A 53 0.02 -9.45 1.48
N VAL A 54 0.32 -8.49 0.62
CA VAL A 54 -0.62 -7.99 -0.36
C VAL A 54 -0.94 -9.10 -1.35
N HIS A 55 0.07 -9.80 -1.85
CA HIS A 55 -0.17 -10.85 -2.82
C HIS A 55 -0.98 -11.98 -2.23
N ARG A 56 -0.76 -12.27 -0.96
CA ARG A 56 -1.50 -13.33 -0.30
C ARG A 56 -2.93 -12.96 0.07
N GLU A 57 -3.17 -11.69 0.43
CA GLU A 57 -4.52 -11.29 0.84
C GLU A 57 -5.35 -10.83 -0.34
N TYR A 58 -4.80 -9.95 -1.18
CA TYR A 58 -5.49 -9.43 -2.35
C TYR A 58 -5.33 -10.39 -3.53
N GLN A 59 -4.57 -11.48 -3.36
CA GLN A 59 -4.34 -12.48 -4.39
C GLN A 59 -3.80 -11.82 -5.67
N VAL A 60 -2.98 -10.77 -5.53
CA VAL A 60 -2.47 -10.03 -6.66
C VAL A 60 -1.02 -9.61 -6.44
N GLU A 61 -0.15 -9.84 -7.41
CA GLU A 61 1.25 -9.50 -7.27
C GLU A 61 1.46 -7.97 -7.28
N LEU A 62 2.37 -7.51 -6.42
CA LEU A 62 2.79 -6.13 -6.23
C LEU A 62 4.32 -6.15 -6.35
N PRO A 63 4.88 -5.91 -7.55
CA PRO A 63 6.31 -5.90 -7.74
C PRO A 63 6.89 -4.63 -7.11
N LEU A 64 8.16 -4.71 -6.70
CA LEU A 64 8.88 -3.61 -6.08
C LEU A 64 8.89 -2.38 -6.99
N LYS A 65 8.78 -2.57 -8.31
CA LYS A 65 8.75 -1.48 -9.28
C LYS A 65 7.67 -0.45 -8.99
N VAL A 66 6.52 -0.90 -8.49
CA VAL A 66 5.41 -0.03 -8.18
C VAL A 66 5.61 0.51 -6.76
N LEU A 67 6.08 -0.35 -5.85
CA LEU A 67 6.32 -0.03 -4.46
C LEU A 67 7.32 1.13 -4.36
N PHE A 68 8.45 1.04 -5.06
CA PHE A 68 9.49 2.05 -5.04
C PHE A 68 9.07 3.28 -5.84
N ALA A 69 8.39 3.07 -6.97
CA ALA A 69 7.99 4.21 -7.78
C ALA A 69 6.89 5.03 -7.13
N GLN A 70 5.96 4.39 -6.41
CA GLN A 70 4.84 5.06 -5.77
C GLN A 70 4.61 4.53 -4.34
N PRO A 71 5.54 4.79 -3.40
CA PRO A 71 5.51 4.37 -2.00
C PRO A 71 4.48 5.10 -1.12
N THR A 72 3.22 5.18 -1.54
CA THR A 72 2.16 5.82 -0.77
C THR A 72 0.92 4.92 -0.88
N ILE A 73 0.13 4.89 0.17
CA ILE A 73 -1.10 4.11 0.32
C ILE A 73 -2.03 4.49 -0.81
N LYS A 74 -2.20 5.79 -1.08
CA LYS A 74 -3.08 6.18 -2.18
C LYS A 74 -2.71 5.50 -3.49
N ALA A 75 -1.42 5.42 -3.78
CA ALA A 75 -0.90 4.79 -4.99
C ALA A 75 -1.10 3.27 -5.01
N LEU A 76 -0.79 2.56 -3.94
CA LEU A 76 -0.90 1.13 -3.84
C LEU A 76 -2.37 0.75 -3.81
N ALA A 77 -3.21 1.55 -3.16
CA ALA A 77 -4.64 1.32 -3.08
C ALA A 77 -5.23 1.43 -4.47
N GLN A 78 -4.96 2.51 -5.22
CA GLN A 78 -5.51 2.65 -6.56
C GLN A 78 -4.92 1.59 -7.51
N TYR A 79 -3.63 1.27 -7.36
CA TYR A 79 -2.95 0.27 -8.18
C TYR A 79 -3.58 -1.09 -7.92
N VAL A 80 -3.65 -1.51 -6.66
CA VAL A 80 -4.24 -2.81 -6.32
C VAL A 80 -5.72 -2.83 -6.73
N ALA A 81 -6.45 -1.73 -6.51
CA ALA A 81 -7.86 -1.61 -6.83
C ALA A 81 -8.15 -1.71 -8.32
N THR A 82 -7.41 -0.98 -9.15
CA THR A 82 -7.65 -1.01 -10.58
C THR A 82 -7.15 -2.34 -11.16
N ARG A 83 -6.18 -3.01 -10.53
CA ARG A 83 -5.68 -4.27 -11.08
C ARG A 83 -6.43 -5.48 -10.57
N SER A 84 -7.21 -5.38 -9.49
CA SER A 84 -8.00 -6.49 -8.97
C SER A 84 -9.23 -6.73 -9.86
N HIS A 85 -9.46 -5.87 -10.88
CA HIS A 85 -10.57 -5.97 -11.81
C HIS A 85 -10.56 -7.35 -12.47
N HIS A 86 -11.74 -7.93 -12.70
CA HIS A 86 -11.81 -9.24 -13.31
C HIS A 86 -13.21 -9.58 -13.80
N HIS A 87 -13.28 -10.22 -14.97
CA HIS A 87 -14.52 -10.70 -15.56
C HIS A 87 -14.71 -12.08 -14.97
N HIS A 88 -15.45 -12.17 -13.86
CA HIS A 88 -15.73 -13.44 -13.19
C HIS A 88 -16.56 -14.33 -14.12
N HIS A 89 -16.59 -15.65 -13.88
CA HIS A 89 -17.35 -16.60 -14.68
C HIS A 89 -17.53 -17.89 -13.89
N HIS A 90 -18.42 -18.75 -14.38
CA HIS A 90 -18.78 -20.06 -13.86
C HIS A 90 -18.57 -21.03 -15.00
N PRO A 1 -2.06 27.01 -0.42
CA PRO A 1 -0.82 27.08 0.39
C PRO A 1 -0.31 25.70 0.85
N VAL A 2 -1.15 24.67 0.82
CA VAL A 2 -0.88 23.29 1.20
C VAL A 2 0.11 22.62 0.24
N THR A 3 0.61 21.44 0.60
CA THR A 3 1.52 20.61 -0.17
C THR A 3 0.82 19.26 -0.18
N GLU A 4 0.80 18.56 -1.32
CA GLU A 4 0.14 17.25 -1.47
C GLU A 4 0.74 16.11 -0.63
N ALA A 5 1.73 16.42 0.21
CA ALA A 5 2.42 15.51 1.11
C ALA A 5 1.85 15.53 2.53
N GLN A 6 0.90 16.42 2.82
CA GLN A 6 0.29 16.51 4.14
C GLN A 6 -0.41 15.19 4.46
N TYR A 7 -0.43 14.77 5.72
CA TYR A 7 -1.08 13.51 6.11
C TYR A 7 -2.56 13.50 5.74
N VAL A 8 -2.98 12.53 4.93
CA VAL A 8 -4.37 12.35 4.56
C VAL A 8 -4.56 10.84 4.63
N ALA A 9 -5.43 10.41 5.54
CA ALA A 9 -5.76 9.03 5.76
C ALA A 9 -6.51 8.45 4.55
N PRO A 10 -6.52 7.11 4.40
CA PRO A 10 -7.19 6.40 3.31
C PRO A 10 -8.66 6.84 3.22
N THR A 11 -9.11 7.21 2.04
CA THR A 11 -10.47 7.67 1.76
C THR A 11 -11.28 6.55 1.12
N ASN A 12 -10.62 5.55 0.52
CA ASN A 12 -11.31 4.40 -0.08
C ASN A 12 -10.99 3.22 0.82
N ALA A 13 -11.90 2.26 0.93
CA ALA A 13 -11.68 1.10 1.76
C ALA A 13 -10.49 0.27 1.29
N VAL A 14 -10.08 0.31 0.02
CA VAL A 14 -8.93 -0.51 -0.39
C VAL A 14 -7.69 0.06 0.26
N GLU A 15 -7.57 1.38 0.21
CA GLU A 15 -6.46 2.11 0.78
C GLU A 15 -6.37 1.80 2.25
N SER A 16 -7.53 1.72 2.91
CA SER A 16 -7.65 1.41 4.33
C SER A 16 -7.02 0.05 4.62
N LYS A 17 -7.38 -0.98 3.86
CA LYS A 17 -6.86 -2.33 4.05
C LYS A 17 -5.35 -2.35 3.92
N LEU A 18 -4.79 -1.84 2.83
CA LEU A 18 -3.34 -1.83 2.67
C LEU A 18 -2.66 -1.00 3.76
N ALA A 19 -3.20 0.17 4.09
CA ALA A 19 -2.66 1.05 5.13
C ALA A 19 -2.65 0.33 6.47
N GLU A 20 -3.64 -0.54 6.71
CA GLU A 20 -3.70 -1.27 7.97
C GLU A 20 -2.49 -2.19 8.05
N ILE A 21 -2.19 -2.94 6.99
CA ILE A 21 -1.05 -3.84 6.96
C ILE A 21 0.26 -3.06 7.11
N TRP A 22 0.37 -1.84 6.58
CA TRP A 22 1.58 -1.06 6.73
C TRP A 22 1.86 -0.82 8.21
N GLU A 23 0.81 -0.54 8.99
CA GLU A 23 0.94 -0.32 10.44
C GLU A 23 1.40 -1.61 11.10
N ARG A 24 0.87 -2.76 10.66
CA ARG A 24 1.22 -4.06 11.23
C ARG A 24 2.66 -4.45 10.94
N VAL A 25 3.21 -4.05 9.79
CA VAL A 25 4.57 -4.37 9.43
C VAL A 25 5.53 -3.35 10.04
N LEU A 26 5.33 -2.06 9.82
CA LEU A 26 6.21 -1.01 10.32
C LEU A 26 6.05 -0.73 11.81
N GLY A 27 4.89 -0.99 12.39
CA GLY A 27 4.57 -0.77 13.80
C GLY A 27 4.10 0.67 14.07
N VAL A 28 3.73 1.41 13.02
CA VAL A 28 3.28 2.80 13.07
C VAL A 28 1.75 2.90 13.13
N SER A 29 1.20 4.11 13.27
CA SER A 29 -0.23 4.35 13.36
C SER A 29 -0.55 5.68 12.67
N GLY A 30 -1.38 5.64 11.62
CA GLY A 30 -1.80 6.81 10.86
C GLY A 30 -1.03 6.91 9.56
N ILE A 31 -1.25 5.98 8.64
CA ILE A 31 -0.64 5.90 7.33
C ILE A 31 -1.54 6.67 6.35
N GLY A 32 -0.97 7.63 5.63
CA GLY A 32 -1.68 8.41 4.66
C GLY A 32 -1.51 7.82 3.26
N ILE A 33 -2.34 8.25 2.31
CA ILE A 33 -2.30 7.76 0.95
C ILE A 33 -1.01 8.22 0.23
N LEU A 34 -0.49 9.37 0.66
CA LEU A 34 0.70 10.04 0.14
C LEU A 34 1.99 9.84 0.93
N ASP A 35 1.98 9.13 2.07
CA ASP A 35 3.20 8.97 2.86
C ASP A 35 4.03 7.84 2.27
N ASN A 36 5.26 8.14 1.85
CA ASN A 36 6.15 7.16 1.25
C ASN A 36 6.57 6.12 2.28
N PHE A 37 6.40 4.83 1.96
CA PHE A 37 6.74 3.68 2.80
C PHE A 37 8.15 3.79 3.36
N PHE A 38 9.10 4.19 2.52
CA PHE A 38 10.49 4.34 2.92
C PHE A 38 10.66 5.52 3.88
N GLN A 39 9.92 6.63 3.65
CA GLN A 39 10.00 7.81 4.50
C GLN A 39 9.39 7.54 5.87
N ILE A 40 8.42 6.62 5.97
CA ILE A 40 7.78 6.26 7.22
C ILE A 40 8.77 5.46 8.10
N GLY A 41 9.84 4.93 7.52
CA GLY A 41 10.86 4.16 8.20
C GLY A 41 11.08 2.78 7.59
N GLY A 42 10.37 2.44 6.50
CA GLY A 42 10.51 1.17 5.84
C GLY A 42 11.81 1.15 5.03
N HIS A 43 12.23 -0.04 4.63
CA HIS A 43 13.43 -0.26 3.83
C HIS A 43 13.17 -1.45 2.93
N ALA A 44 14.10 -1.78 2.03
CA ALA A 44 14.01 -2.87 1.07
C ALA A 44 13.48 -4.16 1.70
N LEU A 45 14.10 -4.63 2.78
CA LEU A 45 13.69 -5.85 3.47
C LEU A 45 12.24 -5.77 3.97
N LYS A 46 11.83 -4.64 4.58
CA LYS A 46 10.48 -4.50 5.09
C LYS A 46 9.49 -4.51 3.94
N ALA A 47 9.82 -3.87 2.81
CA ALA A 47 8.95 -3.80 1.65
C ALA A 47 8.55 -5.19 1.18
N MET A 48 9.51 -6.12 1.19
CA MET A 48 9.28 -7.51 0.80
C MET A 48 8.29 -8.17 1.76
N ALA A 49 8.41 -7.91 3.07
CA ALA A 49 7.52 -8.49 4.06
C ALA A 49 6.07 -8.05 3.78
N VAL A 50 5.85 -6.79 3.40
CA VAL A 50 4.51 -6.29 3.12
C VAL A 50 4.00 -7.05 1.88
N ALA A 51 4.78 -7.02 0.80
CA ALA A 51 4.44 -7.67 -0.45
C ALA A 51 4.15 -9.16 -0.28
N ALA A 52 4.79 -9.83 0.67
CA ALA A 52 4.58 -11.26 0.89
C ALA A 52 3.20 -11.53 1.49
N GLN A 53 2.80 -10.72 2.47
CA GLN A 53 1.53 -10.86 3.15
C GLN A 53 0.40 -10.40 2.22
N VAL A 54 0.58 -9.30 1.51
CA VAL A 54 -0.39 -8.74 0.60
C VAL A 54 -0.58 -9.71 -0.56
N HIS A 55 0.47 -10.43 -0.99
CA HIS A 55 0.30 -11.36 -2.09
C HIS A 55 -0.63 -12.47 -1.67
N ARG A 56 -0.49 -13.00 -0.45
CA ARG A 56 -1.36 -14.08 0.00
C ARG A 56 -2.77 -13.61 0.37
N GLU A 57 -2.88 -12.38 0.87
CA GLU A 57 -4.14 -11.80 1.30
C GLU A 57 -4.98 -11.44 0.09
N TYR A 58 -4.37 -10.73 -0.86
CA TYR A 58 -5.07 -10.30 -2.07
C TYR A 58 -4.88 -11.29 -3.22
N GLN A 59 -4.13 -12.36 -3.01
CA GLN A 59 -3.82 -13.40 -4.01
C GLN A 59 -3.22 -12.75 -5.27
N VAL A 60 -2.38 -11.71 -5.07
CA VAL A 60 -1.78 -10.98 -6.19
C VAL A 60 -0.34 -10.58 -5.92
N GLU A 61 0.57 -10.97 -6.82
CA GLU A 61 1.96 -10.63 -6.66
C GLU A 61 2.17 -9.13 -6.80
N LEU A 62 2.88 -8.54 -5.84
CA LEU A 62 3.24 -7.13 -5.82
C LEU A 62 4.77 -7.14 -5.88
N PRO A 63 5.36 -7.15 -7.08
CA PRO A 63 6.80 -7.19 -7.23
C PRO A 63 7.47 -5.89 -6.77
N LEU A 64 8.76 -6.01 -6.47
CA LEU A 64 9.65 -4.95 -6.02
C LEU A 64 9.53 -3.76 -6.94
N LYS A 65 9.44 -4.00 -8.26
CA LYS A 65 9.36 -2.94 -9.26
C LYS A 65 8.22 -1.97 -8.97
N VAL A 66 7.11 -2.40 -8.38
CA VAL A 66 6.00 -1.51 -8.07
C VAL A 66 6.23 -0.87 -6.71
N LEU A 67 6.59 -1.69 -5.71
CA LEU A 67 6.80 -1.24 -4.35
C LEU A 67 7.83 -0.11 -4.28
N PHE A 68 8.96 -0.29 -4.94
CA PHE A 68 10.02 0.70 -4.95
C PHE A 68 9.73 1.85 -5.90
N ALA A 69 9.02 1.60 -7.00
CA ALA A 69 8.76 2.67 -7.95
C ALA A 69 7.76 3.66 -7.39
N GLN A 70 6.75 3.13 -6.69
CA GLN A 70 5.69 3.92 -6.10
C GLN A 70 5.38 3.39 -4.70
N PRO A 71 6.22 3.75 -3.72
CA PRO A 71 6.07 3.32 -2.33
C PRO A 71 4.96 4.10 -1.63
N THR A 72 3.74 4.17 -2.16
CA THR A 72 2.64 4.89 -1.53
C THR A 72 1.38 4.07 -1.58
N ILE A 73 0.54 4.24 -0.55
CA ILE A 73 -0.74 3.56 -0.42
C ILE A 73 -1.57 3.91 -1.63
N LYS A 74 -1.54 5.16 -2.09
CA LYS A 74 -2.29 5.59 -3.26
C LYS A 74 -1.96 4.69 -4.47
N ALA A 75 -0.68 4.42 -4.71
CA ALA A 75 -0.22 3.59 -5.81
C ALA A 75 -0.61 2.11 -5.68
N LEU A 76 -0.30 1.50 -4.54
CA LEU A 76 -0.53 0.10 -4.26
C LEU A 76 -2.01 -0.17 -4.26
N ALA A 77 -2.84 0.73 -3.74
CA ALA A 77 -4.29 0.55 -3.70
C ALA A 77 -4.81 0.39 -5.12
N GLN A 78 -4.32 1.19 -6.06
CA GLN A 78 -4.75 1.15 -7.45
C GLN A 78 -4.18 -0.06 -8.17
N TYR A 79 -2.89 -0.31 -7.96
CA TYR A 79 -2.20 -1.42 -8.58
C TYR A 79 -2.85 -2.73 -8.13
N VAL A 80 -3.11 -2.81 -6.83
CA VAL A 80 -3.70 -4.02 -6.30
C VAL A 80 -5.17 -4.11 -6.68
N ALA A 81 -5.94 -3.03 -6.59
CA ALA A 81 -7.37 -3.06 -6.91
C ALA A 81 -7.67 -3.45 -8.35
N THR A 82 -6.90 -2.92 -9.30
CA THR A 82 -7.15 -3.25 -10.70
C THR A 82 -6.82 -4.71 -10.96
N ARG A 83 -5.87 -5.31 -10.22
CA ARG A 83 -5.53 -6.71 -10.45
C ARG A 83 -6.51 -7.59 -9.69
N SER A 84 -6.82 -7.23 -8.45
CA SER A 84 -7.74 -7.93 -7.57
C SER A 84 -9.18 -7.57 -7.97
N HIS A 85 -9.45 -7.42 -9.26
CA HIS A 85 -10.76 -7.09 -9.78
C HIS A 85 -11.70 -8.25 -9.57
N HIS A 86 -12.89 -7.93 -9.06
CA HIS A 86 -13.94 -8.88 -8.81
C HIS A 86 -14.36 -9.33 -10.21
N HIS A 87 -14.28 -10.62 -10.52
CA HIS A 87 -14.63 -11.13 -11.84
C HIS A 87 -16.07 -10.73 -12.21
N HIS A 88 -16.30 -10.57 -13.51
CA HIS A 88 -17.58 -10.16 -14.06
C HIS A 88 -18.66 -11.22 -14.04
N HIS A 89 -19.89 -10.71 -14.01
CA HIS A 89 -21.14 -11.42 -14.03
C HIS A 89 -22.03 -10.67 -14.99
N HIS A 90 -22.84 -11.43 -15.70
CA HIS A 90 -23.77 -11.00 -16.72
C HIS A 90 -24.99 -11.89 -16.57
N PRO A 1 6.39 10.62 -5.69
CA PRO A 1 6.92 11.99 -5.56
C PRO A 1 5.79 12.97 -5.24
N VAL A 2 6.15 14.19 -4.81
CA VAL A 2 5.20 15.25 -4.46
C VAL A 2 4.28 14.74 -3.35
N THR A 3 4.87 14.70 -2.18
CA THR A 3 4.29 14.25 -0.92
C THR A 3 4.55 15.28 0.18
N GLU A 4 4.51 16.57 -0.19
CA GLU A 4 4.74 17.66 0.73
C GLU A 4 3.57 17.86 1.70
N ALA A 5 2.37 17.40 1.35
CA ALA A 5 1.20 17.57 2.20
C ALA A 5 1.36 16.71 3.45
N GLN A 6 0.78 17.19 4.55
CA GLN A 6 0.84 16.57 5.85
C GLN A 6 -0.11 15.36 5.91
N TYR A 7 0.14 14.51 6.91
CA TYR A 7 -0.55 13.28 7.24
C TYR A 7 -2.08 13.42 7.21
N VAL A 8 -2.73 12.47 6.55
CA VAL A 8 -4.18 12.38 6.44
C VAL A 8 -4.51 10.91 6.57
N ALA A 9 -5.27 10.57 7.62
CA ALA A 9 -5.70 9.21 7.90
C ALA A 9 -6.57 8.68 6.73
N PRO A 10 -6.71 7.36 6.57
CA PRO A 10 -7.51 6.76 5.50
C PRO A 10 -9.00 7.09 5.65
N THR A 11 -9.68 7.17 4.51
CA THR A 11 -11.10 7.47 4.46
C THR A 11 -11.93 6.42 3.74
N ASN A 12 -11.34 5.57 2.87
CA ASN A 12 -12.12 4.53 2.19
C ASN A 12 -11.77 3.25 2.93
N ALA A 13 -12.77 2.37 3.13
CA ALA A 13 -12.61 1.10 3.84
C ALA A 13 -11.45 0.25 3.33
N VAL A 14 -10.95 0.51 2.13
CA VAL A 14 -9.83 -0.21 1.54
C VAL A 14 -8.52 0.30 2.12
N GLU A 15 -8.32 1.62 2.01
CA GLU A 15 -7.13 2.35 2.45
C GLU A 15 -6.77 1.99 3.87
N SER A 16 -7.78 1.91 4.73
CA SER A 16 -7.59 1.55 6.12
C SER A 16 -6.97 0.15 6.25
N LYS A 17 -7.44 -0.84 5.50
CA LYS A 17 -6.88 -2.18 5.61
C LYS A 17 -5.42 -2.18 5.22
N LEU A 18 -5.03 -1.53 4.13
CA LEU A 18 -3.63 -1.48 3.74
C LEU A 18 -2.80 -0.70 4.76
N ALA A 19 -3.34 0.39 5.30
CA ALA A 19 -2.66 1.21 6.30
C ALA A 19 -2.30 0.35 7.51
N GLU A 20 -3.19 -0.58 7.85
CA GLU A 20 -3.01 -1.47 8.99
C GLU A 20 -1.88 -2.47 8.68
N ILE A 21 -1.78 -2.95 7.44
CA ILE A 21 -0.72 -3.89 7.04
C ILE A 21 0.62 -3.15 7.15
N TRP A 22 0.67 -1.88 6.74
CA TRP A 22 1.89 -1.08 6.82
C TRP A 22 2.35 -0.96 8.27
N GLU A 23 1.42 -0.77 9.21
CA GLU A 23 1.78 -0.67 10.62
C GLU A 23 2.55 -1.93 11.06
N ARG A 24 2.15 -3.12 10.58
CA ARG A 24 2.80 -4.39 10.94
C ARG A 24 4.22 -4.56 10.39
N VAL A 25 4.55 -4.02 9.21
CA VAL A 25 5.90 -4.17 8.65
C VAL A 25 6.84 -3.09 9.16
N LEU A 26 6.34 -1.86 9.13
CA LEU A 26 7.05 -0.68 9.55
C LEU A 26 7.26 -0.62 11.05
N GLY A 27 6.32 -1.15 11.82
CA GLY A 27 6.39 -1.13 13.27
C GLY A 27 6.11 0.30 13.74
N VAL A 28 5.17 1.00 13.09
CA VAL A 28 4.75 2.36 13.39
C VAL A 28 3.22 2.36 13.45
N SER A 29 2.61 3.49 13.82
CA SER A 29 1.19 3.66 13.95
C SER A 29 0.75 4.99 13.35
N GLY A 30 -0.39 4.97 12.64
CA GLY A 30 -1.00 6.12 12.01
C GLY A 30 -0.38 6.44 10.66
N ILE A 31 -0.59 5.54 9.71
CA ILE A 31 -0.10 5.65 8.35
C ILE A 31 -1.10 6.50 7.56
N GLY A 32 -0.65 7.54 6.84
CA GLY A 32 -1.53 8.38 6.06
C GLY A 32 -1.62 7.91 4.62
N ILE A 33 -2.59 8.44 3.88
CA ILE A 33 -2.85 8.08 2.49
C ILE A 33 -1.82 8.68 1.53
N LEU A 34 -1.17 9.77 1.93
CA LEU A 34 -0.18 10.49 1.16
C LEU A 34 1.25 10.35 1.67
N ASP A 35 1.48 9.59 2.74
CA ASP A 35 2.80 9.44 3.32
C ASP A 35 3.59 8.42 2.50
N ASN A 36 4.75 8.84 1.99
CA ASN A 36 5.64 8.02 1.20
C ASN A 36 6.23 6.91 2.08
N PHE A 37 6.06 5.65 1.69
CA PHE A 37 6.54 4.46 2.38
C PHE A 37 8.02 4.58 2.82
N PHE A 38 8.88 5.06 1.94
CA PHE A 38 10.32 5.22 2.19
C PHE A 38 10.60 6.36 3.17
N GLN A 39 9.70 7.33 3.30
CA GLN A 39 9.84 8.45 4.23
C GLN A 39 9.57 7.91 5.64
N ILE A 40 8.61 6.99 5.77
CA ILE A 40 8.21 6.35 7.03
C ILE A 40 9.22 5.23 7.41
N GLY A 41 10.50 5.38 7.04
CA GLY A 41 11.54 4.40 7.34
C GLY A 41 11.37 3.05 6.62
N GLY A 42 10.38 2.92 5.72
CA GLY A 42 10.15 1.70 4.99
C GLY A 42 11.34 1.46 4.07
N HIS A 43 11.76 0.22 3.90
CA HIS A 43 12.89 -0.10 3.02
C HIS A 43 12.51 -1.27 2.12
N ALA A 44 13.35 -1.63 1.15
CA ALA A 44 13.07 -2.73 0.22
C ALA A 44 12.60 -3.98 0.95
N LEU A 45 13.30 -4.38 2.01
CA LEU A 45 12.92 -5.57 2.80
C LEU A 45 11.47 -5.46 3.28
N LYS A 46 11.07 -4.31 3.86
CA LYS A 46 9.70 -4.13 4.32
C LYS A 46 8.74 -4.13 3.13
N ALA A 47 9.10 -3.50 2.01
CA ALA A 47 8.26 -3.42 0.81
C ALA A 47 7.90 -4.83 0.33
N MET A 48 8.86 -5.75 0.36
CA MET A 48 8.62 -7.12 -0.07
C MET A 48 7.62 -7.78 0.87
N ALA A 49 7.71 -7.50 2.18
CA ALA A 49 6.77 -8.05 3.14
C ALA A 49 5.38 -7.46 2.88
N VAL A 50 5.25 -6.20 2.45
CA VAL A 50 3.95 -5.59 2.15
C VAL A 50 3.35 -6.40 1.01
N ALA A 51 4.11 -6.55 -0.08
CA ALA A 51 3.71 -7.28 -1.26
C ALA A 51 3.32 -8.72 -0.95
N ALA A 52 3.99 -9.37 0.00
CA ALA A 52 3.70 -10.75 0.34
C ALA A 52 2.33 -10.84 1.01
N GLN A 53 2.09 -9.95 1.97
CA GLN A 53 0.85 -9.91 2.72
C GLN A 53 -0.29 -9.49 1.80
N VAL A 54 -0.03 -8.53 0.92
CA VAL A 54 -1.02 -8.05 0.00
C VAL A 54 -1.41 -9.17 -0.94
N HIS A 55 -0.42 -9.87 -1.50
CA HIS A 55 -0.72 -10.93 -2.43
C HIS A 55 -1.51 -12.03 -1.76
N ARG A 56 -1.21 -12.33 -0.50
CA ARG A 56 -1.93 -13.37 0.21
C ARG A 56 -3.33 -12.97 0.66
N GLU A 57 -3.53 -11.69 1.01
CA GLU A 57 -4.82 -11.21 1.52
C GLU A 57 -5.77 -10.79 0.41
N TYR A 58 -5.26 -10.00 -0.53
CA TYR A 58 -6.05 -9.49 -1.64
C TYR A 58 -5.94 -10.41 -2.86
N GLN A 59 -5.18 -11.52 -2.78
CA GLN A 59 -5.01 -12.44 -3.91
C GLN A 59 -4.61 -11.65 -5.16
N VAL A 60 -3.72 -10.67 -5.03
CA VAL A 60 -3.28 -9.82 -6.12
C VAL A 60 -1.78 -9.64 -6.11
N GLU A 61 -1.12 -9.88 -7.24
CA GLU A 61 0.31 -9.71 -7.29
C GLU A 61 0.60 -8.20 -7.20
N LEU A 62 1.35 -7.79 -6.17
CA LEU A 62 1.74 -6.41 -5.98
C LEU A 62 3.27 -6.38 -6.13
N PRO A 63 3.80 -6.39 -7.36
CA PRO A 63 5.23 -6.35 -7.57
C PRO A 63 5.82 -5.04 -7.03
N LEU A 64 7.12 -5.09 -6.75
CA LEU A 64 7.90 -3.96 -6.24
C LEU A 64 7.87 -2.80 -7.22
N LYS A 65 7.68 -3.07 -8.52
CA LYS A 65 7.66 -2.02 -9.53
C LYS A 65 6.67 -0.93 -9.17
N VAL A 66 5.46 -1.26 -8.67
CA VAL A 66 4.50 -0.22 -8.33
C VAL A 66 4.73 0.23 -6.91
N LEU A 67 5.08 -0.69 -6.00
CA LEU A 67 5.34 -0.36 -4.60
C LEU A 67 6.33 0.80 -4.53
N PHE A 68 7.44 0.67 -5.25
CA PHE A 68 8.49 1.66 -5.27
C PHE A 68 8.14 2.88 -6.13
N ALA A 69 7.36 2.72 -7.20
CA ALA A 69 7.02 3.83 -8.08
C ALA A 69 5.93 4.70 -7.47
N GLN A 70 5.04 4.11 -6.69
CA GLN A 70 3.94 4.77 -6.03
C GLN A 70 3.88 4.28 -4.59
N PRO A 71 4.84 4.72 -3.76
CA PRO A 71 4.94 4.33 -2.35
C PRO A 71 3.89 4.99 -1.46
N THR A 72 2.59 4.90 -1.77
CA THR A 72 1.55 5.50 -0.95
C THR A 72 0.39 4.53 -0.79
N ILE A 73 -0.27 4.59 0.38
CA ILE A 73 -1.43 3.77 0.69
C ILE A 73 -2.48 4.07 -0.37
N LYS A 74 -2.69 5.34 -0.69
CA LYS A 74 -3.66 5.76 -1.69
C LYS A 74 -3.44 5.05 -3.02
N ALA A 75 -2.19 5.01 -3.47
CA ALA A 75 -1.81 4.38 -4.73
C ALA A 75 -2.01 2.87 -4.73
N LEU A 76 -1.62 2.16 -3.66
CA LEU A 76 -1.73 0.72 -3.52
C LEU A 76 -3.21 0.40 -3.45
N ALA A 77 -3.98 1.18 -2.69
CA ALA A 77 -5.41 0.99 -2.54
C ALA A 77 -6.09 1.12 -3.90
N GLN A 78 -5.72 2.09 -4.76
CA GLN A 78 -6.35 2.21 -6.07
C GLN A 78 -5.81 1.15 -7.04
N TYR A 79 -4.51 0.82 -6.95
CA TYR A 79 -3.84 -0.18 -7.78
C TYR A 79 -4.53 -1.51 -7.54
N VAL A 80 -4.64 -1.86 -6.25
CA VAL A 80 -5.27 -3.13 -5.92
C VAL A 80 -6.75 -3.08 -6.26
N ALA A 81 -7.48 -2.04 -5.88
CA ALA A 81 -8.91 -1.95 -6.15
C ALA A 81 -9.26 -2.16 -7.62
N THR A 82 -8.61 -1.42 -8.51
CA THR A 82 -8.88 -1.50 -9.94
C THR A 82 -8.52 -2.87 -10.53
N ARG A 83 -7.65 -3.65 -9.89
CA ARG A 83 -7.22 -4.97 -10.36
C ARG A 83 -7.93 -6.11 -9.64
N SER A 84 -8.41 -5.87 -8.43
CA SER A 84 -9.09 -6.85 -7.58
C SER A 84 -10.50 -7.13 -8.11
N HIS A 85 -11.09 -6.21 -8.87
CA HIS A 85 -12.42 -6.40 -9.42
C HIS A 85 -12.35 -7.59 -10.38
N HIS A 86 -13.06 -8.66 -10.08
CA HIS A 86 -13.10 -9.88 -10.88
C HIS A 86 -13.53 -9.51 -12.31
N HIS A 87 -13.06 -10.25 -13.30
CA HIS A 87 -13.37 -10.02 -14.71
C HIS A 87 -13.60 -11.33 -15.47
N HIS A 88 -14.11 -12.34 -14.77
CA HIS A 88 -14.45 -13.69 -15.23
C HIS A 88 -13.39 -14.39 -16.09
N HIS A 89 -12.10 -14.14 -15.84
CA HIS A 89 -11.00 -14.76 -16.59
C HIS A 89 -11.17 -16.27 -16.62
N HIS A 90 -11.41 -16.86 -17.79
CA HIS A 90 -11.58 -18.30 -17.94
C HIS A 90 -10.34 -18.97 -17.39
N PRO A 1 -0.89 23.17 -8.42
CA PRO A 1 0.48 23.02 -7.88
C PRO A 1 0.51 22.84 -6.35
N VAL A 2 -0.61 22.95 -5.65
CA VAL A 2 -0.64 22.79 -4.19
C VAL A 2 -0.17 21.39 -3.83
N THR A 3 0.60 21.29 -2.76
CA THR A 3 1.12 20.04 -2.26
C THR A 3 0.02 19.43 -1.40
N GLU A 4 -0.05 18.11 -1.33
CA GLU A 4 -1.02 17.38 -0.53
C GLU A 4 -0.31 16.31 0.30
N ALA A 5 1.01 16.46 0.47
CA ALA A 5 1.87 15.54 1.23
C ALA A 5 1.54 15.51 2.73
N GLN A 6 0.69 16.44 3.19
CA GLN A 6 0.23 16.53 4.56
C GLN A 6 -0.62 15.29 4.78
N TYR A 7 -0.55 14.69 5.96
CA TYR A 7 -1.28 13.48 6.32
C TYR A 7 -2.75 13.54 5.95
N VAL A 8 -3.22 12.48 5.29
CA VAL A 8 -4.60 12.28 4.89
C VAL A 8 -4.80 10.80 5.10
N ALA A 9 -5.70 10.44 6.01
CA ALA A 9 -6.02 9.07 6.34
C ALA A 9 -6.71 8.39 5.14
N PRO A 10 -6.75 7.06 5.06
CA PRO A 10 -7.41 6.37 3.95
C PRO A 10 -8.91 6.60 4.00
N THR A 11 -9.57 6.68 2.84
CA THR A 11 -11.02 6.89 2.76
C THR A 11 -11.65 5.90 1.79
N ASN A 12 -10.85 5.24 0.97
CA ASN A 12 -11.36 4.25 0.02
C ASN A 12 -11.20 2.91 0.72
N ALA A 13 -12.17 2.01 0.57
CA ALA A 13 -12.17 0.70 1.21
C ALA A 13 -10.89 -0.12 1.06
N VAL A 14 -10.11 0.08 -0.02
CA VAL A 14 -8.88 -0.67 -0.24
C VAL A 14 -7.76 -0.01 0.55
N GLU A 15 -7.67 1.32 0.49
CA GLU A 15 -6.63 2.09 1.17
C GLU A 15 -6.56 1.71 2.64
N SER A 16 -7.74 1.56 3.25
CA SER A 16 -7.87 1.18 4.64
C SER A 16 -7.09 -0.11 4.93
N LYS A 17 -7.32 -1.15 4.11
CA LYS A 17 -6.69 -2.46 4.22
C LYS A 17 -5.18 -2.38 4.13
N LEU A 18 -4.62 -1.71 3.13
CA LEU A 18 -3.18 -1.61 3.05
C LEU A 18 -2.58 -0.79 4.17
N ALA A 19 -3.21 0.33 4.52
CA ALA A 19 -2.74 1.21 5.56
C ALA A 19 -2.64 0.48 6.90
N GLU A 20 -3.54 -0.47 7.18
CA GLU A 20 -3.48 -1.20 8.44
C GLU A 20 -2.32 -2.18 8.45
N ILE A 21 -2.20 -2.94 7.38
CA ILE A 21 -1.13 -3.94 7.24
C ILE A 21 0.25 -3.25 7.37
N TRP A 22 0.41 -2.03 6.83
CA TRP A 22 1.68 -1.30 6.93
C TRP A 22 2.08 -1.07 8.38
N GLU A 23 1.12 -0.76 9.25
CA GLU A 23 1.37 -0.51 10.66
C GLU A 23 2.04 -1.71 11.31
N ARG A 24 1.57 -2.91 10.99
CA ARG A 24 2.09 -4.15 11.55
C ARG A 24 3.54 -4.42 11.16
N VAL A 25 3.97 -3.98 9.98
CA VAL A 25 5.34 -4.21 9.51
C VAL A 25 6.27 -3.08 9.93
N LEU A 26 5.83 -1.83 9.79
CA LEU A 26 6.60 -0.64 10.11
C LEU A 26 6.60 -0.32 11.59
N GLY A 27 5.60 -0.77 12.34
CA GLY A 27 5.46 -0.53 13.76
C GLY A 27 4.97 0.88 14.07
N VAL A 28 4.28 1.55 13.13
CA VAL A 28 3.77 2.92 13.28
C VAL A 28 2.24 2.83 13.21
N SER A 29 1.50 3.90 13.42
CA SER A 29 0.04 3.88 13.35
C SER A 29 -0.41 5.19 12.70
N GLY A 30 -1.47 5.11 11.87
CA GLY A 30 -2.02 6.25 11.17
C GLY A 30 -1.19 6.51 9.92
N ILE A 31 -1.27 5.60 8.96
CA ILE A 31 -0.57 5.66 7.70
C ILE A 31 -1.47 6.39 6.69
N GLY A 32 -1.00 7.50 6.11
CA GLY A 32 -1.78 8.26 5.14
C GLY A 32 -1.65 7.70 3.72
N ILE A 33 -2.49 8.18 2.80
CA ILE A 33 -2.51 7.76 1.39
C ILE A 33 -1.25 8.21 0.65
N LEU A 34 -0.63 9.28 1.17
CA LEU A 34 0.57 9.94 0.68
C LEU A 34 1.81 9.60 1.51
N ASP A 35 1.67 8.83 2.60
CA ASP A 35 2.80 8.49 3.43
C ASP A 35 3.71 7.55 2.65
N ASN A 36 4.97 7.96 2.54
CA ASN A 36 6.02 7.26 1.84
C ASN A 36 6.49 6.09 2.71
N PHE A 37 6.33 4.86 2.24
CA PHE A 37 6.70 3.63 2.93
C PHE A 37 8.10 3.69 3.55
N PHE A 38 9.08 4.15 2.77
CA PHE A 38 10.46 4.25 3.21
C PHE A 38 10.64 5.38 4.24
N GLN A 39 9.89 6.48 4.13
CA GLN A 39 9.99 7.62 5.03
C GLN A 39 9.49 7.24 6.42
N ILE A 40 8.55 6.31 6.51
CA ILE A 40 8.00 5.82 7.77
C ILE A 40 9.06 4.95 8.50
N GLY A 41 10.23 4.72 7.88
CA GLY A 41 11.33 3.93 8.41
C GLY A 41 11.46 2.59 7.70
N GLY A 42 10.59 2.29 6.73
CA GLY A 42 10.64 1.05 5.97
C GLY A 42 11.89 0.99 5.11
N HIS A 43 12.26 -0.21 4.68
CA HIS A 43 13.42 -0.50 3.86
C HIS A 43 13.12 -1.75 3.02
N ALA A 44 14.07 -2.17 2.17
CA ALA A 44 13.96 -3.33 1.29
C ALA A 44 13.38 -4.56 1.99
N LEU A 45 13.93 -4.95 3.15
CA LEU A 45 13.45 -6.12 3.90
C LEU A 45 11.97 -5.94 4.25
N LYS A 46 11.57 -4.77 4.76
CA LYS A 46 10.19 -4.53 5.13
C LYS A 46 9.28 -4.60 3.93
N ALA A 47 9.72 -4.07 2.78
CA ALA A 47 8.92 -4.09 1.55
C ALA A 47 8.49 -5.52 1.25
N MET A 48 9.42 -6.47 1.42
CA MET A 48 9.16 -7.88 1.18
C MET A 48 8.14 -8.40 2.21
N ALA A 49 8.28 -7.99 3.48
CA ALA A 49 7.39 -8.40 4.55
C ALA A 49 5.94 -7.96 4.30
N VAL A 50 5.71 -6.77 3.73
CA VAL A 50 4.35 -6.32 3.45
C VAL A 50 3.82 -7.15 2.27
N ALA A 51 4.59 -7.19 1.17
CA ALA A 51 4.25 -7.92 -0.04
C ALA A 51 3.93 -9.38 0.28
N ALA A 52 4.54 -9.97 1.31
CA ALA A 52 4.30 -11.34 1.70
C ALA A 52 2.84 -11.56 2.11
N GLN A 53 2.31 -10.72 2.99
CA GLN A 53 0.94 -10.82 3.49
C GLN A 53 -0.05 -10.35 2.43
N VAL A 54 0.29 -9.30 1.69
CA VAL A 54 -0.53 -8.75 0.65
C VAL A 54 -0.71 -9.78 -0.45
N HIS A 55 0.37 -10.42 -0.89
CA HIS A 55 0.24 -11.39 -1.97
C HIS A 55 -0.68 -12.51 -1.55
N ARG A 56 -0.58 -12.96 -0.31
CA ARG A 56 -1.41 -14.08 0.14
C ARG A 56 -2.86 -13.68 0.41
N GLU A 57 -3.12 -12.44 0.79
CA GLU A 57 -4.47 -11.99 1.11
C GLU A 57 -5.17 -11.49 -0.13
N TYR A 58 -4.51 -10.65 -0.93
CA TYR A 58 -5.07 -10.09 -2.15
C TYR A 58 -4.87 -11.08 -3.30
N GLN A 59 -4.16 -12.22 -3.08
CA GLN A 59 -3.87 -13.26 -4.06
C GLN A 59 -3.24 -12.66 -5.33
N VAL A 60 -2.37 -11.67 -5.15
CA VAL A 60 -1.74 -10.97 -6.25
C VAL A 60 -0.29 -10.63 -5.98
N GLU A 61 0.57 -10.94 -6.93
CA GLU A 61 1.98 -10.70 -6.81
C GLU A 61 2.26 -9.19 -6.90
N LEU A 62 2.77 -8.61 -5.80
CA LEU A 62 3.13 -7.21 -5.73
C LEU A 62 4.66 -7.18 -5.67
N PRO A 63 5.37 -7.24 -6.81
CA PRO A 63 6.83 -7.24 -6.83
C PRO A 63 7.42 -5.92 -6.35
N LEU A 64 8.67 -5.98 -5.90
CA LEU A 64 9.45 -4.85 -5.41
C LEU A 64 9.46 -3.72 -6.42
N LYS A 65 9.44 -4.04 -7.73
CA LYS A 65 9.46 -3.07 -8.80
C LYS A 65 8.35 -2.04 -8.67
N VAL A 66 7.19 -2.40 -8.09
CA VAL A 66 6.06 -1.50 -7.90
C VAL A 66 6.27 -0.78 -6.58
N LEU A 67 6.63 -1.54 -5.54
CA LEU A 67 6.87 -1.06 -4.19
C LEU A 67 7.84 0.12 -4.19
N PHE A 68 8.97 -0.02 -4.87
CA PHE A 68 9.97 1.04 -4.95
C PHE A 68 9.58 2.10 -6.00
N ALA A 69 8.87 1.72 -7.07
CA ALA A 69 8.49 2.71 -8.07
C ALA A 69 7.49 3.71 -7.47
N GLN A 70 6.58 3.22 -6.63
CA GLN A 70 5.54 4.01 -6.00
C GLN A 70 5.31 3.56 -4.55
N PRO A 71 6.16 3.98 -3.60
CA PRO A 71 6.07 3.61 -2.19
C PRO A 71 4.96 4.37 -1.44
N THR A 72 3.72 4.38 -1.93
CA THR A 72 2.60 5.08 -1.29
C THR A 72 1.38 4.18 -1.27
N ILE A 73 0.56 4.31 -0.23
CA ILE A 73 -0.66 3.53 -0.06
C ILE A 73 -1.54 3.75 -1.27
N LYS A 74 -1.74 5.00 -1.70
CA LYS A 74 -2.59 5.28 -2.86
C LYS A 74 -2.15 4.45 -4.08
N ALA A 75 -0.85 4.45 -4.36
CA ALA A 75 -0.25 3.74 -5.48
C ALA A 75 -0.41 2.21 -5.42
N LEU A 76 -0.22 1.61 -4.26
CA LEU A 76 -0.33 0.17 -4.08
C LEU A 76 -1.81 -0.16 -4.13
N ALA A 77 -2.66 0.66 -3.51
CA ALA A 77 -4.09 0.47 -3.47
C ALA A 77 -4.63 0.48 -4.90
N GLN A 78 -4.30 1.46 -5.73
CA GLN A 78 -4.79 1.54 -7.10
C GLN A 78 -4.18 0.44 -7.98
N TYR A 79 -2.89 0.13 -7.79
CA TYR A 79 -2.20 -0.89 -8.57
C TYR A 79 -2.76 -2.27 -8.26
N VAL A 80 -2.94 -2.58 -6.97
CA VAL A 80 -3.47 -3.87 -6.58
C VAL A 80 -4.97 -3.95 -6.89
N ALA A 81 -5.74 -2.89 -6.60
CA ALA A 81 -7.18 -2.88 -6.83
C ALA A 81 -7.54 -3.17 -8.28
N THR A 82 -6.86 -2.54 -9.24
CA THR A 82 -7.18 -2.77 -10.65
C THR A 82 -6.95 -4.24 -11.00
N ARG A 83 -5.98 -4.90 -10.37
CA ARG A 83 -5.71 -6.32 -10.63
C ARG A 83 -6.79 -7.15 -9.94
N SER A 84 -7.22 -6.74 -8.74
CA SER A 84 -8.25 -7.40 -7.97
C SER A 84 -9.53 -7.52 -8.80
N HIS A 85 -9.84 -6.55 -9.67
CA HIS A 85 -11.02 -6.57 -10.54
C HIS A 85 -10.93 -7.81 -11.43
N HIS A 86 -11.76 -8.81 -11.16
CA HIS A 86 -11.84 -10.10 -11.86
C HIS A 86 -13.23 -10.26 -12.51
N HIS A 87 -13.84 -9.17 -12.97
CA HIS A 87 -15.16 -9.18 -13.60
C HIS A 87 -15.15 -10.06 -14.84
N HIS A 88 -15.75 -11.25 -14.75
CA HIS A 88 -15.87 -12.25 -15.80
C HIS A 88 -17.28 -12.85 -15.75
N HIS A 89 -18.29 -11.98 -15.53
CA HIS A 89 -19.70 -12.39 -15.44
C HIS A 89 -20.64 -11.40 -16.13
N HIS A 90 -20.21 -10.19 -16.46
CA HIS A 90 -20.99 -9.18 -17.14
C HIS A 90 -20.08 -8.58 -18.18
N PRO A 1 6.03 12.12 -10.31
CA PRO A 1 5.40 11.29 -9.25
C PRO A 1 5.40 11.95 -7.86
N VAL A 2 5.87 13.20 -7.74
CA VAL A 2 5.92 13.92 -6.46
C VAL A 2 4.54 14.05 -5.83
N THR A 3 4.52 14.34 -4.53
CA THR A 3 3.33 14.50 -3.71
C THR A 3 3.65 15.55 -2.64
N GLU A 4 2.90 16.64 -2.67
CA GLU A 4 2.96 17.80 -1.78
C GLU A 4 1.75 17.77 -0.83
N ALA A 5 1.14 16.60 -0.70
CA ALA A 5 -0.01 16.36 0.15
C ALA A 5 0.45 16.25 1.61
N GLN A 6 -0.50 16.34 2.54
CA GLN A 6 -0.29 16.26 3.99
C GLN A 6 -1.11 15.08 4.53
N TYR A 7 -0.79 14.56 5.73
CA TYR A 7 -1.47 13.43 6.37
C TYR A 7 -2.99 13.51 6.33
N VAL A 8 -3.58 12.46 5.78
CA VAL A 8 -5.01 12.24 5.63
C VAL A 8 -5.14 10.74 5.76
N ALA A 9 -5.85 10.28 6.78
CA ALA A 9 -6.06 8.88 7.07
C ALA A 9 -6.96 8.20 6.01
N PRO A 10 -7.11 6.86 6.07
CA PRO A 10 -7.92 6.10 5.11
C PRO A 10 -9.40 6.43 5.28
N THR A 11 -10.16 6.42 4.17
CA THR A 11 -11.59 6.71 4.18
C THR A 11 -12.41 5.51 3.68
N ASN A 12 -11.79 4.51 3.06
CA ASN A 12 -12.46 3.33 2.56
C ASN A 12 -11.84 2.14 3.27
N ALA A 13 -12.66 1.12 3.52
CA ALA A 13 -12.23 -0.09 4.20
C ALA A 13 -11.01 -0.75 3.56
N VAL A 14 -10.73 -0.56 2.26
CA VAL A 14 -9.58 -1.20 1.62
C VAL A 14 -8.33 -0.55 2.19
N GLU A 15 -8.28 0.77 2.07
CA GLU A 15 -7.21 1.64 2.50
C GLU A 15 -6.85 1.36 3.94
N SER A 16 -7.88 1.22 4.79
CA SER A 16 -7.68 0.94 6.20
C SER A 16 -6.90 -0.36 6.40
N LYS A 17 -7.18 -1.42 5.62
CA LYS A 17 -6.45 -2.68 5.76
C LYS A 17 -4.98 -2.46 5.47
N LEU A 18 -4.64 -1.82 4.35
CA LEU A 18 -3.24 -1.60 4.08
C LEU A 18 -2.61 -0.69 5.13
N ALA A 19 -3.32 0.37 5.54
CA ALA A 19 -2.85 1.32 6.52
C ALA A 19 -2.48 0.62 7.82
N GLU A 20 -3.21 -0.44 8.21
CA GLU A 20 -2.88 -1.13 9.44
C GLU A 20 -1.68 -2.02 9.23
N ILE A 21 -1.73 -2.83 8.18
CA ILE A 21 -0.67 -3.74 7.80
C ILE A 21 0.67 -2.95 7.75
N TRP A 22 0.67 -1.73 7.23
CA TRP A 22 1.85 -0.85 7.15
C TRP A 22 2.31 -0.46 8.56
N GLU A 23 1.38 -0.07 9.45
CA GLU A 23 1.71 0.31 10.82
C GLU A 23 2.39 -0.85 11.54
N ARG A 24 1.95 -2.09 11.27
CA ARG A 24 2.53 -3.27 11.91
C ARG A 24 3.94 -3.56 11.42
N VAL A 25 4.27 -3.18 10.18
CA VAL A 25 5.60 -3.39 9.59
C VAL A 25 6.53 -2.29 10.06
N LEU A 26 6.15 -1.04 9.83
CA LEU A 26 6.94 0.14 10.16
C LEU A 26 6.97 0.46 11.65
N GLY A 27 6.01 -0.03 12.42
CA GLY A 27 5.95 0.21 13.87
C GLY A 27 5.58 1.66 14.18
N VAL A 28 4.76 2.29 13.33
CA VAL A 28 4.29 3.66 13.43
C VAL A 28 2.76 3.67 13.61
N SER A 29 2.15 4.84 13.81
CA SER A 29 0.72 4.99 14.01
C SER A 29 0.15 6.21 13.28
N GLY A 30 -0.91 6.01 12.48
CA GLY A 30 -1.58 7.08 11.75
C GLY A 30 -0.96 7.22 10.38
N ILE A 31 -1.20 6.20 9.57
CA ILE A 31 -0.75 6.06 8.21
C ILE A 31 -1.78 6.74 7.31
N GLY A 32 -1.36 7.71 6.51
CA GLY A 32 -2.23 8.41 5.59
C GLY A 32 -2.32 7.65 4.27
N ILE A 33 -3.17 8.08 3.35
CA ILE A 33 -3.33 7.46 2.04
C ILE A 33 -2.22 7.91 1.07
N LEU A 34 -1.70 9.11 1.32
CA LEU A 34 -0.65 9.82 0.57
C LEU A 34 0.75 9.65 1.16
N ASP A 35 0.88 8.84 2.20
CA ASP A 35 2.10 8.58 2.92
C ASP A 35 3.18 7.91 2.05
N ASN A 36 4.35 8.54 1.95
CA ASN A 36 5.45 8.00 1.18
C ASN A 36 6.11 6.92 2.02
N PHE A 37 5.92 5.62 1.72
CA PHE A 37 6.50 4.49 2.46
C PHE A 37 7.97 4.71 2.85
N PHE A 38 8.77 5.15 1.89
CA PHE A 38 10.18 5.41 2.08
C PHE A 38 10.46 6.61 2.99
N GLN A 39 9.62 7.65 2.96
CA GLN A 39 9.82 8.84 3.79
C GLN A 39 9.61 8.46 5.26
N ILE A 40 8.74 7.48 5.50
CA ILE A 40 8.40 6.99 6.83
C ILE A 40 9.60 6.20 7.39
N GLY A 41 10.56 5.80 6.56
CA GLY A 41 11.75 5.05 6.93
C GLY A 41 11.77 3.66 6.31
N GLY A 42 10.69 3.22 5.65
CA GLY A 42 10.61 1.91 5.03
C GLY A 42 11.66 1.80 3.93
N HIS A 43 12.03 0.56 3.57
CA HIS A 43 13.02 0.33 2.53
C HIS A 43 12.61 -0.92 1.75
N ALA A 44 13.28 -1.22 0.63
CA ALA A 44 12.99 -2.35 -0.23
C ALA A 44 12.76 -3.64 0.57
N LEU A 45 13.65 -3.98 1.51
CA LEU A 45 13.51 -5.18 2.33
C LEU A 45 12.17 -5.17 3.07
N LYS A 46 11.77 -4.06 3.70
CA LYS A 46 10.50 -3.98 4.40
C LYS A 46 9.35 -4.10 3.41
N ALA A 47 9.43 -3.44 2.26
CA ALA A 47 8.40 -3.45 1.22
C ALA A 47 8.06 -4.90 0.85
N MET A 48 9.09 -5.73 0.69
CA MET A 48 8.92 -7.13 0.34
C MET A 48 8.18 -7.90 1.43
N ALA A 49 8.32 -7.50 2.70
CA ALA A 49 7.63 -8.15 3.80
C ALA A 49 6.14 -7.80 3.75
N VAL A 50 5.79 -6.57 3.35
CA VAL A 50 4.40 -6.15 3.24
C VAL A 50 3.78 -7.02 2.15
N ALA A 51 4.47 -7.14 1.01
CA ALA A 51 4.05 -7.93 -0.13
C ALA A 51 3.79 -9.39 0.28
N ALA A 52 4.56 -9.94 1.23
CA ALA A 52 4.36 -11.32 1.65
C ALA A 52 2.98 -11.47 2.31
N GLN A 53 2.61 -10.55 3.20
CA GLN A 53 1.32 -10.62 3.87
C GLN A 53 0.20 -10.25 2.91
N VAL A 54 0.45 -9.30 2.03
CA VAL A 54 -0.52 -8.86 1.06
C VAL A 54 -0.83 -10.03 0.14
N HIS A 55 0.17 -10.75 -0.35
CA HIS A 55 -0.08 -11.85 -1.26
C HIS A 55 -0.94 -12.92 -0.60
N ARG A 56 -0.75 -13.17 0.68
CA ARG A 56 -1.54 -14.17 1.40
C ARG A 56 -2.97 -13.71 1.77
N GLU A 57 -3.14 -12.41 2.03
CA GLU A 57 -4.44 -11.85 2.44
C GLU A 57 -5.28 -11.42 1.25
N TYR A 58 -4.67 -10.74 0.29
CA TYR A 58 -5.30 -10.25 -0.91
C TYR A 58 -5.19 -11.31 -2.03
N GLN A 59 -4.56 -12.47 -1.77
CA GLN A 59 -4.37 -13.56 -2.72
C GLN A 59 -3.81 -13.04 -4.05
N VAL A 60 -2.84 -12.11 -4.02
CA VAL A 60 -2.30 -11.54 -5.26
C VAL A 60 -0.86 -11.08 -5.07
N GLU A 61 -0.03 -11.31 -6.08
CA GLU A 61 1.37 -10.90 -6.02
C GLU A 61 1.48 -9.36 -6.01
N LEU A 62 2.44 -8.81 -5.27
CA LEU A 62 2.69 -7.36 -5.18
C LEU A 62 4.20 -7.18 -5.38
N PRO A 63 4.70 -7.17 -6.62
CA PRO A 63 6.12 -7.00 -6.88
C PRO A 63 6.59 -5.59 -6.51
N LEU A 64 7.86 -5.48 -6.08
CA LEU A 64 8.50 -4.23 -5.69
C LEU A 64 8.41 -3.19 -6.79
N LYS A 65 8.32 -3.59 -8.06
CA LYS A 65 8.22 -2.66 -9.19
C LYS A 65 7.08 -1.67 -8.99
N VAL A 66 5.95 -2.08 -8.41
CA VAL A 66 4.81 -1.21 -8.15
C VAL A 66 5.01 -0.53 -6.81
N LEU A 67 5.37 -1.32 -5.81
CA LEU A 67 5.59 -0.90 -4.43
C LEU A 67 6.51 0.33 -4.36
N PHE A 68 7.64 0.28 -5.05
CA PHE A 68 8.62 1.36 -5.08
C PHE A 68 8.23 2.47 -6.05
N ALA A 69 7.50 2.14 -7.12
CA ALA A 69 7.10 3.15 -8.10
C ALA A 69 5.97 4.02 -7.57
N GLN A 70 5.09 3.46 -6.74
CA GLN A 70 3.98 4.16 -6.16
C GLN A 70 3.96 3.79 -4.67
N PRO A 71 4.89 4.34 -3.88
CA PRO A 71 5.03 4.06 -2.46
C PRO A 71 3.93 4.72 -1.62
N THR A 72 2.65 4.48 -1.89
CA THR A 72 1.57 5.08 -1.12
C THR A 72 0.44 4.10 -0.92
N ILE A 73 -0.24 4.18 0.22
CA ILE A 73 -1.38 3.34 0.57
C ILE A 73 -2.42 3.44 -0.52
N LYS A 74 -2.76 4.66 -0.93
CA LYS A 74 -3.75 4.92 -1.97
C LYS A 74 -3.44 4.13 -3.24
N ALA A 75 -2.20 4.24 -3.68
CA ALA A 75 -1.69 3.60 -4.88
C ALA A 75 -1.78 2.09 -4.86
N LEU A 76 -1.43 1.46 -3.74
CA LEU A 76 -1.44 0.04 -3.54
C LEU A 76 -2.89 -0.40 -3.42
N ALA A 77 -3.69 0.34 -2.64
CA ALA A 77 -5.10 0.05 -2.42
C ALA A 77 -5.83 -0.04 -3.76
N GLN A 78 -5.67 0.97 -4.62
CA GLN A 78 -6.32 1.00 -5.93
C GLN A 78 -5.71 -0.05 -6.86
N TYR A 79 -4.38 -0.21 -6.85
CA TYR A 79 -3.67 -1.17 -7.71
C TYR A 79 -4.13 -2.58 -7.41
N VAL A 80 -4.18 -2.93 -6.12
CA VAL A 80 -4.60 -4.26 -5.71
C VAL A 80 -6.12 -4.40 -5.91
N ALA A 81 -6.91 -3.35 -5.63
CA ALA A 81 -8.36 -3.40 -5.76
C ALA A 81 -8.77 -3.81 -7.17
N THR A 82 -8.19 -3.18 -8.19
CA THR A 82 -8.54 -3.52 -9.57
C THR A 82 -8.17 -4.97 -9.91
N ARG A 83 -7.10 -5.51 -9.33
CA ARG A 83 -6.69 -6.90 -9.60
C ARG A 83 -7.61 -7.87 -8.88
N SER A 84 -8.15 -7.44 -7.75
CA SER A 84 -9.07 -8.25 -6.97
C SER A 84 -10.52 -8.20 -7.48
N HIS A 85 -10.83 -7.29 -8.40
CA HIS A 85 -12.16 -7.10 -8.96
C HIS A 85 -12.11 -7.15 -10.48
N HIS A 86 -12.18 -8.37 -11.02
CA HIS A 86 -12.19 -8.62 -12.45
C HIS A 86 -13.53 -8.20 -13.05
N HIS A 87 -13.58 -8.05 -14.38
CA HIS A 87 -14.78 -7.68 -15.11
C HIS A 87 -14.78 -8.34 -16.49
N HIS A 88 -15.97 -8.48 -17.08
CA HIS A 88 -16.25 -9.05 -18.40
C HIS A 88 -15.84 -8.08 -19.52
N HIS A 89 -14.65 -7.48 -19.44
CA HIS A 89 -14.19 -6.54 -20.44
C HIS A 89 -13.80 -7.21 -21.75
N HIS A 90 -13.68 -8.55 -21.78
CA HIS A 90 -13.31 -9.34 -22.94
C HIS A 90 -14.25 -10.53 -22.91
#